data_1ROT
# 
_entry.id   1ROT 
# 
_audit_conform.dict_name       mmcif_pdbx.dic 
_audit_conform.dict_version    5.392 
_audit_conform.dict_location   http://mmcif.pdb.org/dictionaries/ascii/mmcif_pdbx.dic 
# 
loop_
_database_2.database_id 
_database_2.database_code 
_database_2.pdbx_database_accession 
_database_2.pdbx_DOI 
PDB   1ROT         pdb_00001rot 10.2210/pdb1rot/pdb 
WWPDB D_1000176167 ?            ?                   
# 
loop_
_pdbx_audit_revision_history.ordinal 
_pdbx_audit_revision_history.data_content_type 
_pdbx_audit_revision_history.major_revision 
_pdbx_audit_revision_history.minor_revision 
_pdbx_audit_revision_history.revision_date 
1 'Structure model' 1 0 1996-12-07 
2 'Structure model' 1 1 2008-03-24 
3 'Structure model' 1 2 2011-07-13 
4 'Structure model' 1 3 2022-03-02 
5 'Structure model' 1 4 2024-05-22 
# 
_pdbx_audit_revision_details.ordinal             1 
_pdbx_audit_revision_details.revision_ordinal    1 
_pdbx_audit_revision_details.data_content_type   'Structure model' 
_pdbx_audit_revision_details.provider            repository 
_pdbx_audit_revision_details.type                'Initial release' 
_pdbx_audit_revision_details.description         ? 
_pdbx_audit_revision_details.details             ? 
# 
loop_
_pdbx_audit_revision_group.ordinal 
_pdbx_audit_revision_group.revision_ordinal 
_pdbx_audit_revision_group.data_content_type 
_pdbx_audit_revision_group.group 
1 2 'Structure model' 'Version format compliance' 
2 3 'Structure model' 'Version format compliance' 
3 4 'Structure model' 'Data collection'           
4 4 'Structure model' 'Database references'       
5 4 'Structure model' 'Derived calculations'      
6 4 'Structure model' Other                       
7 5 'Structure model' 'Data collection'           
# 
loop_
_pdbx_audit_revision_category.ordinal 
_pdbx_audit_revision_category.revision_ordinal 
_pdbx_audit_revision_category.data_content_type 
_pdbx_audit_revision_category.category 
1 4 'Structure model' database_2            
2 4 'Structure model' pdbx_database_status  
3 4 'Structure model' pdbx_nmr_software     
4 4 'Structure model' pdbx_struct_assembly  
5 4 'Structure model' pdbx_struct_oper_list 
6 4 'Structure model' struct_ref_seq_dif    
7 5 'Structure model' chem_comp_atom        
8 5 'Structure model' chem_comp_bond        
# 
loop_
_pdbx_audit_revision_item.ordinal 
_pdbx_audit_revision_item.revision_ordinal 
_pdbx_audit_revision_item.data_content_type 
_pdbx_audit_revision_item.item 
1 4 'Structure model' '_database_2.pdbx_DOI'                
2 4 'Structure model' '_database_2.pdbx_database_accession' 
3 4 'Structure model' '_pdbx_database_status.process_site'  
4 4 'Structure model' '_pdbx_nmr_software.name'             
5 4 'Structure model' '_struct_ref_seq_dif.details'         
# 
_pdbx_database_status.status_code                     REL 
_pdbx_database_status.entry_id                        1ROT 
_pdbx_database_status.recvd_initial_deposition_date   1996-06-14 
_pdbx_database_status.deposit_site                    ? 
_pdbx_database_status.process_site                    BNL 
_pdbx_database_status.status_code_sf                  ? 
_pdbx_database_status.status_code_mr                  REL 
_pdbx_database_status.SG_entry                        ? 
_pdbx_database_status.pdb_format_compatible           Y 
_pdbx_database_status.status_code_cs                  ? 
_pdbx_database_status.status_code_nmr_data            ? 
_pdbx_database_status.methods_development_category    ? 
# 
_pdbx_database_related.db_name        PDB 
_pdbx_database_related.db_id          1ROU 
_pdbx_database_related.details        . 
_pdbx_database_related.content_type   ensemble 
# 
loop_
_audit_author.name 
_audit_author.pdbx_ordinal 
'Craescu, C.T.'  1 
'Rouviere, N.'   2 
'Popescu, A.'    3 
'Cerpolini, E.'  4 
'Lebeau, M.-C.'  5 
'Baulieu, E.-E.' 6 
'Mispelter, J.'  7 
# 
loop_
_citation.id 
_citation.title 
_citation.journal_abbrev 
_citation.journal_volume 
_citation.page_first 
_citation.page_last 
_citation.year 
_citation.journal_id_ASTM 
_citation.country 
_citation.journal_id_ISSN 
_citation.journal_id_CSD 
_citation.book_publisher 
_citation.pdbx_database_id_PubMed 
_citation.pdbx_database_id_DOI 
primary 'Three-dimensional structure of the immunophilin-like domain of FKBP59 in solution.' Biochemistry   35  11045 11052 1996 
BICHAW US 0006-2960 0033 ? 8780506 10.1021/bi960975p 
1       
;1H and 15N Assignment of NMR Spectrum, Secondary Structure and Global Folding of the Immunophilin-Like Domain of the 59-kDa Fk506-Binding Protein
;
Eur.J.Biochem. 231 761   ?     1995 EJBCAI IX 0014-2956 0262 ? ?       ?                 
# 
loop_
_citation_author.citation_id 
_citation_author.name 
_citation_author.ordinal 
_citation_author.identifier_ORCID 
primary 'Craescu, C.T.'       1  ? 
primary 'Rouviere, N.'        2  ? 
primary 'Popescu, A.'         3  ? 
primary 'Cerpolini, E.'       4  ? 
primary 'Lebeau, M.C.'        5  ? 
primary 'Baulieu, E.E.'       6  ? 
primary 'Mispelter, J.'       7  ? 
1       'Rouviere-Fourmy, N.' 8  ? 
1       'Craescu, C.T.'       9  ? 
1       'Mispelter, J.'       10 ? 
1       'Lebeau, M.C.'        11 ? 
1       'Baulieu, E.E.'       12 ? 
# 
_entity.id                         1 
_entity.type                       polymer 
_entity.src_method                 man 
_entity.pdbx_description           FKBP59-I 
_entity.formula_weight             16259.305 
_entity.pdbx_number_of_molecules   1 
_entity.pdbx_ec                    ? 
_entity.pdbx_mutation              ? 
_entity.pdbx_fragment              ? 
_entity.details                    ? 
# 
_entity_name_com.entity_id   1 
_entity_name_com.name        'FKBP52 OR HSP56' 
# 
_entity_poly.entity_id                      1 
_entity_poly.type                           'polypeptide(L)' 
_entity_poly.nstd_linkage                   no 
_entity_poly.nstd_monomer                   no 
_entity_poly.pdbx_seq_one_letter_code       
;EEMDIKAAESGAQSAPLPLEGVDISPKQDEGVLKVIKREGTGTETPMIGDRVFVHYTGWLLDGTKFDSSLDRKDKFSFDL
GKGEVIKAWDIAVATMKVGELCRITCKPEYAYGSAGSPPKIPPNATLVFEVELFEFKGEDLTDDEDGVP
;
_entity_poly.pdbx_seq_one_letter_code_can   
;EEMDIKAAESGAQSAPLPLEGVDISPKQDEGVLKVIKREGTGTETPMIGDRVFVHYTGWLLDGTKFDSSLDRKDKFSFDL
GKGEVIKAWDIAVATMKVGELCRITCKPEYAYGSAGSPPKIPPNATLVFEVELFEFKGEDLTDDEDGVP
;
_entity_poly.pdbx_strand_id                 A 
_entity_poly.pdbx_target_identifier         ? 
# 
loop_
_entity_poly_seq.entity_id 
_entity_poly_seq.num 
_entity_poly_seq.mon_id 
_entity_poly_seq.hetero 
1 1   GLU n 
1 2   GLU n 
1 3   MET n 
1 4   ASP n 
1 5   ILE n 
1 6   LYS n 
1 7   ALA n 
1 8   ALA n 
1 9   GLU n 
1 10  SER n 
1 11  GLY n 
1 12  ALA n 
1 13  GLN n 
1 14  SER n 
1 15  ALA n 
1 16  PRO n 
1 17  LEU n 
1 18  PRO n 
1 19  LEU n 
1 20  GLU n 
1 21  GLY n 
1 22  VAL n 
1 23  ASP n 
1 24  ILE n 
1 25  SER n 
1 26  PRO n 
1 27  LYS n 
1 28  GLN n 
1 29  ASP n 
1 30  GLU n 
1 31  GLY n 
1 32  VAL n 
1 33  LEU n 
1 34  LYS n 
1 35  VAL n 
1 36  ILE n 
1 37  LYS n 
1 38  ARG n 
1 39  GLU n 
1 40  GLY n 
1 41  THR n 
1 42  GLY n 
1 43  THR n 
1 44  GLU n 
1 45  THR n 
1 46  PRO n 
1 47  MET n 
1 48  ILE n 
1 49  GLY n 
1 50  ASP n 
1 51  ARG n 
1 52  VAL n 
1 53  PHE n 
1 54  VAL n 
1 55  HIS n 
1 56  TYR n 
1 57  THR n 
1 58  GLY n 
1 59  TRP n 
1 60  LEU n 
1 61  LEU n 
1 62  ASP n 
1 63  GLY n 
1 64  THR n 
1 65  LYS n 
1 66  PHE n 
1 67  ASP n 
1 68  SER n 
1 69  SER n 
1 70  LEU n 
1 71  ASP n 
1 72  ARG n 
1 73  LYS n 
1 74  ASP n 
1 75  LYS n 
1 76  PHE n 
1 77  SER n 
1 78  PHE n 
1 79  ASP n 
1 80  LEU n 
1 81  GLY n 
1 82  LYS n 
1 83  GLY n 
1 84  GLU n 
1 85  VAL n 
1 86  ILE n 
1 87  LYS n 
1 88  ALA n 
1 89  TRP n 
1 90  ASP n 
1 91  ILE n 
1 92  ALA n 
1 93  VAL n 
1 94  ALA n 
1 95  THR n 
1 96  MET n 
1 97  LYS n 
1 98  VAL n 
1 99  GLY n 
1 100 GLU n 
1 101 LEU n 
1 102 CYS n 
1 103 ARG n 
1 104 ILE n 
1 105 THR n 
1 106 CYS n 
1 107 LYS n 
1 108 PRO n 
1 109 GLU n 
1 110 TYR n 
1 111 ALA n 
1 112 TYR n 
1 113 GLY n 
1 114 SER n 
1 115 ALA n 
1 116 GLY n 
1 117 SER n 
1 118 PRO n 
1 119 PRO n 
1 120 LYS n 
1 121 ILE n 
1 122 PRO n 
1 123 PRO n 
1 124 ASN n 
1 125 ALA n 
1 126 THR n 
1 127 LEU n 
1 128 VAL n 
1 129 PHE n 
1 130 GLU n 
1 131 VAL n 
1 132 GLU n 
1 133 LEU n 
1 134 PHE n 
1 135 GLU n 
1 136 PHE n 
1 137 LYS n 
1 138 GLY n 
1 139 GLU n 
1 140 ASP n 
1 141 LEU n 
1 142 THR n 
1 143 ASP n 
1 144 ASP n 
1 145 GLU n 
1 146 ASP n 
1 147 GLY n 
1 148 VAL n 
1 149 PRO n 
# 
_entity_src_gen.entity_id                          1 
_entity_src_gen.pdbx_src_id                        1 
_entity_src_gen.pdbx_alt_source_flag               sample 
_entity_src_gen.pdbx_seq_type                      ? 
_entity_src_gen.pdbx_beg_seq_num                   ? 
_entity_src_gen.pdbx_end_seq_num                   ? 
_entity_src_gen.gene_src_common_name               rabbit 
_entity_src_gen.gene_src_genus                     Oryctolagus 
_entity_src_gen.pdbx_gene_src_gene                 ? 
_entity_src_gen.gene_src_species                   ? 
_entity_src_gen.gene_src_strain                    ? 
_entity_src_gen.gene_src_tissue                    ? 
_entity_src_gen.gene_src_tissue_fraction           ? 
_entity_src_gen.gene_src_details                   ? 
_entity_src_gen.pdbx_gene_src_fragment             ? 
_entity_src_gen.pdbx_gene_src_scientific_name      'Oryctolagus cuniculus' 
_entity_src_gen.pdbx_gene_src_ncbi_taxonomy_id     9986 
_entity_src_gen.pdbx_gene_src_variant              ? 
_entity_src_gen.pdbx_gene_src_cell_line            ? 
_entity_src_gen.pdbx_gene_src_atcc                 ? 
_entity_src_gen.pdbx_gene_src_organ                LIVER 
_entity_src_gen.pdbx_gene_src_organelle            ? 
_entity_src_gen.pdbx_gene_src_cell                 ? 
_entity_src_gen.pdbx_gene_src_cellular_location    ? 
_entity_src_gen.host_org_common_name               ? 
_entity_src_gen.pdbx_host_org_scientific_name      'Escherichia coli' 
_entity_src_gen.pdbx_host_org_ncbi_taxonomy_id     562 
_entity_src_gen.host_org_genus                     Escherichia 
_entity_src_gen.pdbx_host_org_gene                 ? 
_entity_src_gen.pdbx_host_org_organ                ? 
_entity_src_gen.host_org_species                   ? 
_entity_src_gen.pdbx_host_org_tissue               ? 
_entity_src_gen.pdbx_host_org_tissue_fraction      ? 
_entity_src_gen.pdbx_host_org_strain               ? 
_entity_src_gen.pdbx_host_org_variant              ? 
_entity_src_gen.pdbx_host_org_cell_line            ? 
_entity_src_gen.pdbx_host_org_atcc                 ? 
_entity_src_gen.pdbx_host_org_culture_collection   ? 
_entity_src_gen.pdbx_host_org_cell                 ? 
_entity_src_gen.pdbx_host_org_organelle            ? 
_entity_src_gen.pdbx_host_org_cellular_location    ? 
_entity_src_gen.pdbx_host_org_vector_type          ? 
_entity_src_gen.pdbx_host_org_vector               ? 
_entity_src_gen.host_org_details                   ? 
_entity_src_gen.expression_system_id               ? 
_entity_src_gen.plasmid_name                       ? 
_entity_src_gen.plasmid_details                    ? 
_entity_src_gen.pdbx_description                   ? 
# 
loop_
_chem_comp.id 
_chem_comp.type 
_chem_comp.mon_nstd_flag 
_chem_comp.name 
_chem_comp.pdbx_synonyms 
_chem_comp.formula 
_chem_comp.formula_weight 
ALA 'L-peptide linking' y ALANINE         ? 'C3 H7 N O2'     89.093  
ARG 'L-peptide linking' y ARGININE        ? 'C6 H15 N4 O2 1' 175.209 
ASN 'L-peptide linking' y ASPARAGINE      ? 'C4 H8 N2 O3'    132.118 
ASP 'L-peptide linking' y 'ASPARTIC ACID' ? 'C4 H7 N O4'     133.103 
CYS 'L-peptide linking' y CYSTEINE        ? 'C3 H7 N O2 S'   121.158 
GLN 'L-peptide linking' y GLUTAMINE       ? 'C5 H10 N2 O3'   146.144 
GLU 'L-peptide linking' y 'GLUTAMIC ACID' ? 'C5 H9 N O4'     147.129 
GLY 'peptide linking'   y GLYCINE         ? 'C2 H5 N O2'     75.067  
HIS 'L-peptide linking' y HISTIDINE       ? 'C6 H10 N3 O2 1' 156.162 
ILE 'L-peptide linking' y ISOLEUCINE      ? 'C6 H13 N O2'    131.173 
LEU 'L-peptide linking' y LEUCINE         ? 'C6 H13 N O2'    131.173 
LYS 'L-peptide linking' y LYSINE          ? 'C6 H15 N2 O2 1' 147.195 
MET 'L-peptide linking' y METHIONINE      ? 'C5 H11 N O2 S'  149.211 
PHE 'L-peptide linking' y PHENYLALANINE   ? 'C9 H11 N O2'    165.189 
PRO 'L-peptide linking' y PROLINE         ? 'C5 H9 N O2'     115.130 
SER 'L-peptide linking' y SERINE          ? 'C3 H7 N O3'     105.093 
THR 'L-peptide linking' y THREONINE       ? 'C4 H9 N O3'     119.119 
TRP 'L-peptide linking' y TRYPTOPHAN      ? 'C11 H12 N2 O2'  204.225 
TYR 'L-peptide linking' y TYROSINE        ? 'C9 H11 N O3'    181.189 
VAL 'L-peptide linking' y VALINE          ? 'C5 H11 N O2'    117.146 
# 
loop_
_pdbx_poly_seq_scheme.asym_id 
_pdbx_poly_seq_scheme.entity_id 
_pdbx_poly_seq_scheme.seq_id 
_pdbx_poly_seq_scheme.mon_id 
_pdbx_poly_seq_scheme.ndb_seq_num 
_pdbx_poly_seq_scheme.pdb_seq_num 
_pdbx_poly_seq_scheme.auth_seq_num 
_pdbx_poly_seq_scheme.pdb_mon_id 
_pdbx_poly_seq_scheme.auth_mon_id 
_pdbx_poly_seq_scheme.pdb_strand_id 
_pdbx_poly_seq_scheme.pdb_ins_code 
_pdbx_poly_seq_scheme.hetero 
A 1 1   GLU 1   1   ?   ?   ?   A . n 
A 1 2   GLU 2   2   ?   ?   ?   A . n 
A 1 3   MET 3   3   ?   ?   ?   A . n 
A 1 4   ASP 4   4   ?   ?   ?   A . n 
A 1 5   ILE 5   5   ?   ?   ?   A . n 
A 1 6   LYS 6   6   ?   ?   ?   A . n 
A 1 7   ALA 7   7   ?   ?   ?   A . n 
A 1 8   ALA 8   8   ?   ?   ?   A . n 
A 1 9   GLU 9   9   ?   ?   ?   A . n 
A 1 10  SER 10  10  ?   ?   ?   A . n 
A 1 11  GLY 11  11  ?   ?   ?   A . n 
A 1 12  ALA 12  12  ?   ?   ?   A . n 
A 1 13  GLN 13  13  ?   ?   ?   A . n 
A 1 14  SER 14  14  ?   ?   ?   A . n 
A 1 15  ALA 15  15  ?   ?   ?   A . n 
A 1 16  PRO 16  16  ?   ?   ?   A . n 
A 1 17  LEU 17  17  ?   ?   ?   A . n 
A 1 18  PRO 18  18  ?   ?   ?   A . n 
A 1 19  LEU 19  19  ?   ?   ?   A . n 
A 1 20  GLU 20  20  ?   ?   ?   A . n 
A 1 21  GLY 21  21  21  GLY GLY A . n 
A 1 22  VAL 22  22  22  VAL VAL A . n 
A 1 23  ASP 23  23  23  ASP ASP A . n 
A 1 24  ILE 24  24  24  ILE ILE A . n 
A 1 25  SER 25  25  25  SER SER A . n 
A 1 26  PRO 26  26  26  PRO PRO A . n 
A 1 27  LYS 27  27  27  LYS LYS A . n 
A 1 28  GLN 28  28  28  GLN GLN A . n 
A 1 29  ASP 29  29  29  ASP ASP A . n 
A 1 30  GLU 30  30  30  GLU GLU A . n 
A 1 31  GLY 31  31  31  GLY GLY A . n 
A 1 32  VAL 32  32  32  VAL VAL A . n 
A 1 33  LEU 33  33  33  LEU LEU A . n 
A 1 34  LYS 34  34  34  LYS LYS A . n 
A 1 35  VAL 35  35  35  VAL VAL A . n 
A 1 36  ILE 36  36  36  ILE ILE A . n 
A 1 37  LYS 37  37  37  LYS LYS A . n 
A 1 38  ARG 38  38  38  ARG ARG A . n 
A 1 39  GLU 39  39  39  GLU GLU A . n 
A 1 40  GLY 40  40  40  GLY GLY A . n 
A 1 41  THR 41  41  41  THR THR A . n 
A 1 42  GLY 42  42  42  GLY GLY A . n 
A 1 43  THR 43  43  43  THR THR A . n 
A 1 44  GLU 44  44  44  GLU GLU A . n 
A 1 45  THR 45  45  45  THR THR A . n 
A 1 46  PRO 46  46  46  PRO PRO A . n 
A 1 47  MET 47  47  47  MET MET A . n 
A 1 48  ILE 48  48  48  ILE ILE A . n 
A 1 49  GLY 49  49  49  GLY GLY A . n 
A 1 50  ASP 50  50  50  ASP ASP A . n 
A 1 51  ARG 51  51  51  ARG ARG A . n 
A 1 52  VAL 52  52  52  VAL VAL A . n 
A 1 53  PHE 53  53  53  PHE PHE A . n 
A 1 54  VAL 54  54  54  VAL VAL A . n 
A 1 55  HIS 55  55  55  HIS HIS A . n 
A 1 56  TYR 56  56  56  TYR TYR A . n 
A 1 57  THR 57  57  57  THR THR A . n 
A 1 58  GLY 58  58  58  GLY GLY A . n 
A 1 59  TRP 59  59  59  TRP TRP A . n 
A 1 60  LEU 60  60  60  LEU LEU A . n 
A 1 61  LEU 61  61  61  LEU LEU A . n 
A 1 62  ASP 62  62  62  ASP ASP A . n 
A 1 63  GLY 63  63  63  GLY GLY A . n 
A 1 64  THR 64  64  64  THR THR A . n 
A 1 65  LYS 65  65  65  LYS LYS A . n 
A 1 66  PHE 66  66  66  PHE PHE A . n 
A 1 67  ASP 67  67  67  ASP ASP A . n 
A 1 68  SER 68  68  68  SER SER A . n 
A 1 69  SER 69  69  69  SER SER A . n 
A 1 70  LEU 70  70  70  LEU LEU A . n 
A 1 71  ASP 71  71  71  ASP ASP A . n 
A 1 72  ARG 72  72  72  ARG ARG A . n 
A 1 73  LYS 73  73  73  LYS LYS A . n 
A 1 74  ASP 74  74  74  ASP ASP A . n 
A 1 75  LYS 75  75  75  LYS LYS A . n 
A 1 76  PHE 76  76  76  PHE PHE A . n 
A 1 77  SER 77  77  77  SER SER A . n 
A 1 78  PHE 78  78  78  PHE PHE A . n 
A 1 79  ASP 79  79  79  ASP ASP A . n 
A 1 80  LEU 80  80  80  LEU LEU A . n 
A 1 81  GLY 81  81  81  GLY GLY A . n 
A 1 82  LYS 82  82  82  LYS LYS A . n 
A 1 83  GLY 83  83  83  GLY GLY A . n 
A 1 84  GLU 84  84  84  GLU GLU A . n 
A 1 85  VAL 85  85  85  VAL VAL A . n 
A 1 86  ILE 86  86  86  ILE ILE A . n 
A 1 87  LYS 87  87  87  LYS LYS A . n 
A 1 88  ALA 88  88  88  ALA ALA A . n 
A 1 89  TRP 89  89  89  TRP TRP A . n 
A 1 90  ASP 90  90  90  ASP ASP A . n 
A 1 91  ILE 91  91  91  ILE ILE A . n 
A 1 92  ALA 92  92  92  ALA ALA A . n 
A 1 93  VAL 93  93  93  VAL VAL A . n 
A 1 94  ALA 94  94  94  ALA ALA A . n 
A 1 95  THR 95  95  95  THR THR A . n 
A 1 96  MET 96  96  96  MET MET A . n 
A 1 97  LYS 97  97  97  LYS LYS A . n 
A 1 98  VAL 98  98  98  VAL VAL A . n 
A 1 99  GLY 99  99  99  GLY GLY A . n 
A 1 100 GLU 100 100 100 GLU GLU A . n 
A 1 101 LEU 101 101 101 LEU LEU A . n 
A 1 102 CYS 102 102 102 CYS CYS A . n 
A 1 103 ARG 103 103 103 ARG ARG A . n 
A 1 104 ILE 104 104 104 ILE ILE A . n 
A 1 105 THR 105 105 105 THR THR A . n 
A 1 106 CYS 106 106 106 CYS CYS A . n 
A 1 107 LYS 107 107 107 LYS LYS A . n 
A 1 108 PRO 108 108 108 PRO PRO A . n 
A 1 109 GLU 109 109 109 GLU GLU A . n 
A 1 110 TYR 110 110 110 TYR TYR A . n 
A 1 111 ALA 111 111 111 ALA ALA A . n 
A 1 112 TYR 112 112 112 TYR TYR A . n 
A 1 113 GLY 113 113 113 GLY GLY A . n 
A 1 114 SER 114 114 114 SER SER A . n 
A 1 115 ALA 115 115 115 ALA ALA A . n 
A 1 116 GLY 116 116 116 GLY GLY A . n 
A 1 117 SER 117 117 117 SER SER A . n 
A 1 118 PRO 118 118 118 PRO PRO A . n 
A 1 119 PRO 119 119 119 PRO PRO A . n 
A 1 120 LYS 120 120 120 LYS LYS A . n 
A 1 121 ILE 121 121 121 ILE ILE A . n 
A 1 122 PRO 122 122 122 PRO PRO A . n 
A 1 123 PRO 123 123 123 PRO PRO A . n 
A 1 124 ASN 124 124 124 ASN ASN A . n 
A 1 125 ALA 125 125 125 ALA ALA A . n 
A 1 126 THR 126 126 126 THR THR A . n 
A 1 127 LEU 127 127 127 LEU LEU A . n 
A 1 128 VAL 128 128 128 VAL VAL A . n 
A 1 129 PHE 129 129 129 PHE PHE A . n 
A 1 130 GLU 130 130 130 GLU GLU A . n 
A 1 131 VAL 131 131 131 VAL VAL A . n 
A 1 132 GLU 132 132 132 GLU GLU A . n 
A 1 133 LEU 133 133 133 LEU LEU A . n 
A 1 134 PHE 134 134 134 PHE PHE A . n 
A 1 135 GLU 135 135 135 GLU GLU A . n 
A 1 136 PHE 136 136 136 PHE PHE A . n 
A 1 137 LYS 137 137 137 LYS LYS A . n 
A 1 138 GLY 138 138 138 GLY GLY A . n 
A 1 139 GLU 139 139 ?   ?   ?   A . n 
A 1 140 ASP 140 140 ?   ?   ?   A . n 
A 1 141 LEU 141 141 ?   ?   ?   A . n 
A 1 142 THR 142 142 ?   ?   ?   A . n 
A 1 143 ASP 143 143 ?   ?   ?   A . n 
A 1 144 ASP 144 144 ?   ?   ?   A . n 
A 1 145 GLU 145 145 ?   ?   ?   A . n 
A 1 146 ASP 146 146 ?   ?   ?   A . n 
A 1 147 GLY 147 147 ?   ?   ?   A . n 
A 1 148 VAL 148 148 ?   ?   ?   A . n 
A 1 149 PRO 149 149 ?   ?   ?   A . n 
# 
_cell.entry_id           1ROT 
_cell.length_a           1.000 
_cell.length_b           1.000 
_cell.length_c           1.000 
_cell.angle_alpha        90.00 
_cell.angle_beta         90.00 
_cell.angle_gamma        90.00 
_cell.Z_PDB              1 
_cell.pdbx_unique_axis   ? 
# 
_symmetry.entry_id                         1ROT 
_symmetry.space_group_name_H-M             'P 1' 
_symmetry.pdbx_full_space_group_name_H-M   ? 
_symmetry.cell_setting                     ? 
_symmetry.Int_Tables_number                1 
# 
_exptl.entry_id          1ROT 
_exptl.method            'SOLUTION NMR' 
_exptl.crystals_number   ? 
# 
_struct.entry_id                  1ROT 
_struct.title                     
'STRUCTURE OF FKBP59-I, THE N-TERMINAL DOMAIN OF A 59 KDA FK506-BINDING PROTEIN, NMR, MINIMIZED AVERAGE STRUCTURE' 
_struct.pdbx_model_details        ? 
_struct.pdbx_CASP_flag            ? 
_struct.pdbx_model_type_details   ? 
# 
_struct_keywords.entry_id        1ROT 
_struct_keywords.pdbx_keywords   'ROTAMASE (ISOMERASE)' 
_struct_keywords.text            
'ROTAMASE (ISOMERASE), DOMAIN I (N-TERM) OF A 59 KDA, FK506-BINDING PROTEIN, PEPTIDYL PROLYL CIS-TRANS ISOMERASE' 
# 
_struct_asym.id                            A 
_struct_asym.pdbx_blank_PDB_chainid_flag   Y 
_struct_asym.pdbx_modified                 N 
_struct_asym.entity_id                     1 
_struct_asym.details                       ? 
# 
_struct_ref.id                         1 
_struct_ref.db_name                    UNP 
_struct_ref.db_code                    FKBP4_RABIT 
_struct_ref.entity_id                  1 
_struct_ref.pdbx_db_accession          P27124 
_struct_ref.pdbx_align_begin           1 
_struct_ref.pdbx_seq_one_letter_code   
;TAEEMKAAESGAQSAPLPLEGVDISPKQDEGVLKVIKREGTGTETPMIGDRVFVHYTGWLLDGTKFDSSLDRKDKFSFDL
GKGEVIKAWDIAVATMKVGELCRITCKPEYAYGSAGSPPKIPPNATLVFEVELFEFKGEDLTDDEDGGIIRRIRTRGEGY
ARPNDGAIVEVALEGYYKDRLFDQRELRFEVGEGESLDLPCGLEKAIQRMEKGEHSILYLKPSYAFGNAGKEKFQIPPYA
ELKYEVHLKSFEKAKESWEMSSEEKLEQSAIVKERGTVYFKEGKYKQALLQYKKIVSWLEYESSFSSEEVQKAQALRLAS
HLNLAMCHLKLQAFSAAVESCNKALELDSNNEKGLFRRGEAHLAVNDFDLARADFQKVLQLYPSNKAAKAQLAVCQQRIR
KQIAREKKLYANMFERLAEEENKAKAEVAAGDHPMDTEMKDERNDVAGSQSQVETEA
;
_struct_ref.pdbx_db_isoform            ? 
# 
_struct_ref_seq.align_id                      1 
_struct_ref_seq.ref_id                        1 
_struct_ref_seq.pdbx_PDB_id_code              1ROT 
_struct_ref_seq.pdbx_strand_id                A 
_struct_ref_seq.seq_align_beg                 1 
_struct_ref_seq.pdbx_seq_align_beg_ins_code   ? 
_struct_ref_seq.seq_align_end                 147 
_struct_ref_seq.pdbx_seq_align_end_ins_code   ? 
_struct_ref_seq.pdbx_db_accession             P27124 
_struct_ref_seq.db_align_beg                  3 
_struct_ref_seq.pdbx_db_align_beg_ins_code    ? 
_struct_ref_seq.db_align_end                  147 
_struct_ref_seq.pdbx_db_align_end_ins_code    ? 
_struct_ref_seq.pdbx_auth_seq_align_beg       1 
_struct_ref_seq.pdbx_auth_seq_align_end       147 
# 
loop_
_struct_ref_seq_dif.align_id 
_struct_ref_seq_dif.pdbx_pdb_id_code 
_struct_ref_seq_dif.mon_id 
_struct_ref_seq_dif.pdbx_pdb_strand_id 
_struct_ref_seq_dif.seq_num 
_struct_ref_seq_dif.pdbx_pdb_ins_code 
_struct_ref_seq_dif.pdbx_seq_db_name 
_struct_ref_seq_dif.pdbx_seq_db_accession_code 
_struct_ref_seq_dif.db_mon_id 
_struct_ref_seq_dif.pdbx_seq_db_seq_num 
_struct_ref_seq_dif.details 
_struct_ref_seq_dif.pdbx_auth_seq_num 
_struct_ref_seq_dif.pdbx_ordinal 
1 1ROT ASP A 4 ? UNP P27124 ? ? insertion 4 1 
1 1ROT ILE A 5 ? UNP P27124 ? ? insertion 5 2 
# 
_pdbx_struct_assembly.id                   1 
_pdbx_struct_assembly.details              author_defined_assembly 
_pdbx_struct_assembly.method_details       ? 
_pdbx_struct_assembly.oligomeric_details   monomeric 
_pdbx_struct_assembly.oligomeric_count     1 
# 
_pdbx_struct_assembly_gen.assembly_id       1 
_pdbx_struct_assembly_gen.oper_expression   1 
_pdbx_struct_assembly_gen.asym_id_list      A 
# 
_pdbx_struct_oper_list.id                   1 
_pdbx_struct_oper_list.type                 'identity operation' 
_pdbx_struct_oper_list.name                 1_555 
_pdbx_struct_oper_list.symmetry_operation   x,y,z 
_pdbx_struct_oper_list.matrix[1][1]         1.0000000000 
_pdbx_struct_oper_list.matrix[1][2]         0.0000000000 
_pdbx_struct_oper_list.matrix[1][3]         0.0000000000 
_pdbx_struct_oper_list.vector[1]            0.0000000000 
_pdbx_struct_oper_list.matrix[2][1]         0.0000000000 
_pdbx_struct_oper_list.matrix[2][2]         1.0000000000 
_pdbx_struct_oper_list.matrix[2][3]         0.0000000000 
_pdbx_struct_oper_list.vector[2]            0.0000000000 
_pdbx_struct_oper_list.matrix[3][1]         0.0000000000 
_pdbx_struct_oper_list.matrix[3][2]         0.0000000000 
_pdbx_struct_oper_list.matrix[3][3]         1.0000000000 
_pdbx_struct_oper_list.vector[3]            0.0000000000 
# 
_struct_biol.id   1 
# 
loop_
_struct_conf.conf_type_id 
_struct_conf.id 
_struct_conf.pdbx_PDB_helix_id 
_struct_conf.beg_label_comp_id 
_struct_conf.beg_label_asym_id 
_struct_conf.beg_label_seq_id 
_struct_conf.pdbx_beg_PDB_ins_code 
_struct_conf.end_label_comp_id 
_struct_conf.end_label_asym_id 
_struct_conf.end_label_seq_id 
_struct_conf.pdbx_end_PDB_ins_code 
_struct_conf.beg_auth_comp_id 
_struct_conf.beg_auth_asym_id 
_struct_conf.beg_auth_seq_id 
_struct_conf.end_auth_comp_id 
_struct_conf.end_auth_asym_id 
_struct_conf.end_auth_seq_id 
_struct_conf.pdbx_PDB_helix_class 
_struct_conf.details 
_struct_conf.pdbx_PDB_helix_length 
HELX_P HELX_P1 1 LYS A 87  ? THR A 95  ? LYS A 87  THR A 95  1 ? 9 
HELX_P HELX_P2 2 PRO A 108 ? TYR A 110 ? PRO A 108 TYR A 110 5 ? 3 
# 
_struct_conf_type.id          HELX_P 
_struct_conf_type.criteria    ? 
_struct_conf_type.reference   ? 
# 
loop_
_struct_sheet.id 
_struct_sheet.type 
_struct_sheet.number_strands 
_struct_sheet.details 
A1 ? 6 ? 
A2 ? 6 ? 
# 
loop_
_struct_sheet_order.sheet_id 
_struct_sheet_order.range_id_1 
_struct_sheet_order.range_id_2 
_struct_sheet_order.offset 
_struct_sheet_order.sense 
A1 1 2 ? anti-parallel 
A1 2 3 ? anti-parallel 
A1 3 4 ? anti-parallel 
A1 4 5 ? anti-parallel 
A1 5 6 ? anti-parallel 
A2 1 2 ? anti-parallel 
A2 2 3 ? anti-parallel 
A2 3 4 ? anti-parallel 
A2 4 5 ? anti-parallel 
A2 5 6 ? anti-parallel 
# 
loop_
_struct_sheet_range.sheet_id 
_struct_sheet_range.id 
_struct_sheet_range.beg_label_comp_id 
_struct_sheet_range.beg_label_asym_id 
_struct_sheet_range.beg_label_seq_id 
_struct_sheet_range.pdbx_beg_PDB_ins_code 
_struct_sheet_range.end_label_comp_id 
_struct_sheet_range.end_label_asym_id 
_struct_sheet_range.end_label_seq_id 
_struct_sheet_range.pdbx_end_PDB_ins_code 
_struct_sheet_range.beg_auth_comp_id 
_struct_sheet_range.beg_auth_asym_id 
_struct_sheet_range.beg_auth_seq_id 
_struct_sheet_range.end_auth_comp_id 
_struct_sheet_range.end_auth_asym_id 
_struct_sheet_range.end_auth_seq_id 
A1 1 VAL A 22  ? ILE A 24  ? VAL A 22  ILE A 24  
A1 2 VAL A 32  ? LYS A 37  ? VAL A 32  LYS A 37  
A1 3 LEU A 101 ? LYS A 107 ? LEU A 101 LYS A 107 
A1 4 LEU A 127 ? LYS A 137 ? LEU A 127 LYS A 137 
A1 5 ASP A 50  ? LEU A 60  ? ASP A 50  LEU A 60  
A1 6 THR A 64  ? SER A 68  ? THR A 64  SER A 68  
A2 1 VAL A 22  ? ILE A 24  ? VAL A 22  ILE A 24  
A2 2 VAL A 32  ? LYS A 37  ? VAL A 32  LYS A 37  
A2 3 LEU A 101 ? LYS A 107 ? LEU A 101 LYS A 107 
A2 4 LEU A 127 ? LYS A 137 ? LEU A 127 LYS A 137 
A2 5 ASP A 50  ? LEU A 60  ? ASP A 50  LEU A 60  
A2 6 PHE A 76  ? LEU A 80  ? PHE A 76  LEU A 80  
# 
loop_
_pdbx_struct_sheet_hbond.sheet_id 
_pdbx_struct_sheet_hbond.range_id_1 
_pdbx_struct_sheet_hbond.range_id_2 
_pdbx_struct_sheet_hbond.range_1_label_atom_id 
_pdbx_struct_sheet_hbond.range_1_label_comp_id 
_pdbx_struct_sheet_hbond.range_1_label_asym_id 
_pdbx_struct_sheet_hbond.range_1_label_seq_id 
_pdbx_struct_sheet_hbond.range_1_PDB_ins_code 
_pdbx_struct_sheet_hbond.range_1_auth_atom_id 
_pdbx_struct_sheet_hbond.range_1_auth_comp_id 
_pdbx_struct_sheet_hbond.range_1_auth_asym_id 
_pdbx_struct_sheet_hbond.range_1_auth_seq_id 
_pdbx_struct_sheet_hbond.range_2_label_atom_id 
_pdbx_struct_sheet_hbond.range_2_label_comp_id 
_pdbx_struct_sheet_hbond.range_2_label_asym_id 
_pdbx_struct_sheet_hbond.range_2_label_seq_id 
_pdbx_struct_sheet_hbond.range_2_PDB_ins_code 
_pdbx_struct_sheet_hbond.range_2_auth_atom_id 
_pdbx_struct_sheet_hbond.range_2_auth_comp_id 
_pdbx_struct_sheet_hbond.range_2_auth_asym_id 
_pdbx_struct_sheet_hbond.range_2_auth_seq_id 
A1 1 2 O ILE A 24  ? O ILE A 24  N VAL A 32  ? N VAL A 32  
A1 2 3 O VAL A 35  ? O VAL A 35  N ARG A 103 ? N ARG A 103 
A1 3 4 O CYS A 106 ? O CYS A 106 N LEU A 127 ? N LEU A 127 
A1 4 5 N VAL A 128 ? N VAL A 128 O TRP A 59  ? O TRP A 59  
A1 5 6 N LEU A 60  ? N LEU A 60  O THR A 64  ? O THR A 64  
A2 1 2 O ILE A 24  ? O ILE A 24  N VAL A 32  ? N VAL A 32  
A2 2 3 O VAL A 35  ? O VAL A 35  N ARG A 103 ? N ARG A 103 
A2 3 4 O CYS A 106 ? O CYS A 106 N LEU A 127 ? N LEU A 127 
A2 4 5 N VAL A 128 ? N VAL A 128 O TRP A 59  ? O TRP A 59  
A2 5 6 N VAL A 54  ? N VAL A 54  O PHE A 76  ? O PHE A 76  
# 
_pdbx_validate_close_contact.id               1 
_pdbx_validate_close_contact.PDB_model_num    1 
_pdbx_validate_close_contact.auth_atom_id_1   O 
_pdbx_validate_close_contact.auth_asym_id_1   A 
_pdbx_validate_close_contact.auth_comp_id_1   GLN 
_pdbx_validate_close_contact.auth_seq_id_1    28 
_pdbx_validate_close_contact.PDB_ins_code_1   ? 
_pdbx_validate_close_contact.label_alt_id_1   ? 
_pdbx_validate_close_contact.auth_atom_id_2   HD2 
_pdbx_validate_close_contact.auth_asym_id_2   A 
_pdbx_validate_close_contact.auth_comp_id_2   ASP 
_pdbx_validate_close_contact.auth_seq_id_2    29 
_pdbx_validate_close_contact.PDB_ins_code_2   ? 
_pdbx_validate_close_contact.label_alt_id_2   ? 
_pdbx_validate_close_contact.dist             1.56 
# 
loop_
_pdbx_validate_rmsd_bond.id 
_pdbx_validate_rmsd_bond.PDB_model_num 
_pdbx_validate_rmsd_bond.auth_atom_id_1 
_pdbx_validate_rmsd_bond.auth_asym_id_1 
_pdbx_validate_rmsd_bond.auth_comp_id_1 
_pdbx_validate_rmsd_bond.auth_seq_id_1 
_pdbx_validate_rmsd_bond.PDB_ins_code_1 
_pdbx_validate_rmsd_bond.label_alt_id_1 
_pdbx_validate_rmsd_bond.auth_atom_id_2 
_pdbx_validate_rmsd_bond.auth_asym_id_2 
_pdbx_validate_rmsd_bond.auth_comp_id_2 
_pdbx_validate_rmsd_bond.auth_seq_id_2 
_pdbx_validate_rmsd_bond.PDB_ins_code_2 
_pdbx_validate_rmsd_bond.label_alt_id_2 
_pdbx_validate_rmsd_bond.bond_value 
_pdbx_validate_rmsd_bond.bond_target_value 
_pdbx_validate_rmsd_bond.bond_deviation 
_pdbx_validate_rmsd_bond.bond_standard_deviation 
_pdbx_validate_rmsd_bond.linker_flag 
1 1 CD A GLU 30  ? ? OE2 A GLU 30  ? ? 1.362 1.252 0.110 0.011 N 
2 1 CD A GLU 39  ? ? OE2 A GLU 39  ? ? 1.361 1.252 0.109 0.011 N 
3 1 CD A GLU 44  ? ? OE2 A GLU 44  ? ? 1.373 1.252 0.121 0.011 N 
4 1 CD A GLU 84  ? ? OE2 A GLU 84  ? ? 1.363 1.252 0.111 0.011 N 
5 1 CD A GLU 100 ? ? OE2 A GLU 100 ? ? 1.363 1.252 0.111 0.011 N 
6 1 CD A GLU 109 ? ? OE2 A GLU 109 ? ? 1.362 1.252 0.110 0.011 N 
7 1 CD A GLU 130 ? ? OE2 A GLU 130 ? ? 1.360 1.252 0.108 0.011 N 
8 1 CD A GLU 132 ? ? OE2 A GLU 132 ? ? 1.361 1.252 0.109 0.011 N 
9 1 CD A GLU 135 ? ? OE2 A GLU 135 ? ? 1.360 1.252 0.108 0.011 N 
# 
loop_
_pdbx_validate_rmsd_angle.id 
_pdbx_validate_rmsd_angle.PDB_model_num 
_pdbx_validate_rmsd_angle.auth_atom_id_1 
_pdbx_validate_rmsd_angle.auth_asym_id_1 
_pdbx_validate_rmsd_angle.auth_comp_id_1 
_pdbx_validate_rmsd_angle.auth_seq_id_1 
_pdbx_validate_rmsd_angle.PDB_ins_code_1 
_pdbx_validate_rmsd_angle.label_alt_id_1 
_pdbx_validate_rmsd_angle.auth_atom_id_2 
_pdbx_validate_rmsd_angle.auth_asym_id_2 
_pdbx_validate_rmsd_angle.auth_comp_id_2 
_pdbx_validate_rmsd_angle.auth_seq_id_2 
_pdbx_validate_rmsd_angle.PDB_ins_code_2 
_pdbx_validate_rmsd_angle.label_alt_id_2 
_pdbx_validate_rmsd_angle.auth_atom_id_3 
_pdbx_validate_rmsd_angle.auth_asym_id_3 
_pdbx_validate_rmsd_angle.auth_comp_id_3 
_pdbx_validate_rmsd_angle.auth_seq_id_3 
_pdbx_validate_rmsd_angle.PDB_ins_code_3 
_pdbx_validate_rmsd_angle.label_alt_id_3 
_pdbx_validate_rmsd_angle.angle_value 
_pdbx_validate_rmsd_angle.angle_target_value 
_pdbx_validate_rmsd_angle.angle_deviation 
_pdbx_validate_rmsd_angle.angle_standard_deviation 
_pdbx_validate_rmsd_angle.linker_flag 
1  1 CB  A ASP 23  ? ? CG  A ASP 23  ? ? OD1 A ASP 23  ? ? 123.93 118.30 5.63   0.90 N 
2  1 CB  A ASP 23  ? ? CG  A ASP 23  ? ? OD2 A ASP 23  ? ? 111.85 118.30 -6.45  0.90 N 
3  1 NE  A ARG 38  ? ? CZ  A ARG 38  ? ? NH1 A ARG 38  ? ? 124.44 120.30 4.14   0.50 N 
4  1 CA  A THR 43  ? ? CB  A THR 43  ? ? OG1 A THR 43  ? ? 121.87 109.00 12.87  2.10 N 
5  1 CD  A ARG 51  ? ? NE  A ARG 51  ? ? CZ  A ARG 51  ? ? 132.65 123.60 9.05   1.40 N 
6  1 NE  A ARG 51  ? ? CZ  A ARG 51  ? ? NH1 A ARG 51  ? ? 123.44 120.30 3.14   0.50 N 
7  1 ND1 A HIS 55  ? ? CE1 A HIS 55  ? ? NE2 A HIS 55  ? ? 119.98 111.50 8.48   1.30 N 
8  1 CB  A TRP 59  ? ? CG  A TRP 59  ? ? CD2 A TRP 59  ? ? 135.45 126.60 8.85   1.30 N 
9  1 CD1 A TRP 59  ? ? NE1 A TRP 59  ? ? CE2 A TRP 59  ? ? 103.17 109.00 -5.83  0.90 N 
10 1 CB  A ASP 62  ? ? CG  A ASP 62  ? ? OD1 A ASP 62  ? ? 123.78 118.30 5.48   0.90 N 
11 1 CB  A ASP 62  ? ? CG  A ASP 62  ? ? OD2 A ASP 62  ? ? 112.39 118.30 -5.91  0.90 N 
12 1 CB  A ASP 67  ? ? CG  A ASP 67  ? ? OD2 A ASP 67  ? ? 112.81 118.30 -5.49  0.90 N 
13 1 CB  A ASP 71  ? ? CG  A ASP 71  ? ? OD1 A ASP 71  ? ? 123.92 118.30 5.62   0.90 N 
14 1 CB  A ASP 71  ? ? CG  A ASP 71  ? ? OD2 A ASP 71  ? ? 112.33 118.30 -5.97  0.90 N 
15 1 NE  A ARG 72  ? ? CZ  A ARG 72  ? ? NH1 A ARG 72  ? ? 124.53 120.30 4.23   0.50 N 
16 1 CB  A ASP 74  ? ? CG  A ASP 74  ? ? OD2 A ASP 74  ? ? 112.26 118.30 -6.04  0.90 N 
17 1 CB  A ASP 79  ? ? CG  A ASP 79  ? ? OD2 A ASP 79  ? ? 112.69 118.30 -5.61  0.90 N 
18 1 CA  A GLU 84  ? ? C   A GLU 84  ? ? N   A VAL 85  ? ? 103.67 117.20 -13.53 2.20 Y 
19 1 CB  A ASP 90  ? ? CG  A ASP 90  ? ? OD1 A ASP 90  ? ? 123.88 118.30 5.58   0.90 N 
20 1 CB  A ASP 90  ? ? CG  A ASP 90  ? ? OD2 A ASP 90  ? ? 112.62 118.30 -5.68  0.90 N 
21 1 NE  A ARG 103 ? ? CZ  A ARG 103 ? ? NH1 A ARG 103 ? ? 124.41 120.30 4.11   0.50 N 
22 1 NE  A ARG 103 ? ? CZ  A ARG 103 ? ? NH2 A ARG 103 ? ? 117.28 120.30 -3.02  0.50 N 
# 
loop_
_pdbx_validate_torsion.id 
_pdbx_validate_torsion.PDB_model_num 
_pdbx_validate_torsion.auth_comp_id 
_pdbx_validate_torsion.auth_asym_id 
_pdbx_validate_torsion.auth_seq_id 
_pdbx_validate_torsion.PDB_ins_code 
_pdbx_validate_torsion.label_alt_id 
_pdbx_validate_torsion.phi 
_pdbx_validate_torsion.psi 
1  1 SER A 25  ? ? -159.72 -62.98  
2  1 PRO A 26  ? ? -70.77  22.87   
3  1 LYS A 27  ? ? -132.26 -72.46  
4  1 ASP A 29  ? ? 87.00   27.69   
5  1 GLU A 30  ? ? -90.07  31.51   
6  1 GLU A 39  ? ? -42.69  -90.69  
7  1 THR A 41  ? ? -145.29 -32.24  
8  1 GLU A 44  ? ? 73.29   175.76  
9  1 LYS A 73  ? ? 107.24  -48.11  
10 1 LEU A 80  ? ? -46.01  106.49  
11 1 LYS A 82  ? ? -124.84 -68.05  
12 1 GLU A 84  ? ? 95.77   138.02  
13 1 VAL A 85  ? ? -95.94  -122.27 
14 1 GLU A 100 ? ? -95.60  -154.28 
15 1 ALA A 111 ? ? -143.26 -120.00 
16 1 LYS A 120 ? ? -152.01 -20.21  
17 1 PRO A 123 ? ? -55.73  -0.02   
18 1 PHE A 136 ? ? -147.36 -90.49  
# 
_pdbx_validate_planes.id              1 
_pdbx_validate_planes.PDB_model_num   1 
_pdbx_validate_planes.auth_comp_id    TYR 
_pdbx_validate_planes.auth_asym_id    A 
_pdbx_validate_planes.auth_seq_id     110 
_pdbx_validate_planes.PDB_ins_code    ? 
_pdbx_validate_planes.label_alt_id    ? 
_pdbx_validate_planes.rmsd            0.130 
_pdbx_validate_planes.type            'SIDE CHAIN' 
# 
_pdbx_nmr_ensemble.entry_id                             1ROT 
_pdbx_nmr_ensemble.conformers_calculated_total_number   ? 
_pdbx_nmr_ensemble.conformers_submitted_total_number    1 
_pdbx_nmr_ensemble.conformer_selection_criteria         'MINIMIZED AVERAGE' 
# 
_pdbx_nmr_exptl_sample_conditions.conditions_id       1 
_pdbx_nmr_exptl_sample_conditions.temperature         ? 
_pdbx_nmr_exptl_sample_conditions.pressure            ? 
_pdbx_nmr_exptl_sample_conditions.pH                  6.7 
_pdbx_nmr_exptl_sample_conditions.ionic_strength      ? 
_pdbx_nmr_exptl_sample_conditions.pressure_units      . 
_pdbx_nmr_exptl_sample_conditions.temperature_units   K 
# 
_pdbx_nmr_refine.entry_id           1ROT 
_pdbx_nmr_refine.method             ? 
_pdbx_nmr_refine.details            'CVFF OF DISCOVER (BIOSYM)' 
_pdbx_nmr_refine.software_ordinal   1 
# 
_pdbx_nmr_software.classification   refinement 
_pdbx_nmr_software.name             Discover 
_pdbx_nmr_software.version          ? 
_pdbx_nmr_software.authors          BIOSYM 
_pdbx_nmr_software.ordinal          1 
# 
loop_
_pdbx_unobs_or_zero_occ_residues.id 
_pdbx_unobs_or_zero_occ_residues.PDB_model_num 
_pdbx_unobs_or_zero_occ_residues.polymer_flag 
_pdbx_unobs_or_zero_occ_residues.occupancy_flag 
_pdbx_unobs_or_zero_occ_residues.auth_asym_id 
_pdbx_unobs_or_zero_occ_residues.auth_comp_id 
_pdbx_unobs_or_zero_occ_residues.auth_seq_id 
_pdbx_unobs_or_zero_occ_residues.PDB_ins_code 
_pdbx_unobs_or_zero_occ_residues.label_asym_id 
_pdbx_unobs_or_zero_occ_residues.label_comp_id 
_pdbx_unobs_or_zero_occ_residues.label_seq_id 
1  1 Y 1 A GLU 1   ? A GLU 1   
2  1 Y 1 A GLU 2   ? A GLU 2   
3  1 Y 1 A MET 3   ? A MET 3   
4  1 Y 1 A ASP 4   ? A ASP 4   
5  1 Y 1 A ILE 5   ? A ILE 5   
6  1 Y 1 A LYS 6   ? A LYS 6   
7  1 Y 1 A ALA 7   ? A ALA 7   
8  1 Y 1 A ALA 8   ? A ALA 8   
9  1 Y 1 A GLU 9   ? A GLU 9   
10 1 Y 1 A SER 10  ? A SER 10  
11 1 Y 1 A GLY 11  ? A GLY 11  
12 1 Y 1 A ALA 12  ? A ALA 12  
13 1 Y 1 A GLN 13  ? A GLN 13  
14 1 Y 1 A SER 14  ? A SER 14  
15 1 Y 1 A ALA 15  ? A ALA 15  
16 1 Y 1 A PRO 16  ? A PRO 16  
17 1 Y 1 A LEU 17  ? A LEU 17  
18 1 Y 1 A PRO 18  ? A PRO 18  
19 1 Y 1 A LEU 19  ? A LEU 19  
20 1 Y 1 A GLU 20  ? A GLU 20  
21 1 Y 1 A GLU 139 ? A GLU 139 
22 1 Y 1 A ASP 140 ? A ASP 140 
23 1 Y 1 A LEU 141 ? A LEU 141 
24 1 Y 1 A THR 142 ? A THR 142 
25 1 Y 1 A ASP 143 ? A ASP 143 
26 1 Y 1 A ASP 144 ? A ASP 144 
27 1 Y 1 A GLU 145 ? A GLU 145 
28 1 Y 1 A ASP 146 ? A ASP 146 
29 1 Y 1 A GLY 147 ? A GLY 147 
30 1 Y 1 A VAL 148 ? A VAL 148 
31 1 Y 1 A PRO 149 ? A PRO 149 
# 
loop_
_chem_comp_atom.comp_id 
_chem_comp_atom.atom_id 
_chem_comp_atom.type_symbol 
_chem_comp_atom.pdbx_aromatic_flag 
_chem_comp_atom.pdbx_stereo_config 
_chem_comp_atom.pdbx_ordinal 
ALA N    N N N 1   
ALA CA   C N S 2   
ALA C    C N N 3   
ALA O    O N N 4   
ALA CB   C N N 5   
ALA OXT  O N N 6   
ALA H    H N N 7   
ALA H2   H N N 8   
ALA HA   H N N 9   
ALA HB1  H N N 10  
ALA HB2  H N N 11  
ALA HB3  H N N 12  
ALA HXT  H N N 13  
ARG N    N N N 14  
ARG CA   C N S 15  
ARG C    C N N 16  
ARG O    O N N 17  
ARG CB   C N N 18  
ARG CG   C N N 19  
ARG CD   C N N 20  
ARG NE   N N N 21  
ARG CZ   C N N 22  
ARG NH1  N N N 23  
ARG NH2  N N N 24  
ARG OXT  O N N 25  
ARG H    H N N 26  
ARG H2   H N N 27  
ARG HA   H N N 28  
ARG HB2  H N N 29  
ARG HB3  H N N 30  
ARG HG2  H N N 31  
ARG HG3  H N N 32  
ARG HD2  H N N 33  
ARG HD3  H N N 34  
ARG HE   H N N 35  
ARG HH11 H N N 36  
ARG HH12 H N N 37  
ARG HH21 H N N 38  
ARG HH22 H N N 39  
ARG HXT  H N N 40  
ASN N    N N N 41  
ASN CA   C N S 42  
ASN C    C N N 43  
ASN O    O N N 44  
ASN CB   C N N 45  
ASN CG   C N N 46  
ASN OD1  O N N 47  
ASN ND2  N N N 48  
ASN OXT  O N N 49  
ASN H    H N N 50  
ASN H2   H N N 51  
ASN HA   H N N 52  
ASN HB2  H N N 53  
ASN HB3  H N N 54  
ASN HD21 H N N 55  
ASN HD22 H N N 56  
ASN HXT  H N N 57  
ASP N    N N N 58  
ASP CA   C N S 59  
ASP C    C N N 60  
ASP O    O N N 61  
ASP CB   C N N 62  
ASP CG   C N N 63  
ASP OD1  O N N 64  
ASP OD2  O N N 65  
ASP OXT  O N N 66  
ASP H    H N N 67  
ASP H2   H N N 68  
ASP HA   H N N 69  
ASP HB2  H N N 70  
ASP HB3  H N N 71  
ASP HD2  H N N 72  
ASP HXT  H N N 73  
CYS N    N N N 74  
CYS CA   C N R 75  
CYS C    C N N 76  
CYS O    O N N 77  
CYS CB   C N N 78  
CYS SG   S N N 79  
CYS OXT  O N N 80  
CYS H    H N N 81  
CYS H2   H N N 82  
CYS HA   H N N 83  
CYS HB2  H N N 84  
CYS HB3  H N N 85  
CYS HG   H N N 86  
CYS HXT  H N N 87  
GLN N    N N N 88  
GLN CA   C N S 89  
GLN C    C N N 90  
GLN O    O N N 91  
GLN CB   C N N 92  
GLN CG   C N N 93  
GLN CD   C N N 94  
GLN OE1  O N N 95  
GLN NE2  N N N 96  
GLN OXT  O N N 97  
GLN H    H N N 98  
GLN H2   H N N 99  
GLN HA   H N N 100 
GLN HB2  H N N 101 
GLN HB3  H N N 102 
GLN HG2  H N N 103 
GLN HG3  H N N 104 
GLN HE21 H N N 105 
GLN HE22 H N N 106 
GLN HXT  H N N 107 
GLU N    N N N 108 
GLU CA   C N S 109 
GLU C    C N N 110 
GLU O    O N N 111 
GLU CB   C N N 112 
GLU CG   C N N 113 
GLU CD   C N N 114 
GLU OE1  O N N 115 
GLU OE2  O N N 116 
GLU OXT  O N N 117 
GLU H    H N N 118 
GLU H2   H N N 119 
GLU HA   H N N 120 
GLU HB2  H N N 121 
GLU HB3  H N N 122 
GLU HG2  H N N 123 
GLU HG3  H N N 124 
GLU HE2  H N N 125 
GLU HXT  H N N 126 
GLY N    N N N 127 
GLY CA   C N N 128 
GLY C    C N N 129 
GLY O    O N N 130 
GLY OXT  O N N 131 
GLY H    H N N 132 
GLY H2   H N N 133 
GLY HA2  H N N 134 
GLY HA3  H N N 135 
GLY HXT  H N N 136 
HIS N    N N N 137 
HIS CA   C N S 138 
HIS C    C N N 139 
HIS O    O N N 140 
HIS CB   C N N 141 
HIS CG   C Y N 142 
HIS ND1  N Y N 143 
HIS CD2  C Y N 144 
HIS CE1  C Y N 145 
HIS NE2  N Y N 146 
HIS OXT  O N N 147 
HIS H    H N N 148 
HIS H2   H N N 149 
HIS HA   H N N 150 
HIS HB2  H N N 151 
HIS HB3  H N N 152 
HIS HD1  H N N 153 
HIS HD2  H N N 154 
HIS HE1  H N N 155 
HIS HE2  H N N 156 
HIS HXT  H N N 157 
ILE N    N N N 158 
ILE CA   C N S 159 
ILE C    C N N 160 
ILE O    O N N 161 
ILE CB   C N S 162 
ILE CG1  C N N 163 
ILE CG2  C N N 164 
ILE CD1  C N N 165 
ILE OXT  O N N 166 
ILE H    H N N 167 
ILE H2   H N N 168 
ILE HA   H N N 169 
ILE HB   H N N 170 
ILE HG12 H N N 171 
ILE HG13 H N N 172 
ILE HG21 H N N 173 
ILE HG22 H N N 174 
ILE HG23 H N N 175 
ILE HD11 H N N 176 
ILE HD12 H N N 177 
ILE HD13 H N N 178 
ILE HXT  H N N 179 
LEU N    N N N 180 
LEU CA   C N S 181 
LEU C    C N N 182 
LEU O    O N N 183 
LEU CB   C N N 184 
LEU CG   C N N 185 
LEU CD1  C N N 186 
LEU CD2  C N N 187 
LEU OXT  O N N 188 
LEU H    H N N 189 
LEU H2   H N N 190 
LEU HA   H N N 191 
LEU HB2  H N N 192 
LEU HB3  H N N 193 
LEU HG   H N N 194 
LEU HD11 H N N 195 
LEU HD12 H N N 196 
LEU HD13 H N N 197 
LEU HD21 H N N 198 
LEU HD22 H N N 199 
LEU HD23 H N N 200 
LEU HXT  H N N 201 
LYS N    N N N 202 
LYS CA   C N S 203 
LYS C    C N N 204 
LYS O    O N N 205 
LYS CB   C N N 206 
LYS CG   C N N 207 
LYS CD   C N N 208 
LYS CE   C N N 209 
LYS NZ   N N N 210 
LYS OXT  O N N 211 
LYS H    H N N 212 
LYS H2   H N N 213 
LYS HA   H N N 214 
LYS HB2  H N N 215 
LYS HB3  H N N 216 
LYS HG2  H N N 217 
LYS HG3  H N N 218 
LYS HD2  H N N 219 
LYS HD3  H N N 220 
LYS HE2  H N N 221 
LYS HE3  H N N 222 
LYS HZ1  H N N 223 
LYS HZ2  H N N 224 
LYS HZ3  H N N 225 
LYS HXT  H N N 226 
MET N    N N N 227 
MET CA   C N S 228 
MET C    C N N 229 
MET O    O N N 230 
MET CB   C N N 231 
MET CG   C N N 232 
MET SD   S N N 233 
MET CE   C N N 234 
MET OXT  O N N 235 
MET H    H N N 236 
MET H2   H N N 237 
MET HA   H N N 238 
MET HB2  H N N 239 
MET HB3  H N N 240 
MET HG2  H N N 241 
MET HG3  H N N 242 
MET HE1  H N N 243 
MET HE2  H N N 244 
MET HE3  H N N 245 
MET HXT  H N N 246 
PHE N    N N N 247 
PHE CA   C N S 248 
PHE C    C N N 249 
PHE O    O N N 250 
PHE CB   C N N 251 
PHE CG   C Y N 252 
PHE CD1  C Y N 253 
PHE CD2  C Y N 254 
PHE CE1  C Y N 255 
PHE CE2  C Y N 256 
PHE CZ   C Y N 257 
PHE OXT  O N N 258 
PHE H    H N N 259 
PHE H2   H N N 260 
PHE HA   H N N 261 
PHE HB2  H N N 262 
PHE HB3  H N N 263 
PHE HD1  H N N 264 
PHE HD2  H N N 265 
PHE HE1  H N N 266 
PHE HE2  H N N 267 
PHE HZ   H N N 268 
PHE HXT  H N N 269 
PRO N    N N N 270 
PRO CA   C N S 271 
PRO C    C N N 272 
PRO O    O N N 273 
PRO CB   C N N 274 
PRO CG   C N N 275 
PRO CD   C N N 276 
PRO OXT  O N N 277 
PRO H    H N N 278 
PRO HA   H N N 279 
PRO HB2  H N N 280 
PRO HB3  H N N 281 
PRO HG2  H N N 282 
PRO HG3  H N N 283 
PRO HD2  H N N 284 
PRO HD3  H N N 285 
PRO HXT  H N N 286 
SER N    N N N 287 
SER CA   C N S 288 
SER C    C N N 289 
SER O    O N N 290 
SER CB   C N N 291 
SER OG   O N N 292 
SER OXT  O N N 293 
SER H    H N N 294 
SER H2   H N N 295 
SER HA   H N N 296 
SER HB2  H N N 297 
SER HB3  H N N 298 
SER HG   H N N 299 
SER HXT  H N N 300 
THR N    N N N 301 
THR CA   C N S 302 
THR C    C N N 303 
THR O    O N N 304 
THR CB   C N R 305 
THR OG1  O N N 306 
THR CG2  C N N 307 
THR OXT  O N N 308 
THR H    H N N 309 
THR H2   H N N 310 
THR HA   H N N 311 
THR HB   H N N 312 
THR HG1  H N N 313 
THR HG21 H N N 314 
THR HG22 H N N 315 
THR HG23 H N N 316 
THR HXT  H N N 317 
TRP N    N N N 318 
TRP CA   C N S 319 
TRP C    C N N 320 
TRP O    O N N 321 
TRP CB   C N N 322 
TRP CG   C Y N 323 
TRP CD1  C Y N 324 
TRP CD2  C Y N 325 
TRP NE1  N Y N 326 
TRP CE2  C Y N 327 
TRP CE3  C Y N 328 
TRP CZ2  C Y N 329 
TRP CZ3  C Y N 330 
TRP CH2  C Y N 331 
TRP OXT  O N N 332 
TRP H    H N N 333 
TRP H2   H N N 334 
TRP HA   H N N 335 
TRP HB2  H N N 336 
TRP HB3  H N N 337 
TRP HD1  H N N 338 
TRP HE1  H N N 339 
TRP HE3  H N N 340 
TRP HZ2  H N N 341 
TRP HZ3  H N N 342 
TRP HH2  H N N 343 
TRP HXT  H N N 344 
TYR N    N N N 345 
TYR CA   C N S 346 
TYR C    C N N 347 
TYR O    O N N 348 
TYR CB   C N N 349 
TYR CG   C Y N 350 
TYR CD1  C Y N 351 
TYR CD2  C Y N 352 
TYR CE1  C Y N 353 
TYR CE2  C Y N 354 
TYR CZ   C Y N 355 
TYR OH   O N N 356 
TYR OXT  O N N 357 
TYR H    H N N 358 
TYR H2   H N N 359 
TYR HA   H N N 360 
TYR HB2  H N N 361 
TYR HB3  H N N 362 
TYR HD1  H N N 363 
TYR HD2  H N N 364 
TYR HE1  H N N 365 
TYR HE2  H N N 366 
TYR HH   H N N 367 
TYR HXT  H N N 368 
VAL N    N N N 369 
VAL CA   C N S 370 
VAL C    C N N 371 
VAL O    O N N 372 
VAL CB   C N N 373 
VAL CG1  C N N 374 
VAL CG2  C N N 375 
VAL OXT  O N N 376 
VAL H    H N N 377 
VAL H2   H N N 378 
VAL HA   H N N 379 
VAL HB   H N N 380 
VAL HG11 H N N 381 
VAL HG12 H N N 382 
VAL HG13 H N N 383 
VAL HG21 H N N 384 
VAL HG22 H N N 385 
VAL HG23 H N N 386 
VAL HXT  H N N 387 
# 
loop_
_chem_comp_bond.comp_id 
_chem_comp_bond.atom_id_1 
_chem_comp_bond.atom_id_2 
_chem_comp_bond.value_order 
_chem_comp_bond.pdbx_aromatic_flag 
_chem_comp_bond.pdbx_stereo_config 
_chem_comp_bond.pdbx_ordinal 
ALA N   CA   sing N N 1   
ALA N   H    sing N N 2   
ALA N   H2   sing N N 3   
ALA CA  C    sing N N 4   
ALA CA  CB   sing N N 5   
ALA CA  HA   sing N N 6   
ALA C   O    doub N N 7   
ALA C   OXT  sing N N 8   
ALA CB  HB1  sing N N 9   
ALA CB  HB2  sing N N 10  
ALA CB  HB3  sing N N 11  
ALA OXT HXT  sing N N 12  
ARG N   CA   sing N N 13  
ARG N   H    sing N N 14  
ARG N   H2   sing N N 15  
ARG CA  C    sing N N 16  
ARG CA  CB   sing N N 17  
ARG CA  HA   sing N N 18  
ARG C   O    doub N N 19  
ARG C   OXT  sing N N 20  
ARG CB  CG   sing N N 21  
ARG CB  HB2  sing N N 22  
ARG CB  HB3  sing N N 23  
ARG CG  CD   sing N N 24  
ARG CG  HG2  sing N N 25  
ARG CG  HG3  sing N N 26  
ARG CD  NE   sing N N 27  
ARG CD  HD2  sing N N 28  
ARG CD  HD3  sing N N 29  
ARG NE  CZ   sing N N 30  
ARG NE  HE   sing N N 31  
ARG CZ  NH1  sing N N 32  
ARG CZ  NH2  doub N N 33  
ARG NH1 HH11 sing N N 34  
ARG NH1 HH12 sing N N 35  
ARG NH2 HH21 sing N N 36  
ARG NH2 HH22 sing N N 37  
ARG OXT HXT  sing N N 38  
ASN N   CA   sing N N 39  
ASN N   H    sing N N 40  
ASN N   H2   sing N N 41  
ASN CA  C    sing N N 42  
ASN CA  CB   sing N N 43  
ASN CA  HA   sing N N 44  
ASN C   O    doub N N 45  
ASN C   OXT  sing N N 46  
ASN CB  CG   sing N N 47  
ASN CB  HB2  sing N N 48  
ASN CB  HB3  sing N N 49  
ASN CG  OD1  doub N N 50  
ASN CG  ND2  sing N N 51  
ASN ND2 HD21 sing N N 52  
ASN ND2 HD22 sing N N 53  
ASN OXT HXT  sing N N 54  
ASP N   CA   sing N N 55  
ASP N   H    sing N N 56  
ASP N   H2   sing N N 57  
ASP CA  C    sing N N 58  
ASP CA  CB   sing N N 59  
ASP CA  HA   sing N N 60  
ASP C   O    doub N N 61  
ASP C   OXT  sing N N 62  
ASP CB  CG   sing N N 63  
ASP CB  HB2  sing N N 64  
ASP CB  HB3  sing N N 65  
ASP CG  OD1  doub N N 66  
ASP CG  OD2  sing N N 67  
ASP OD2 HD2  sing N N 68  
ASP OXT HXT  sing N N 69  
CYS N   CA   sing N N 70  
CYS N   H    sing N N 71  
CYS N   H2   sing N N 72  
CYS CA  C    sing N N 73  
CYS CA  CB   sing N N 74  
CYS CA  HA   sing N N 75  
CYS C   O    doub N N 76  
CYS C   OXT  sing N N 77  
CYS CB  SG   sing N N 78  
CYS CB  HB2  sing N N 79  
CYS CB  HB3  sing N N 80  
CYS SG  HG   sing N N 81  
CYS OXT HXT  sing N N 82  
GLN N   CA   sing N N 83  
GLN N   H    sing N N 84  
GLN N   H2   sing N N 85  
GLN CA  C    sing N N 86  
GLN CA  CB   sing N N 87  
GLN CA  HA   sing N N 88  
GLN C   O    doub N N 89  
GLN C   OXT  sing N N 90  
GLN CB  CG   sing N N 91  
GLN CB  HB2  sing N N 92  
GLN CB  HB3  sing N N 93  
GLN CG  CD   sing N N 94  
GLN CG  HG2  sing N N 95  
GLN CG  HG3  sing N N 96  
GLN CD  OE1  doub N N 97  
GLN CD  NE2  sing N N 98  
GLN NE2 HE21 sing N N 99  
GLN NE2 HE22 sing N N 100 
GLN OXT HXT  sing N N 101 
GLU N   CA   sing N N 102 
GLU N   H    sing N N 103 
GLU N   H2   sing N N 104 
GLU CA  C    sing N N 105 
GLU CA  CB   sing N N 106 
GLU CA  HA   sing N N 107 
GLU C   O    doub N N 108 
GLU C   OXT  sing N N 109 
GLU CB  CG   sing N N 110 
GLU CB  HB2  sing N N 111 
GLU CB  HB3  sing N N 112 
GLU CG  CD   sing N N 113 
GLU CG  HG2  sing N N 114 
GLU CG  HG3  sing N N 115 
GLU CD  OE1  doub N N 116 
GLU CD  OE2  sing N N 117 
GLU OE2 HE2  sing N N 118 
GLU OXT HXT  sing N N 119 
GLY N   CA   sing N N 120 
GLY N   H    sing N N 121 
GLY N   H2   sing N N 122 
GLY CA  C    sing N N 123 
GLY CA  HA2  sing N N 124 
GLY CA  HA3  sing N N 125 
GLY C   O    doub N N 126 
GLY C   OXT  sing N N 127 
GLY OXT HXT  sing N N 128 
HIS N   CA   sing N N 129 
HIS N   H    sing N N 130 
HIS N   H2   sing N N 131 
HIS CA  C    sing N N 132 
HIS CA  CB   sing N N 133 
HIS CA  HA   sing N N 134 
HIS C   O    doub N N 135 
HIS C   OXT  sing N N 136 
HIS CB  CG   sing N N 137 
HIS CB  HB2  sing N N 138 
HIS CB  HB3  sing N N 139 
HIS CG  ND1  sing Y N 140 
HIS CG  CD2  doub Y N 141 
HIS ND1 CE1  doub Y N 142 
HIS ND1 HD1  sing N N 143 
HIS CD2 NE2  sing Y N 144 
HIS CD2 HD2  sing N N 145 
HIS CE1 NE2  sing Y N 146 
HIS CE1 HE1  sing N N 147 
HIS NE2 HE2  sing N N 148 
HIS OXT HXT  sing N N 149 
ILE N   CA   sing N N 150 
ILE N   H    sing N N 151 
ILE N   H2   sing N N 152 
ILE CA  C    sing N N 153 
ILE CA  CB   sing N N 154 
ILE CA  HA   sing N N 155 
ILE C   O    doub N N 156 
ILE C   OXT  sing N N 157 
ILE CB  CG1  sing N N 158 
ILE CB  CG2  sing N N 159 
ILE CB  HB   sing N N 160 
ILE CG1 CD1  sing N N 161 
ILE CG1 HG12 sing N N 162 
ILE CG1 HG13 sing N N 163 
ILE CG2 HG21 sing N N 164 
ILE CG2 HG22 sing N N 165 
ILE CG2 HG23 sing N N 166 
ILE CD1 HD11 sing N N 167 
ILE CD1 HD12 sing N N 168 
ILE CD1 HD13 sing N N 169 
ILE OXT HXT  sing N N 170 
LEU N   CA   sing N N 171 
LEU N   H    sing N N 172 
LEU N   H2   sing N N 173 
LEU CA  C    sing N N 174 
LEU CA  CB   sing N N 175 
LEU CA  HA   sing N N 176 
LEU C   O    doub N N 177 
LEU C   OXT  sing N N 178 
LEU CB  CG   sing N N 179 
LEU CB  HB2  sing N N 180 
LEU CB  HB3  sing N N 181 
LEU CG  CD1  sing N N 182 
LEU CG  CD2  sing N N 183 
LEU CG  HG   sing N N 184 
LEU CD1 HD11 sing N N 185 
LEU CD1 HD12 sing N N 186 
LEU CD1 HD13 sing N N 187 
LEU CD2 HD21 sing N N 188 
LEU CD2 HD22 sing N N 189 
LEU CD2 HD23 sing N N 190 
LEU OXT HXT  sing N N 191 
LYS N   CA   sing N N 192 
LYS N   H    sing N N 193 
LYS N   H2   sing N N 194 
LYS CA  C    sing N N 195 
LYS CA  CB   sing N N 196 
LYS CA  HA   sing N N 197 
LYS C   O    doub N N 198 
LYS C   OXT  sing N N 199 
LYS CB  CG   sing N N 200 
LYS CB  HB2  sing N N 201 
LYS CB  HB3  sing N N 202 
LYS CG  CD   sing N N 203 
LYS CG  HG2  sing N N 204 
LYS CG  HG3  sing N N 205 
LYS CD  CE   sing N N 206 
LYS CD  HD2  sing N N 207 
LYS CD  HD3  sing N N 208 
LYS CE  NZ   sing N N 209 
LYS CE  HE2  sing N N 210 
LYS CE  HE3  sing N N 211 
LYS NZ  HZ1  sing N N 212 
LYS NZ  HZ2  sing N N 213 
LYS NZ  HZ3  sing N N 214 
LYS OXT HXT  sing N N 215 
MET N   CA   sing N N 216 
MET N   H    sing N N 217 
MET N   H2   sing N N 218 
MET CA  C    sing N N 219 
MET CA  CB   sing N N 220 
MET CA  HA   sing N N 221 
MET C   O    doub N N 222 
MET C   OXT  sing N N 223 
MET CB  CG   sing N N 224 
MET CB  HB2  sing N N 225 
MET CB  HB3  sing N N 226 
MET CG  SD   sing N N 227 
MET CG  HG2  sing N N 228 
MET CG  HG3  sing N N 229 
MET SD  CE   sing N N 230 
MET CE  HE1  sing N N 231 
MET CE  HE2  sing N N 232 
MET CE  HE3  sing N N 233 
MET OXT HXT  sing N N 234 
PHE N   CA   sing N N 235 
PHE N   H    sing N N 236 
PHE N   H2   sing N N 237 
PHE CA  C    sing N N 238 
PHE CA  CB   sing N N 239 
PHE CA  HA   sing N N 240 
PHE C   O    doub N N 241 
PHE C   OXT  sing N N 242 
PHE CB  CG   sing N N 243 
PHE CB  HB2  sing N N 244 
PHE CB  HB3  sing N N 245 
PHE CG  CD1  doub Y N 246 
PHE CG  CD2  sing Y N 247 
PHE CD1 CE1  sing Y N 248 
PHE CD1 HD1  sing N N 249 
PHE CD2 CE2  doub Y N 250 
PHE CD2 HD2  sing N N 251 
PHE CE1 CZ   doub Y N 252 
PHE CE1 HE1  sing N N 253 
PHE CE2 CZ   sing Y N 254 
PHE CE2 HE2  sing N N 255 
PHE CZ  HZ   sing N N 256 
PHE OXT HXT  sing N N 257 
PRO N   CA   sing N N 258 
PRO N   CD   sing N N 259 
PRO N   H    sing N N 260 
PRO CA  C    sing N N 261 
PRO CA  CB   sing N N 262 
PRO CA  HA   sing N N 263 
PRO C   O    doub N N 264 
PRO C   OXT  sing N N 265 
PRO CB  CG   sing N N 266 
PRO CB  HB2  sing N N 267 
PRO CB  HB3  sing N N 268 
PRO CG  CD   sing N N 269 
PRO CG  HG2  sing N N 270 
PRO CG  HG3  sing N N 271 
PRO CD  HD2  sing N N 272 
PRO CD  HD3  sing N N 273 
PRO OXT HXT  sing N N 274 
SER N   CA   sing N N 275 
SER N   H    sing N N 276 
SER N   H2   sing N N 277 
SER CA  C    sing N N 278 
SER CA  CB   sing N N 279 
SER CA  HA   sing N N 280 
SER C   O    doub N N 281 
SER C   OXT  sing N N 282 
SER CB  OG   sing N N 283 
SER CB  HB2  sing N N 284 
SER CB  HB3  sing N N 285 
SER OG  HG   sing N N 286 
SER OXT HXT  sing N N 287 
THR N   CA   sing N N 288 
THR N   H    sing N N 289 
THR N   H2   sing N N 290 
THR CA  C    sing N N 291 
THR CA  CB   sing N N 292 
THR CA  HA   sing N N 293 
THR C   O    doub N N 294 
THR C   OXT  sing N N 295 
THR CB  OG1  sing N N 296 
THR CB  CG2  sing N N 297 
THR CB  HB   sing N N 298 
THR OG1 HG1  sing N N 299 
THR CG2 HG21 sing N N 300 
THR CG2 HG22 sing N N 301 
THR CG2 HG23 sing N N 302 
THR OXT HXT  sing N N 303 
TRP N   CA   sing N N 304 
TRP N   H    sing N N 305 
TRP N   H2   sing N N 306 
TRP CA  C    sing N N 307 
TRP CA  CB   sing N N 308 
TRP CA  HA   sing N N 309 
TRP C   O    doub N N 310 
TRP C   OXT  sing N N 311 
TRP CB  CG   sing N N 312 
TRP CB  HB2  sing N N 313 
TRP CB  HB3  sing N N 314 
TRP CG  CD1  doub Y N 315 
TRP CG  CD2  sing Y N 316 
TRP CD1 NE1  sing Y N 317 
TRP CD1 HD1  sing N N 318 
TRP CD2 CE2  doub Y N 319 
TRP CD2 CE3  sing Y N 320 
TRP NE1 CE2  sing Y N 321 
TRP NE1 HE1  sing N N 322 
TRP CE2 CZ2  sing Y N 323 
TRP CE3 CZ3  doub Y N 324 
TRP CE3 HE3  sing N N 325 
TRP CZ2 CH2  doub Y N 326 
TRP CZ2 HZ2  sing N N 327 
TRP CZ3 CH2  sing Y N 328 
TRP CZ3 HZ3  sing N N 329 
TRP CH2 HH2  sing N N 330 
TRP OXT HXT  sing N N 331 
TYR N   CA   sing N N 332 
TYR N   H    sing N N 333 
TYR N   H2   sing N N 334 
TYR CA  C    sing N N 335 
TYR CA  CB   sing N N 336 
TYR CA  HA   sing N N 337 
TYR C   O    doub N N 338 
TYR C   OXT  sing N N 339 
TYR CB  CG   sing N N 340 
TYR CB  HB2  sing N N 341 
TYR CB  HB3  sing N N 342 
TYR CG  CD1  doub Y N 343 
TYR CG  CD2  sing Y N 344 
TYR CD1 CE1  sing Y N 345 
TYR CD1 HD1  sing N N 346 
TYR CD2 CE2  doub Y N 347 
TYR CD2 HD2  sing N N 348 
TYR CE1 CZ   doub Y N 349 
TYR CE1 HE1  sing N N 350 
TYR CE2 CZ   sing Y N 351 
TYR CE2 HE2  sing N N 352 
TYR CZ  OH   sing N N 353 
TYR OH  HH   sing N N 354 
TYR OXT HXT  sing N N 355 
VAL N   CA   sing N N 356 
VAL N   H    sing N N 357 
VAL N   H2   sing N N 358 
VAL CA  C    sing N N 359 
VAL CA  CB   sing N N 360 
VAL CA  HA   sing N N 361 
VAL C   O    doub N N 362 
VAL C   OXT  sing N N 363 
VAL CB  CG1  sing N N 364 
VAL CB  CG2  sing N N 365 
VAL CB  HB   sing N N 366 
VAL CG1 HG11 sing N N 367 
VAL CG1 HG12 sing N N 368 
VAL CG1 HG13 sing N N 369 
VAL CG2 HG21 sing N N 370 
VAL CG2 HG22 sing N N 371 
VAL CG2 HG23 sing N N 372 
VAL OXT HXT  sing N N 373 
# 
_atom_sites.entry_id                    1ROT 
_atom_sites.fract_transf_matrix[1][1]   1.000000 
_atom_sites.fract_transf_matrix[1][2]   0.000000 
_atom_sites.fract_transf_matrix[1][3]   0.000000 
_atom_sites.fract_transf_matrix[2][1]   0.000000 
_atom_sites.fract_transf_matrix[2][2]   1.000000 
_atom_sites.fract_transf_matrix[2][3]   0.000000 
_atom_sites.fract_transf_matrix[3][1]   0.000000 
_atom_sites.fract_transf_matrix[3][2]   0.000000 
_atom_sites.fract_transf_matrix[3][3]   1.000000 
_atom_sites.fract_transf_vector[1]      0.00000 
_atom_sites.fract_transf_vector[2]      0.00000 
_atom_sites.fract_transf_vector[3]      0.00000 
# 
loop_
_atom_type.symbol 
C 
H 
N 
O 
S 
# 
loop_
_atom_site.group_PDB 
_atom_site.id 
_atom_site.type_symbol 
_atom_site.label_atom_id 
_atom_site.label_alt_id 
_atom_site.label_comp_id 
_atom_site.label_asym_id 
_atom_site.label_entity_id 
_atom_site.label_seq_id 
_atom_site.pdbx_PDB_ins_code 
_atom_site.Cartn_x 
_atom_site.Cartn_y 
_atom_site.Cartn_z 
_atom_site.occupancy 
_atom_site.B_iso_or_equiv 
_atom_site.pdbx_formal_charge 
_atom_site.auth_seq_id 
_atom_site.auth_comp_id 
_atom_site.auth_asym_id 
_atom_site.auth_atom_id 
_atom_site.pdbx_PDB_model_num 
ATOM 1    N N    . GLY A 1 21  ? -4.543  -8.895  9.736   1.00 0.00 ? 21  GLY A N    1 
ATOM 2    C CA   . GLY A 1 21  ? -5.599  -7.826  9.815   1.00 0.00 ? 21  GLY A CA   1 
ATOM 3    C C    . GLY A 1 21  ? -5.269  -6.674  10.814  1.00 0.00 ? 21  GLY A C    1 
ATOM 4    O O    . GLY A 1 21  ? -6.108  -6.331  11.650  1.00 0.00 ? 21  GLY A O    1 
ATOM 5    H H    . GLY A 1 21  ? -4.448  -9.512  8.924   1.00 0.00 ? 21  GLY A H    1 
ATOM 6    H HA2  . GLY A 1 21  ? -5.828  -7.419  8.813   1.00 0.00 ? 21  GLY A HA2  1 
ATOM 7    H HA3  . GLY A 1 21  ? -6.540  -8.276  10.149  1.00 0.00 ? 21  GLY A HA3  1 
ATOM 8    N N    . VAL A 1 22  ? -4.026  -6.170  10.765  1.00 0.00 ? 22  VAL A N    1 
ATOM 9    C CA   . VAL A 1 22  ? -3.449  -5.250  11.773  1.00 0.00 ? 22  VAL A CA   1 
ATOM 10   C C    . VAL A 1 22  ? -3.812  -3.745  11.610  1.00 0.00 ? 22  VAL A C    1 
ATOM 11   O O    . VAL A 1 22  ? -4.314  -3.288  10.580  1.00 0.00 ? 22  VAL A O    1 
ATOM 12   C CB   . VAL A 1 22  ? -1.905  -5.559  11.896  1.00 0.00 ? 22  VAL A CB   1 
ATOM 13   C CG1  . VAL A 1 22  ? -1.052  -5.302  10.629  1.00 0.00 ? 22  VAL A CG1  1 
ATOM 14   C CG2  . VAL A 1 22  ? -1.166  -4.896  13.079  1.00 0.00 ? 22  VAL A CG2  1 
ATOM 15   H H    . VAL A 1 22  ? -3.563  -6.282  9.864   1.00 0.00 ? 22  VAL A H    1 
ATOM 16   H HA   . VAL A 1 22  ? -3.901  -5.567  12.722  1.00 0.00 ? 22  VAL A HA   1 
ATOM 17   H HB   . VAL A 1 22  ? -1.844  -6.636  12.126  1.00 0.00 ? 22  VAL A HB   1 
ATOM 18   H HG11 . VAL A 1 22  ? -1.402  -5.910  9.778   1.00 0.00 ? 22  VAL A HG11 1 
ATOM 19   H HG12 . VAL A 1 22  ? -1.085  -4.243  10.313  1.00 0.00 ? 22  VAL A HG12 1 
ATOM 20   H HG13 . VAL A 1 22  ? 0.011   -5.570  10.775  1.00 0.00 ? 22  VAL A HG13 1 
ATOM 21   H HG21 . VAL A 1 22  ? -1.720  -5.013  14.028  1.00 0.00 ? 22  VAL A HG21 1 
ATOM 22   H HG22 . VAL A 1 22  ? -0.171  -5.352  13.238  1.00 0.00 ? 22  VAL A HG22 1 
ATOM 23   H HG23 . VAL A 1 22  ? -0.994  -3.814  12.921  1.00 0.00 ? 22  VAL A HG23 1 
ATOM 24   N N    . ASP A 1 23  ? -3.574  -2.982  12.687  1.00 0.00 ? 23  ASP A N    1 
ATOM 25   C CA   . ASP A 1 23  ? -3.805  -1.523  12.702  1.00 0.00 ? 23  ASP A CA   1 
ATOM 26   C C    . ASP A 1 23  ? -2.812  -0.769  13.622  1.00 0.00 ? 23  ASP A C    1 
ATOM 27   O O    . ASP A 1 23  ? -2.421  -1.212  14.706  1.00 0.00 ? 23  ASP A O    1 
ATOM 28   C CB   . ASP A 1 23  ? -5.315  -1.239  12.966  1.00 0.00 ? 23  ASP A CB   1 
ATOM 29   C CG   . ASP A 1 23  ? -5.748  0.173   13.349  1.00 0.00 ? 23  ASP A CG   1 
ATOM 30   O OD1  . ASP A 1 23  ? -5.947  1.071   12.539  1.00 0.00 ? 23  ASP A OD1  1 
ATOM 31   O OD2  . ASP A 1 23  ? -5.870  0.319   14.700  1.00 0.00 ? 23  ASP A OD2  1 
ATOM 32   H H    . ASP A 1 23  ? -2.917  -3.433  13.336  1.00 0.00 ? 23  ASP A H    1 
ATOM 33   H HA   . ASP A 1 23  ? -3.516  -1.176  11.697  1.00 0.00 ? 23  ASP A HA   1 
ATOM 34   H HB2  . ASP A 1 23  ? -5.831  -1.458  12.021  1.00 0.00 ? 23  ASP A HB2  1 
ATOM 35   H HB3  . ASP A 1 23  ? -5.736  -1.952  13.698  1.00 0.00 ? 23  ASP A HB3  1 
ATOM 36   H HD2  . ASP A 1 23  ? -5.625  -0.484  15.164  1.00 0.00 ? 23  ASP A HD2  1 
ATOM 37   N N    . ILE A 1 24  ? -2.446  0.415   13.129  1.00 0.00 ? 24  ILE A N    1 
ATOM 38   C CA   . ILE A 1 24  ? -1.518  1.348   13.813  1.00 0.00 ? 24  ILE A CA   1 
ATOM 39   C C    . ILE A 1 24  ? -1.930  2.823   13.464  1.00 0.00 ? 24  ILE A C    1 
ATOM 40   O O    . ILE A 1 24  ? -1.393  3.472   12.563  1.00 0.00 ? 24  ILE A O    1 
ATOM 41   C CB   . ILE A 1 24  ? -0.024  0.903   13.570  1.00 0.00 ? 24  ILE A CB   1 
ATOM 42   C CG1  . ILE A 1 24  ? 0.973   1.541   14.577  1.00 0.00 ? 24  ILE A CG1  1 
ATOM 43   C CG2  . ILE A 1 24  ? 0.482   1.077   12.113  1.00 0.00 ? 24  ILE A CG2  1 
ATOM 44   C CD1  . ILE A 1 24  ? 0.958   0.880   15.968  1.00 0.00 ? 24  ILE A CD1  1 
ATOM 45   H H    . ILE A 1 24  ? -2.886  0.617   12.214  1.00 0.00 ? 24  ILE A H    1 
ATOM 46   H HA   . ILE A 1 24  ? -1.676  1.262   14.905  1.00 0.00 ? 24  ILE A HA   1 
ATOM 47   H HB   . ILE A 1 24  ? 0.024   -0.190  13.751  1.00 0.00 ? 24  ILE A HB   1 
ATOM 48   H HG12 . ILE A 1 24  ? 2.010   1.475   14.190  1.00 0.00 ? 24  ILE A HG12 1 
ATOM 49   H HG13 . ILE A 1 24  ? 0.785   2.624   14.690  1.00 0.00 ? 24  ILE A HG13 1 
ATOM 50   H HG21 . ILE A 1 24  ? -0.170  0.549   11.392  1.00 0.00 ? 24  ILE A HG21 1 
ATOM 51   H HG22 . ILE A 1 24  ? 0.518   2.129   11.780  1.00 0.00 ? 24  ILE A HG22 1 
ATOM 52   H HG23 . ILE A 1 24  ? 1.499   0.662   11.977  1.00 0.00 ? 24  ILE A HG23 1 
ATOM 53   H HD11 . ILE A 1 24  ? 1.170   -0.205  15.913  1.00 0.00 ? 24  ILE A HD11 1 
ATOM 54   H HD12 . ILE A 1 24  ? 1.731   1.319   16.626  1.00 0.00 ? 24  ILE A HD12 1 
ATOM 55   H HD13 . ILE A 1 24  ? -0.010  0.996   16.490  1.00 0.00 ? 24  ILE A HD13 1 
ATOM 56   N N    . SER A 1 25  ? -3.016  3.319   14.093  1.00 0.00 ? 25  SER A N    1 
ATOM 57   C CA   . SER A 1 25  ? -3.470  4.722   13.925  1.00 0.00 ? 25  SER A CA   1 
ATOM 58   C C    . SER A 1 25  ? -4.396  5.253   15.058  1.00 0.00 ? 25  SER A C    1 
ATOM 59   O O    . SER A 1 25  ? -3.943  6.196   15.713  1.00 0.00 ? 25  SER A O    1 
ATOM 60   C CB   . SER A 1 25  ? -4.025  5.010   12.535  1.00 0.00 ? 25  SER A CB   1 
ATOM 61   O OG   . SER A 1 25  ? -3.843  6.371   12.158  1.00 0.00 ? 25  SER A OG   1 
ATOM 62   H H    . SER A 1 25  ? -3.752  2.643   13.916  1.00 0.00 ? 25  SER A H    1 
ATOM 63   H HA   . SER A 1 25  ? -2.553  5.304   14.047  1.00 0.00 ? 25  SER A HA   1 
ATOM 64   H HB2  . SER A 1 25  ? -3.704  4.244   11.833  1.00 0.00 ? 25  SER A HB2  1 
ATOM 65   H HB3  . SER A 1 25  ? -5.039  4.776   12.415  1.00 0.00 ? 25  SER A HB3  1 
ATOM 66   H HG   . SER A 1 25  ? -4.483  6.901   12.648  1.00 0.00 ? 25  SER A HG   1 
ATOM 67   N N    . PRO A 1 26  ? -5.637  4.767   15.380  1.00 0.00 ? 26  PRO A N    1 
ATOM 68   C CA   . PRO A 1 26  ? -6.387  5.252   16.588  1.00 0.00 ? 26  PRO A CA   1 
ATOM 69   C C    . PRO A 1 26  ? -5.792  4.787   17.984  1.00 0.00 ? 26  PRO A C    1 
ATOM 70   O O    . PRO A 1 26  ? -6.489  4.761   19.000  1.00 0.00 ? 26  PRO A O    1 
ATOM 71   C CB   . PRO A 1 26  ? -7.790  4.688   16.289  1.00 0.00 ? 26  PRO A CB   1 
ATOM 72   C CG   . PRO A 1 26  ? -7.532  3.371   15.552  1.00 0.00 ? 26  PRO A CG   1 
ATOM 73   C CD   . PRO A 1 26  ? -6.333  3.683   14.657  1.00 0.00 ? 26  PRO A CD   1 
ATOM 74   H HA   . PRO A 1 26  ? -6.427  6.357   16.630  1.00 0.00 ? 26  PRO A HA   1 
ATOM 75   H HB2  . PRO A 1 26  ? -8.409  4.558   17.198  1.00 0.00 ? 26  PRO A HB2  1 
ATOM 76   H HB3  . PRO A 1 26  ? -8.347  5.390   15.637  1.00 0.00 ? 26  PRO A HB3  1 
ATOM 77   H HG2  . PRO A 1 26  ? -7.272  2.570   16.273  1.00 0.00 ? 26  PRO A HG2  1 
ATOM 78   H HG3  . PRO A 1 26  ? -8.409  3.014   14.981  1.00 0.00 ? 26  PRO A HG3  1 
ATOM 79   H HD2  . PRO A 1 26  ? -5.697  2.793   14.513  1.00 0.00 ? 26  PRO A HD2  1 
ATOM 80   H HD3  . PRO A 1 26  ? -6.680  4.019   13.661  1.00 0.00 ? 26  PRO A HD3  1 
ATOM 81   N N    . LYS A 1 27  ? -4.493  4.443   18.012  1.00 0.00 ? 27  LYS A N    1 
ATOM 82   C CA   . LYS A 1 27  ? -3.739  3.986   19.195  1.00 0.00 ? 27  LYS A CA   1 
ATOM 83   C C    . LYS A 1 27  ? -2.383  4.767   19.290  1.00 0.00 ? 27  LYS A C    1 
ATOM 84   O O    . LYS A 1 27  ? -2.225  5.639   20.145  1.00 0.00 ? 27  LYS A O    1 
ATOM 85   C CB   . LYS A 1 27  ? -3.668  2.422   19.188  1.00 0.00 ? 27  LYS A CB   1 
ATOM 86   C CG   . LYS A 1 27  ? -3.017  1.724   17.955  1.00 0.00 ? 27  LYS A CG   1 
ATOM 87   C CD   . LYS A 1 27  ? -3.888  0.672   17.244  1.00 0.00 ? 27  LYS A CD   1 
ATOM 88   C CE   . LYS A 1 27  ? -3.910  -0.702  17.932  1.00 0.00 ? 27  LYS A CE   1 
ATOM 89   N NZ   . LYS A 1 27  ? -4.317  -1.736  16.957  1.00 0.00 ? 27  LYS A NZ   1 
ATOM 90   H H    . LYS A 1 27  ? -4.037  4.597   17.103  1.00 0.00 ? 27  LYS A H    1 
ATOM 91   H HA   . LYS A 1 27  ? -4.301  4.296   20.080  1.00 0.00 ? 27  LYS A HA   1 
ATOM 92   H HB2  . LYS A 1 27  ? -3.148  2.083   20.104  1.00 0.00 ? 27  LYS A HB2  1 
ATOM 93   H HB3  . LYS A 1 27  ? -4.699  2.043   19.328  1.00 0.00 ? 27  LYS A HB3  1 
ATOM 94   H HG2  . LYS A 1 27  ? -2.767  2.477   17.186  1.00 0.00 ? 27  LYS A HG2  1 
ATOM 95   H HG3  . LYS A 1 27  ? -2.037  1.289   18.234  1.00 0.00 ? 27  LYS A HG3  1 
ATOM 96   H HD2  . LYS A 1 27  ? -4.917  1.058   17.104  1.00 0.00 ? 27  LYS A HD2  1 
ATOM 97   H HD3  . LYS A 1 27  ? -3.488  0.574   16.218  1.00 0.00 ? 27  LYS A HD3  1 
ATOM 98   H HE2  . LYS A 1 27  ? -2.904  -0.951  18.327  1.00 0.00 ? 27  LYS A HE2  1 
ATOM 99   H HE3  . LYS A 1 27  ? -4.588  -0.691  18.809  1.00 0.00 ? 27  LYS A HE3  1 
ATOM 100  H HZ1  . LYS A 1 27  ? -4.087  -2.665  17.334  1.00 0.00 ? 27  LYS A HZ1  1 
ATOM 101  H HZ2  . LYS A 1 27  ? -3.677  -1.666  16.146  1.00 0.00 ? 27  LYS A HZ2  1 
ATOM 102  N N    . GLN A 1 28  ? -1.413  4.474   18.408  1.00 0.00 ? 28  GLN A N    1 
ATOM 103  C CA   . GLN A 1 28  ? -0.092  5.176   18.358  1.00 0.00 ? 28  GLN A CA   1 
ATOM 104  C C    . GLN A 1 28  ? -0.022  6.398   17.361  1.00 0.00 ? 28  GLN A C    1 
ATOM 105  O O    . GLN A 1 28  ? 0.892   7.211   17.485  1.00 0.00 ? 28  GLN A O    1 
ATOM 106  C CB   . GLN A 1 28  ? 1.011   4.128   18.017  1.00 0.00 ? 28  GLN A CB   1 
ATOM 107  C CG   . GLN A 1 28  ? 1.586   3.277   19.183  1.00 0.00 ? 28  GLN A CG   1 
ATOM 108  C CD   . GLN A 1 28  ? 0.580   2.495   20.026  1.00 0.00 ? 28  GLN A CD   1 
ATOM 109  O OE1  . GLN A 1 28  ? 0.194   1.371   19.733  1.00 0.00 ? 28  GLN A OE1  1 
ATOM 110  N NE2  . GLN A 1 28  ? 0.061   3.117   21.051  1.00 0.00 ? 28  GLN A NE2  1 
ATOM 111  H H    . GLN A 1 28  ? -1.553  3.549   17.996  1.00 0.00 ? 28  GLN A H    1 
ATOM 112  H HA   . GLN A 1 28  ? 0.142   5.582   19.365  1.00 0.00 ? 28  GLN A HA   1 
ATOM 113  H HB2  . GLN A 1 28  ? 0.679   3.472   17.190  1.00 0.00 ? 28  GLN A HB2  1 
ATOM 114  H HB3  . GLN A 1 28  ? 1.885   4.656   17.588  1.00 0.00 ? 28  GLN A HB3  1 
ATOM 115  H HG2  . GLN A 1 28  ? 2.303   2.544   18.770  1.00 0.00 ? 28  GLN A HG2  1 
ATOM 116  H HG3  . GLN A 1 28  ? 2.208   3.915   19.841  1.00 0.00 ? 28  GLN A HG3  1 
ATOM 117  H HE21 . GLN A 1 28  ? 0.229   4.124   21.012  1.00 0.00 ? 28  GLN A HE21 1 
ATOM 118  H HE22 . GLN A 1 28  ? -0.823  2.696   21.320  1.00 0.00 ? 28  GLN A HE22 1 
ATOM 119  N N    . ASP A 1 29  ? -0.945  6.531   16.387  1.00 0.00 ? 29  ASP A N    1 
ATOM 120  C CA   . ASP A 1 29  ? -1.004  7.627   15.362  1.00 0.00 ? 29  ASP A CA   1 
ATOM 121  C C    . ASP A 1 29  ? -0.176  7.438   14.028  1.00 0.00 ? 29  ASP A C    1 
ATOM 122  O O    . ASP A 1 29  ? 0.204   8.413   13.376  1.00 0.00 ? 29  ASP A O    1 
ATOM 123  C CB   . ASP A 1 29  ? -1.112  9.050   15.999  1.00 0.00 ? 29  ASP A CB   1 
ATOM 124  C CG   . ASP A 1 29  ? 0.079   10.011  15.936  1.00 0.00 ? 29  ASP A CG   1 
ATOM 125  O OD1  . ASP A 1 29  ? 0.026   11.088  15.354  1.00 0.00 ? 29  ASP A OD1  1 
ATOM 126  O OD2  . ASP A 1 29  ? 1.184   9.547   16.582  1.00 0.00 ? 29  ASP A OD2  1 
ATOM 127  H H    . ASP A 1 29  ? -1.751  5.920   16.560  1.00 0.00 ? 29  ASP A H    1 
ATOM 128  H HA   . ASP A 1 29  ? -2.007  7.508   14.914  1.00 0.00 ? 29  ASP A HA   1 
ATOM 129  H HB2  . ASP A 1 29  ? -1.938  9.586   15.497  1.00 0.00 ? 29  ASP A HB2  1 
ATOM 130  H HB3  . ASP A 1 29  ? -1.467  8.970   17.045  1.00 0.00 ? 29  ASP A HB3  1 
ATOM 131  H HD2  . ASP A 1 29  ? 1.031   8.668   16.961  1.00 0.00 ? 29  ASP A HD2  1 
ATOM 132  N N    . GLU A 1 30  ? 0.073   6.189   13.579  1.00 0.00 ? 30  GLU A N    1 
ATOM 133  C CA   . GLU A 1 30  ? 0.777   5.882   12.303  1.00 0.00 ? 30  GLU A CA   1 
ATOM 134  C C    . GLU A 1 30  ? -0.124  5.734   11.017  1.00 0.00 ? 30  GLU A C    1 
ATOM 135  O O    . GLU A 1 30  ? 0.190   4.966   10.110  1.00 0.00 ? 30  GLU A O    1 
ATOM 136  C CB   . GLU A 1 30  ? 1.774   4.709   12.525  1.00 0.00 ? 30  GLU A CB   1 
ATOM 137  C CG   . GLU A 1 30  ? 3.087   5.013   13.294  1.00 0.00 ? 30  GLU A CG   1 
ATOM 138  C CD   . GLU A 1 30  ? 2.993   5.012   14.815  1.00 0.00 ? 30  GLU A CD   1 
ATOM 139  O OE1  . GLU A 1 30  ? 3.164   4.008   15.498  1.00 0.00 ? 30  GLU A OE1  1 
ATOM 140  O OE2  . GLU A 1 30  ? 2.709   6.247   15.316  1.00 0.00 ? 30  GLU A OE2  1 
ATOM 141  H H    . GLU A 1 30  ? -0.334  5.429   14.110  1.00 0.00 ? 30  GLU A H    1 
ATOM 142  H HA   . GLU A 1 30  ? 1.381   6.748   12.041  1.00 0.00 ? 30  GLU A HA   1 
ATOM 143  H HB2  . GLU A 1 30  ? 1.250   3.848   12.967  1.00 0.00 ? 30  GLU A HB2  1 
ATOM 144  H HB3  . GLU A 1 30  ? 2.090   4.331   11.534  1.00 0.00 ? 30  GLU A HB3  1 
ATOM 145  H HG2  . GLU A 1 30  ? 3.833   4.240   13.034  1.00 0.00 ? 30  GLU A HG2  1 
ATOM 146  H HG3  . GLU A 1 30  ? 3.543   5.957   12.940  1.00 0.00 ? 30  GLU A HG3  1 
ATOM 147  H HE2  . GLU A 1 30  ? 2.567   6.870   14.602  1.00 0.00 ? 30  GLU A HE2  1 
ATOM 148  N N    . GLY A 1 31  ? -1.249  6.461   10.934  1.00 0.00 ? 31  GLY A N    1 
ATOM 149  C CA   . GLY A 1 31  ? -2.121  6.502   9.728   1.00 0.00 ? 31  GLY A CA   1 
ATOM 150  C C    . GLY A 1 31  ? -2.645  5.266   8.994   1.00 0.00 ? 31  GLY A C    1 
ATOM 151  O O    . GLY A 1 31  ? -2.951  5.463   7.817   1.00 0.00 ? 31  GLY A O    1 
ATOM 152  H H    . GLY A 1 31  ? -1.625  6.577   11.876  1.00 0.00 ? 31  GLY A H    1 
ATOM 153  H HA2  . GLY A 1 31  ? -3.000  7.177   9.829   1.00 0.00 ? 31  GLY A HA2  1 
ATOM 154  H HA3  . GLY A 1 31  ? -1.505  7.029   8.992   1.00 0.00 ? 31  GLY A HA3  1 
ATOM 155  N N    . VAL A 1 32  ? -2.819  4.055   9.573   1.00 0.00 ? 32  VAL A N    1 
ATOM 156  C CA   . VAL A 1 32  ? -3.295  2.893   8.714   1.00 0.00 ? 32  VAL A CA   1 
ATOM 157  C C    . VAL A 1 32  ? -3.933  1.620   9.399   1.00 0.00 ? 32  VAL A C    1 
ATOM 158  O O    . VAL A 1 32  ? -3.588  1.198   10.507  1.00 0.00 ? 32  VAL A O    1 
ATOM 159  C CB   . VAL A 1 32  ? -2.195  2.491   7.643   1.00 0.00 ? 32  VAL A CB   1 
ATOM 160  C CG1  . VAL A 1 32  ? -0.923  1.886   8.229   1.00 0.00 ? 32  VAL A CG1  1 
ATOM 161  C CG2  . VAL A 1 32  ? -2.633  1.566   6.480   1.00 0.00 ? 32  VAL A CG2  1 
ATOM 162  H H    . VAL A 1 32  ? -2.686  4.087   10.617  1.00 0.00 ? 32  VAL A H    1 
ATOM 163  H HA   . VAL A 1 32  ? -4.143  3.304   8.127   1.00 0.00 ? 32  VAL A HA   1 
ATOM 164  H HB   . VAL A 1 32  ? -1.860  3.433   7.173   1.00 0.00 ? 32  VAL A HB   1 
ATOM 165  H HG11 . VAL A 1 32  ? -0.500  2.557   9.000   1.00 0.00 ? 32  VAL A HG11 1 
ATOM 166  H HG12 . VAL A 1 32  ? -1.125  0.905   8.691   1.00 0.00 ? 32  VAL A HG12 1 
ATOM 167  H HG13 . VAL A 1 32  ? -0.157  1.760   7.443   1.00 0.00 ? 32  VAL A HG13 1 
ATOM 168  H HG21 . VAL A 1 32  ? -3.570  1.904   6.008   1.00 0.00 ? 32  VAL A HG21 1 
ATOM 169  H HG22 . VAL A 1 32  ? -1.869  1.523   5.680   1.00 0.00 ? 32  VAL A HG22 1 
ATOM 170  H HG23 . VAL A 1 32  ? -2.803  0.524   6.810   1.00 0.00 ? 32  VAL A HG23 1 
ATOM 171  N N    . LEU A 1 33  ? -4.865  1.010   8.641   1.00 0.00 ? 33  LEU A N    1 
ATOM 172  C CA   . LEU A 1 33  ? -5.557  -0.270  8.942   1.00 0.00 ? 33  LEU A CA   1 
ATOM 173  C C    . LEU A 1 33  ? -5.247  -1.249  7.734   1.00 0.00 ? 33  LEU A C    1 
ATOM 174  O O    . LEU A 1 33  ? -5.711  -0.932  6.630   1.00 0.00 ? 33  LEU A O    1 
ATOM 175  C CB   . LEU A 1 33  ? -7.058  0.044   9.192   1.00 0.00 ? 33  LEU A CB   1 
ATOM 176  C CG   . LEU A 1 33  ? -7.931  -1.153  9.663   1.00 0.00 ? 33  LEU A CG   1 
ATOM 177  C CD1  . LEU A 1 33  ? -9.081  -0.673  10.565  1.00 0.00 ? 33  LEU A CD1  1 
ATOM 178  C CD2  . LEU A 1 33  ? -8.531  -1.934  8.484   1.00 0.00 ? 33  LEU A CD2  1 
ATOM 179  H H    . LEU A 1 33  ? -5.070  1.514   7.769   1.00 0.00 ? 33  LEU A H    1 
ATOM 180  H HA   . LEU A 1 33  ? -5.217  -0.686  9.884   1.00 0.00 ? 33  LEU A HA   1 
ATOM 181  H HB2  . LEU A 1 33  ? -7.090  0.831   9.972   1.00 0.00 ? 33  LEU A HB2  1 
ATOM 182  H HB3  . LEU A 1 33  ? -7.510  0.531   8.308   1.00 0.00 ? 33  LEU A HB3  1 
ATOM 183  H HG   . LEU A 1 33  ? -7.307  -1.850  10.258  1.00 0.00 ? 33  LEU A HG   1 
ATOM 184  H HD11 . LEU A 1 33  ? -8.702  -0.140  11.458  1.00 0.00 ? 33  LEU A HD11 1 
ATOM 185  H HD12 . LEU A 1 33  ? -9.761  0.023   10.037  1.00 0.00 ? 33  LEU A HD12 1 
ATOM 186  H HD13 . LEU A 1 33  ? -9.695  -1.515  10.937  1.00 0.00 ? 33  LEU A HD13 1 
ATOM 187  H HD21 . LEU A 1 33  ? -9.147  -1.293  7.827   1.00 0.00 ? 33  LEU A HD21 1 
ATOM 188  H HD22 . LEU A 1 33  ? -7.749  -2.389  7.850   1.00 0.00 ? 33  LEU A HD22 1 
ATOM 189  H HD23 . LEU A 1 33  ? -9.174  -2.765  8.827   1.00 0.00 ? 33  LEU A HD23 1 
ATOM 190  N N    . LYS A 1 34  ? -4.459  -2.368  7.824   1.00 0.00 ? 34  LYS A N    1 
ATOM 191  C CA   . LYS A 1 34  ? -4.206  -3.251  6.652   1.00 0.00 ? 34  LYS A CA   1 
ATOM 192  C C    . LYS A 1 34  ? -5.057  -4.552  6.818   1.00 0.00 ? 34  LYS A C    1 
ATOM 193  O O    . LYS A 1 34  ? -4.856  -5.344  7.744   1.00 0.00 ? 34  LYS A O    1 
ATOM 194  C CB   . LYS A 1 34  ? -2.679  -3.401  6.378   1.00 0.00 ? 34  LYS A CB   1 
ATOM 195  C CG   . LYS A 1 34  ? -1.891  -4.524  7.094   1.00 0.00 ? 34  LYS A CG   1 
ATOM 196  C CD   . LYS A 1 34  ? -1.783  -5.816  6.253   1.00 0.00 ? 34  LYS A CD   1 
ATOM 197  C CE   . LYS A 1 34  ? -1.062  -6.940  7.005   1.00 0.00 ? 34  LYS A CE   1 
ATOM 198  N NZ   . LYS A 1 34  ? -0.720  -8.034  6.075   1.00 0.00 ? 34  LYS A NZ   1 
ATOM 199  H H    . LYS A 1 34  ? -4.314  -2.861  8.721   1.00 0.00 ? 34  LYS A H    1 
ATOM 200  H HA   . LYS A 1 34  ? -4.577  -2.746  5.754   1.00 0.00 ? 34  LYS A HA   1 
ATOM 201  H HB2  . LYS A 1 34  ? -2.531  -3.503  5.285   1.00 0.00 ? 34  LYS A HB2  1 
ATOM 202  H HB3  . LYS A 1 34  ? -2.184  -2.434  6.601   1.00 0.00 ? 34  LYS A HB3  1 
ATOM 203  H HG2  . LYS A 1 34  ? -0.868  -4.166  7.326   1.00 0.00 ? 34  LYS A HG2  1 
ATOM 204  H HG3  . LYS A 1 34  ? -2.349  -4.729  8.079   1.00 0.00 ? 34  LYS A HG3  1 
ATOM 205  H HD2  . LYS A 1 34  ? -2.788  -6.164  5.942   1.00 0.00 ? 34  LYS A HD2  1 
ATOM 206  H HD3  . LYS A 1 34  ? -1.245  -5.584  5.312   1.00 0.00 ? 34  LYS A HD3  1 
ATOM 207  H HE2  . LYS A 1 34  ? -0.134  -6.557  7.472   1.00 0.00 ? 34  LYS A HE2  1 
ATOM 208  H HE3  . LYS A 1 34  ? -1.685  -7.314  7.839   1.00 0.00 ? 34  LYS A HE3  1 
ATOM 209  H HZ1  . LYS A 1 34  ? -1.497  -8.693  5.948   1.00 0.00 ? 34  LYS A HZ1  1 
ATOM 210  H HZ2  . LYS A 1 34  ? 0.085   -8.579  6.422   1.00 0.00 ? 34  LYS A HZ2  1 
ATOM 211  N N    . VAL A 1 35  ? -6.031  -4.761  5.925   1.00 0.00 ? 35  VAL A N    1 
ATOM 212  C CA   . VAL A 1 35  ? -6.983  -5.911  6.020   1.00 0.00 ? 35  VAL A CA   1 
ATOM 213  C C    . VAL A 1 35  ? -6.397  -7.183  5.344   1.00 0.00 ? 35  VAL A C    1 
ATOM 214  O O    . VAL A 1 35  ? -5.983  -7.104  4.184   1.00 0.00 ? 35  VAL A O    1 
ATOM 215  C CB   . VAL A 1 35  ? -8.354  -5.572  5.331   1.00 0.00 ? 35  VAL A CB   1 
ATOM 216  C CG1  . VAL A 1 35  ? -9.454  -6.612  5.625   1.00 0.00 ? 35  VAL A CG1  1 
ATOM 217  C CG2  . VAL A 1 35  ? -8.961  -4.188  5.632   1.00 0.00 ? 35  VAL A CG2  1 
ATOM 218  H H    . VAL A 1 35  ? -6.019  -4.118  5.111   1.00 0.00 ? 35  VAL A H    1 
ATOM 219  H HA   . VAL A 1 35  ? -7.190  -6.122  7.089   1.00 0.00 ? 35  VAL A HA   1 
ATOM 220  H HB   . VAL A 1 35  ? -8.182  -5.609  4.242   1.00 0.00 ? 35  VAL A HB   1 
ATOM 221  H HG11 . VAL A 1 35  ? -9.648  -6.708  6.710   1.00 0.00 ? 35  VAL A HG11 1 
ATOM 222  H HG12 . VAL A 1 35  ? -10.409 -6.362  5.125   1.00 0.00 ? 35  VAL A HG12 1 
ATOM 223  H HG13 . VAL A 1 35  ? -9.176  -7.616  5.253   1.00 0.00 ? 35  VAL A HG13 1 
ATOM 224  H HG21 . VAL A 1 35  ? -8.268  -3.374  5.344   1.00 0.00 ? 35  VAL A HG21 1 
ATOM 225  H HG22 . VAL A 1 35  ? -9.886  -4.014  5.052   1.00 0.00 ? 35  VAL A HG22 1 
ATOM 226  H HG23 . VAL A 1 35  ? -9.191  -4.068  6.702   1.00 0.00 ? 35  VAL A HG23 1 
ATOM 227  N N    . ILE A 1 36  ? -6.400  -8.350  6.016   1.00 0.00 ? 36  ILE A N    1 
ATOM 228  C CA   . ILE A 1 36  ? -5.954  -9.614  5.350   1.00 0.00 ? 36  ILE A CA   1 
ATOM 229  C C    . ILE A 1 36  ? -7.178  -10.264 4.619   1.00 0.00 ? 36  ILE A C    1 
ATOM 230  O O    . ILE A 1 36  ? -8.220  -10.561 5.210   1.00 0.00 ? 36  ILE A O    1 
ATOM 231  C CB   . ILE A 1 36  ? -5.091  -10.586 6.254   1.00 0.00 ? 36  ILE A CB   1 
ATOM 232  C CG1  . ILE A 1 36  ? -3.565  -10.486 5.946   1.00 0.00 ? 36  ILE A CG1  1 
ATOM 233  C CG2  . ILE A 1 36  ? -5.490  -12.085 6.205   1.00 0.00 ? 36  ILE A CG2  1 
ATOM 234  C CD1  . ILE A 1 36  ? -3.137  -10.814 4.493   1.00 0.00 ? 36  ILE A CD1  1 
ATOM 235  H H    . ILE A 1 36  ? -7.046  -8.347  6.818   1.00 0.00 ? 36  ILE A H    1 
ATOM 236  H HA   . ILE A 1 36  ? -5.265  -9.313  4.540   1.00 0.00 ? 36  ILE A HA   1 
ATOM 237  H HB   . ILE A 1 36  ? -5.219  -10.303 7.316   1.00 0.00 ? 36  ILE A HB   1 
ATOM 238  H HG12 . ILE A 1 36  ? -3.223  -9.464  6.198   1.00 0.00 ? 36  ILE A HG12 1 
ATOM 239  H HG13 . ILE A 1 36  ? -3.004  -11.141 6.642   1.00 0.00 ? 36  ILE A HG13 1 
ATOM 240  H HG21 . ILE A 1 36  ? -5.455  -12.499 5.179   1.00 0.00 ? 36  ILE A HG21 1 
ATOM 241  H HG22 . ILE A 1 36  ? -4.839  -12.709 6.834   1.00 0.00 ? 36  ILE A HG22 1 
ATOM 242  H HG23 . ILE A 1 36  ? -6.523  -12.235 6.569   1.00 0.00 ? 36  ILE A HG23 1 
ATOM 243  H HD11 . ILE A 1 36  ? -3.659  -11.692 4.076   1.00 0.00 ? 36  ILE A HD11 1 
ATOM 244  H HD12 . ILE A 1 36  ? -3.371  -10.000 3.787   1.00 0.00 ? 36  ILE A HD12 1 
ATOM 245  H HD13 . ILE A 1 36  ? -2.053  -11.014 4.397   1.00 0.00 ? 36  ILE A HD13 1 
ATOM 246  N N    . LYS A 1 37  ? -7.008  -10.491 3.316   1.00 0.00 ? 37  LYS A N    1 
ATOM 247  C CA   . LYS A 1 37  ? -8.042  -11.141 2.455   1.00 0.00 ? 37  LYS A CA   1 
ATOM 248  C C    . LYS A 1 37  ? -7.510  -12.513 1.912   1.00 0.00 ? 37  LYS A C    1 
ATOM 249  O O    . LYS A 1 37  ? -8.156  -13.554 2.047   1.00 0.00 ? 37  LYS A O    1 
ATOM 250  C CB   . LYS A 1 37  ? -8.465  -10.056 1.427   1.00 0.00 ? 37  LYS A CB   1 
ATOM 251  C CG   . LYS A 1 37  ? -9.321  -10.543 0.242   1.00 0.00 ? 37  LYS A CG   1 
ATOM 252  C CD   . LYS A 1 37  ? -9.918  -9.366  -0.554  1.00 0.00 ? 37  LYS A CD   1 
ATOM 253  C CE   . LYS A 1 37  ? -10.581 -9.828  -1.859  1.00 0.00 ? 37  LYS A CE   1 
ATOM 254  N NZ   . LYS A 1 37  ? -11.074 -8.652  -2.600  1.00 0.00 ? 37  LYS A NZ   1 
ATOM 255  H H    . LYS A 1 37  ? -6.044  -10.318 2.990   1.00 0.00 ? 37  LYS A H    1 
ATOM 256  H HA   . LYS A 1 37  ? -8.950  -11.404 3.034   1.00 0.00 ? 37  LYS A HA   1 
ATOM 257  H HB2  . LYS A 1 37  ? -9.011  -9.263  1.975   1.00 0.00 ? 37  LYS A HB2  1 
ATOM 258  H HB3  . LYS A 1 37  ? -7.573  -9.547  1.019   1.00 0.00 ? 37  LYS A HB3  1 
ATOM 259  H HG2  . LYS A 1 37  ? -8.682  -11.168 -0.414  1.00 0.00 ? 37  LYS A HG2  1 
ATOM 260  H HG3  . LYS A 1 37  ? -10.122 -11.215 0.603   1.00 0.00 ? 37  LYS A HG3  1 
ATOM 261  H HD2  . LYS A 1 37  ? -10.650 -8.827  0.080   1.00 0.00 ? 37  LYS A HD2  1 
ATOM 262  H HD3  . LYS A 1 37  ? -9.125  -8.625  -0.777  1.00 0.00 ? 37  LYS A HD3  1 
ATOM 263  H HE2  . LYS A 1 37  ? -9.863  -10.395 -2.488  1.00 0.00 ? 37  LYS A HE2  1 
ATOM 264  H HE3  . LYS A 1 37  ? -11.418 -10.525 -1.651  1.00 0.00 ? 37  LYS A HE3  1 
ATOM 265  H HZ1  . LYS A 1 37  ? -11.712 -8.103  -2.012  1.00 0.00 ? 37  LYS A HZ1  1 
ATOM 266  H HZ2  . LYS A 1 37  ? -10.298 -8.014  -2.820  1.00 0.00 ? 37  LYS A HZ2  1 
ATOM 267  N N    . ARG A 1 38  ? -6.322  -12.491 1.303   1.00 0.00 ? 38  ARG A N    1 
ATOM 268  C CA   . ARG A 1 38  ? -5.600  -13.676 0.805   1.00 0.00 ? 38  ARG A CA   1 
ATOM 269  C C    . ARG A 1 38  ? -4.309  -13.698 1.736   1.00 0.00 ? 38  ARG A C    1 
ATOM 270  O O    . ARG A 1 38  ? -3.397  -12.893 1.548   1.00 0.00 ? 38  ARG A O    1 
ATOM 271  C CB   . ARG A 1 38  ? -5.356  -13.455 -0.713  1.00 0.00 ? 38  ARG A CB   1 
ATOM 272  C CG   . ARG A 1 38  ? -6.604  -13.637 -1.613  1.00 0.00 ? 38  ARG A CG   1 
ATOM 273  C CD   . ARG A 1 38  ? -6.312  -13.368 -3.100  1.00 0.00 ? 38  ARG A CD   1 
ATOM 274  N NE   . ARG A 1 38  ? -7.555  -13.513 -3.902  1.00 0.00 ? 38  ARG A NE   1 
ATOM 275  C CZ   . ARG A 1 38  ? -8.009  -14.637 -4.444  1.00 0.00 ? 38  ARG A CZ   1 
ATOM 276  N NH1  . ARG A 1 38  ? -7.430  -15.795 -4.328  1.00 0.00 ? 38  ARG A NH1  1 
ATOM 277  N NH2  . ARG A 1 38  ? -9.100  -14.567 -5.120  1.00 0.00 ? 38  ARG A NH2  1 
ATOM 278  H H    . ARG A 1 38  ? -5.806  -11.627 1.495   1.00 0.00 ? 38  ARG A H    1 
ATOM 279  H HA   . ARG A 1 38  ? -6.205  -14.610 0.847   1.00 0.00 ? 38  ARG A HA   1 
ATOM 280  H HB2  . ARG A 1 38  ? -4.930  -12.452 -0.877  1.00 0.00 ? 38  ARG A HB2  1 
ATOM 281  H HB3  . ARG A 1 38  ? -4.586  -14.157 -1.070  1.00 0.00 ? 38  ARG A HB3  1 
ATOM 282  H HG2  . ARG A 1 38  ? -7.013  -14.659 -1.492  1.00 0.00 ? 38  ARG A HG2  1 
ATOM 283  H HG3  . ARG A 1 38  ? -7.417  -12.966 -1.277  1.00 0.00 ? 38  ARG A HG3  1 
ATOM 284  H HD2  . ARG A 1 38  ? -5.943  -12.332 -3.233  1.00 0.00 ? 38  ARG A HD2  1 
ATOM 285  H HD3  . ARG A 1 38  ? -5.493  -14.009 -3.484  1.00 0.00 ? 38  ARG A HD3  1 
ATOM 286  H HH11 . ARG A 1 38  ? -6.588  -15.762 -3.751  1.00 0.00 ? 38  ARG A HH11 1 
ATOM 287  H HH12 . ARG A 1 38  ? -7.883  -16.589 -4.776  1.00 0.00 ? 38  ARG A HH12 1 
ATOM 288  H HH21 . ARG A 1 38  ? -9.468  -13.614 -5.147  1.00 0.00 ? 38  ARG A HH21 1 
ATOM 289  H HH22 . ARG A 1 38  ? -9.457  -15.421 -5.542  1.00 0.00 ? 38  ARG A HH22 1 
ATOM 290  N N    . GLU A 1 39  ? -4.235  -14.529 2.790   1.00 0.00 ? 39  GLU A N    1 
ATOM 291  C CA   . GLU A 1 39  ? -3.075  -14.609 3.751   1.00 0.00 ? 39  GLU A CA   1 
ATOM 292  C C    . GLU A 1 39  ? -1.556  -14.580 3.305   1.00 0.00 ? 39  GLU A C    1 
ATOM 293  O O    . GLU A 1 39  ? -0.893  -13.540 3.270   1.00 0.00 ? 39  GLU A O    1 
ATOM 294  C CB   . GLU A 1 39  ? -3.427  -15.776 4.730   1.00 0.00 ? 39  GLU A CB   1 
ATOM 295  C CG   . GLU A 1 39  ? -3.930  -17.170 4.242   1.00 0.00 ? 39  GLU A CG   1 
ATOM 296  C CD   . GLU A 1 39  ? -4.047  -18.183 5.378   1.00 0.00 ? 39  GLU A CD   1 
ATOM 297  O OE1  . GLU A 1 39  ? -3.139  -18.931 5.724   1.00 0.00 ? 39  GLU A OE1  1 
ATOM 298  O OE2  . GLU A 1 39  ? -5.270  -18.159 5.972   1.00 0.00 ? 39  GLU A OE2  1 
ATOM 299  H H    . GLU A 1 39  ? -5.163  -14.773 3.156   1.00 0.00 ? 39  GLU A H    1 
ATOM 300  H HA   . GLU A 1 39  ? -3.061  -13.700 4.391   1.00 0.00 ? 39  GLU A HA   1 
ATOM 301  H HB2  . GLU A 1 39  ? -2.572  -15.920 5.420   1.00 0.00 ? 39  GLU A HB2  1 
ATOM 302  H HB3  . GLU A 1 39  ? -4.212  -15.381 5.363   1.00 0.00 ? 39  GLU A HB3  1 
ATOM 303  H HG2  . GLU A 1 39  ? -4.928  -17.086 3.766   1.00 0.00 ? 39  GLU A HG2  1 
ATOM 304  H HG3  . GLU A 1 39  ? -3.275  -17.604 3.471   1.00 0.00 ? 39  GLU A HG3  1 
ATOM 305  H HE2  . GLU A 1 39  ? -5.257  -18.791 6.692   1.00 0.00 ? 39  GLU A HE2  1 
ATOM 306  N N    . GLY A 1 40  ? -1.003  -15.759 3.062   1.00 0.00 ? 40  GLY A N    1 
ATOM 307  C CA   . GLY A 1 40  ? 0.407   -16.027 2.732   1.00 0.00 ? 40  GLY A CA   1 
ATOM 308  C C    . GLY A 1 40  ? 0.584   -17.398 2.046   1.00 0.00 ? 40  GLY A C    1 
ATOM 309  O O    . GLY A 1 40  ? -0.277  -18.275 2.165   1.00 0.00 ? 40  GLY A O    1 
ATOM 310  H H    . GLY A 1 40  ? -1.728  -16.391 2.766   1.00 0.00 ? 40  GLY A H    1 
ATOM 311  H HA2  . GLY A 1 40  ? 0.834   -15.205 2.161   1.00 0.00 ? 40  GLY A HA2  1 
ATOM 312  H HA3  . GLY A 1 40  ? 0.986   -16.069 3.665   1.00 0.00 ? 40  GLY A HA3  1 
ATOM 313  N N    . THR A 1 41  ? 1.671   -17.614 1.303   1.00 0.00 ? 41  THR A N    1 
ATOM 314  C CA   . THR A 1 41  ? 1.903   -18.943 0.627   1.00 0.00 ? 41  THR A CA   1 
ATOM 315  C C    . THR A 1 41  ? 3.381   -19.426 0.520   1.00 0.00 ? 41  THR A C    1 
ATOM 316  O O    . THR A 1 41  ? 3.605   -20.639 0.523   1.00 0.00 ? 41  THR A O    1 
ATOM 317  C CB   . THR A 1 41  ? 1.119   -19.093 -0.717  1.00 0.00 ? 41  THR A CB   1 
ATOM 318  O OG1  . THR A 1 41  ? 1.207   -20.433 -1.193  1.00 0.00 ? 41  THR A OG1  1 
ATOM 319  C CG2  . THR A 1 41  ? 1.547   -18.184 -1.876  1.00 0.00 ? 41  THR A CG2  1 
ATOM 320  H H    . THR A 1 41  ? 2.349   -16.842 1.272   1.00 0.00 ? 41  THR A H    1 
ATOM 321  H HA   . THR A 1 41  ? 1.482   -19.728 1.287   1.00 0.00 ? 41  THR A HA   1 
ATOM 322  H HB   . THR A 1 41  ? 0.047   -18.895 -0.513  1.00 0.00 ? 41  THR A HB   1 
ATOM 323  H HG1  . THR A 1 41  ? 2.099   -20.746 -1.000  1.00 0.00 ? 41  THR A HG1  1 
ATOM 324  H HG21 . THR A 1 41  ? 2.608   -18.323 -2.153  1.00 0.00 ? 41  THR A HG21 1 
ATOM 325  H HG22 . THR A 1 41  ? 0.943   -18.382 -2.782  1.00 0.00 ? 41  THR A HG22 1 
ATOM 326  H HG23 . THR A 1 41  ? 1.401   -17.121 -1.618  1.00 0.00 ? 41  THR A HG23 1 
ATOM 327  N N    . GLY A 1 42  ? 4.370   -18.530 0.386   1.00 0.00 ? 42  GLY A N    1 
ATOM 328  C CA   . GLY A 1 42  ? 5.787   -18.935 0.267   1.00 0.00 ? 42  GLY A CA   1 
ATOM 329  C C    . GLY A 1 42  ? 6.584   -19.108 1.575   1.00 0.00 ? 42  GLY A C    1 
ATOM 330  O O    . GLY A 1 42  ? 6.443   -20.098 2.292   1.00 0.00 ? 42  GLY A O    1 
ATOM 331  H H    . GLY A 1 42  ? 4.028   -17.626 0.056   1.00 0.00 ? 42  GLY A H    1 
ATOM 332  H HA2  . GLY A 1 42  ? 5.847   -19.883 -0.282  1.00 0.00 ? 42  GLY A HA2  1 
ATOM 333  H HA3  . GLY A 1 42  ? 6.308   -18.237 -0.411  1.00 0.00 ? 42  GLY A HA3  1 
ATOM 334  N N    . THR A 1 43  ? 7.479   -18.151 1.835   1.00 0.00 ? 43  THR A N    1 
ATOM 335  C CA   . THR A 1 43  ? 8.424   -18.165 2.964   1.00 0.00 ? 43  THR A CA   1 
ATOM 336  C C    . THR A 1 43  ? 8.634   -16.697 3.440   1.00 0.00 ? 43  THR A C    1 
ATOM 337  O O    . THR A 1 43  ? 9.404   -15.922 2.873   1.00 0.00 ? 43  THR A O    1 
ATOM 338  C CB   . THR A 1 43  ? 9.773   -18.787 2.510   1.00 0.00 ? 43  THR A CB   1 
ATOM 339  O OG1  . THR A 1 43  ? 10.491  -18.287 1.393   1.00 0.00 ? 43  THR A OG1  1 
ATOM 340  C CG2  . THR A 1 43  ? 9.609   -20.258 2.109   1.00 0.00 ? 43  THR A CG2  1 
ATOM 341  H H    . THR A 1 43  ? 7.178   -17.226 1.617   1.00 0.00 ? 43  THR A H    1 
ATOM 342  H HA   . THR A 1 43  ? 8.030   -18.777 3.801   1.00 0.00 ? 43  THR A HA   1 
ATOM 343  H HB   . THR A 1 43  ? 10.400  -19.163 3.344   1.00 0.00 ? 43  THR A HB   1 
ATOM 344  H HG1  . THR A 1 43  ? 11.037  -17.543 1.687   1.00 0.00 ? 43  THR A HG1  1 
ATOM 345  H HG21 . THR A 1 43  ? 9.004   -20.818 2.846   1.00 0.00 ? 43  THR A HG21 1 
ATOM 346  H HG22 . THR A 1 43  ? 9.042   -20.302 1.156   1.00 0.00 ? 43  THR A HG22 1 
ATOM 347  H HG23 . THR A 1 43  ? 10.569  -20.760 1.926   1.00 0.00 ? 43  THR A HG23 1 
ATOM 348  N N    . GLU A 1 44  ? 7.855   -16.321 4.460   1.00 0.00 ? 44  GLU A N    1 
ATOM 349  C CA   . GLU A 1 44  ? 7.978   -15.037 5.217   1.00 0.00 ? 44  GLU A CA   1 
ATOM 350  C C    . GLU A 1 44  ? 7.550   -13.647 4.626   1.00 0.00 ? 44  GLU A C    1 
ATOM 351  O O    . GLU A 1 44  ? 6.980   -13.530 3.536   1.00 0.00 ? 44  GLU A O    1 
ATOM 352  C CB   . GLU A 1 44  ? 9.376   -15.042 5.925   1.00 0.00 ? 44  GLU A CB   1 
ATOM 353  C CG   . GLU A 1 44  ? 9.346   -15.877 7.207   1.00 0.00 ? 44  GLU A CG   1 
ATOM 354  C CD   . GLU A 1 44  ? 10.581  -15.904 8.118   1.00 0.00 ? 44  GLU A CD   1 
ATOM 355  O OE1  . GLU A 1 44  ? 10.615  -16.623 9.113   1.00 0.00 ? 44  GLU A OE1  1 
ATOM 356  O OE2  . GLU A 1 44  ? 11.610  -15.077 7.740   1.00 0.00 ? 44  GLU A OE2  1 
ATOM 357  H H    . GLU A 1 44  ? 7.219   -17.065 4.722   1.00 0.00 ? 44  GLU A H    1 
ATOM 358  H HA   . GLU A 1 44  ? 7.200   -15.118 6.000   1.00 0.00 ? 44  GLU A HA   1 
ATOM 359  H HB2  . GLU A 1 44  ? 10.173  -15.401 5.248   1.00 0.00 ? 44  GLU A HB2  1 
ATOM 360  H HB3  . GLU A 1 44  ? 9.717   -14.021 6.170   1.00 0.00 ? 44  GLU A HB3  1 
ATOM 361  H HG2  . GLU A 1 44  ? 8.481   -15.498 7.774   1.00 0.00 ? 44  GLU A HG2  1 
ATOM 362  H HG3  . GLU A 1 44  ? 9.080   -16.917 6.936   1.00 0.00 ? 44  GLU A HG3  1 
ATOM 363  H HE2  . GLU A 1 44  ? 11.482  -14.562 6.920   1.00 0.00 ? 44  GLU A HE2  1 
ATOM 364  N N    . THR A 1 45  ? 7.662   -12.630 5.512   1.00 0.00 ? 45  THR A N    1 
ATOM 365  C CA   . THR A 1 45  ? 7.417   -11.191 5.210   1.00 0.00 ? 45  THR A CA   1 
ATOM 366  C C    . THR A 1 45  ? 8.732   -10.398 4.875   1.00 0.00 ? 45  THR A C    1 
ATOM 367  O O    . THR A 1 45  ? 9.761   -10.694 5.490   1.00 0.00 ? 45  THR A O    1 
ATOM 368  C CB   . THR A 1 45  ? 6.750   -10.438 6.397   1.00 0.00 ? 45  THR A CB   1 
ATOM 369  O OG1  . THR A 1 45  ? 7.579   -10.478 7.558   1.00 0.00 ? 45  THR A OG1  1 
ATOM 370  C CG2  . THR A 1 45  ? 5.357   -10.913 6.828   1.00 0.00 ? 45  THR A CG2  1 
ATOM 371  H H    . THR A 1 45  ? 8.048   -12.920 6.418   1.00 0.00 ? 45  THR A H    1 
ATOM 372  H HA   . THR A 1 45  ? 6.775   -11.133 4.326   1.00 0.00 ? 45  THR A HA   1 
ATOM 373  H HB   . THR A 1 45  ? 6.680   -9.382  6.051   1.00 0.00 ? 45  THR A HB   1 
ATOM 374  H HG1  . THR A 1 45  ? 8.487   -10.375 7.239   1.00 0.00 ? 45  THR A HG1  1 
ATOM 375  H HG21 . THR A 1 45  ? 4.636   -10.890 5.996   1.00 0.00 ? 45  THR A HG21 1 
ATOM 376  H HG22 . THR A 1 45  ? 5.381   -11.946 7.221   1.00 0.00 ? 45  THR A HG22 1 
ATOM 377  H HG23 . THR A 1 45  ? 4.951   -10.270 7.630   1.00 0.00 ? 45  THR A HG23 1 
ATOM 378  N N    . PRO A 1 46  ? 8.735   -9.288  4.077   1.00 0.00 ? 46  PRO A N    1 
ATOM 379  C CA   . PRO A 1 46  ? 9.992   -8.610  3.683   1.00 0.00 ? 46  PRO A CA   1 
ATOM 380  C C    . PRO A 1 46  ? 10.687  -7.693  4.754   1.00 0.00 ? 46  PRO A C    1 
ATOM 381  O O    . PRO A 1 46  ? 10.112  -7.355  5.794   1.00 0.00 ? 46  PRO A O    1 
ATOM 382  C CB   . PRO A 1 46  ? 9.480   -7.793  2.487   1.00 0.00 ? 46  PRO A CB   1 
ATOM 383  C CG   . PRO A 1 46  ? 8.051   -7.418  2.812   1.00 0.00 ? 46  PRO A CG   1 
ATOM 384  C CD   . PRO A 1 46  ? 7.533   -8.695  3.464   1.00 0.00 ? 46  PRO A CD   1 
ATOM 385  H HA   . PRO A 1 46  ? 10.690  -9.421  3.367   1.00 0.00 ? 46  PRO A HA   1 
ATOM 386  H HB2  . PRO A 1 46  ? 10.121  -6.946  2.183   1.00 0.00 ? 46  PRO A HB2  1 
ATOM 387  H HB3  . PRO A 1 46  ? 9.402   -8.477  1.650   1.00 0.00 ? 46  PRO A HB3  1 
ATOM 388  H HG2  . PRO A 1 46  ? 8.026   -6.577  3.527   1.00 0.00 ? 46  PRO A HG2  1 
ATOM 389  H HG3  . PRO A 1 46  ? 7.457   -7.126  1.926   1.00 0.00 ? 46  PRO A HG3  1 
ATOM 390  H HD2  . PRO A 1 46  ? 6.740   -8.412  4.182   1.00 0.00 ? 46  PRO A HD2  1 
ATOM 391  H HD3  . PRO A 1 46  ? 7.099   -9.376  2.707   1.00 0.00 ? 46  PRO A HD3  1 
ATOM 392  N N    . MET A 1 47  ? 11.909  -7.205  4.453   1.00 0.00 ? 47  MET A N    1 
ATOM 393  C CA   . MET A 1 47  ? 12.691  -6.338  5.381   1.00 0.00 ? 47  MET A CA   1 
ATOM 394  C C    . MET A 1 47  ? 12.880  -4.869  4.873   1.00 0.00 ? 47  MET A C    1 
ATOM 395  O O    . MET A 1 47  ? 12.643  -4.557  3.701   1.00 0.00 ? 47  MET A O    1 
ATOM 396  C CB   . MET A 1 47  ? 14.043  -7.066  5.658   1.00 0.00 ? 47  MET A CB   1 
ATOM 397  C CG   . MET A 1 47  ? 14.954  -7.361  4.438   1.00 0.00 ? 47  MET A CG   1 
ATOM 398  S SD   . MET A 1 47  ? 16.625  -7.771  4.976   1.00 0.00 ? 47  MET A SD   1 
ATOM 399  C CE   . MET A 1 47  ? 17.383  -6.138  4.927   1.00 0.00 ? 47  MET A CE   1 
ATOM 400  H H    . MET A 1 47  ? 12.290  -7.429  3.521   1.00 0.00 ? 47  MET A H    1 
ATOM 401  H HA   . MET A 1 47  ? 12.155  -6.234  6.344   1.00 0.00 ? 47  MET A HA   1 
ATOM 402  H HB2  . MET A 1 47  ? 14.620  -6.474  6.392   1.00 0.00 ? 47  MET A HB2  1 
ATOM 403  H HB3  . MET A 1 47  ? 13.837  -8.020  6.182   1.00 0.00 ? 47  MET A HB3  1 
ATOM 404  H HG2  . MET A 1 47  ? 14.554  -8.216  3.860   1.00 0.00 ? 47  MET A HG2  1 
ATOM 405  H HG3  . MET A 1 47  ? 14.971  -6.512  3.729   1.00 0.00 ? 47  MET A HG3  1 
ATOM 406  H HE1  . MET A 1 47  ? 16.845  -5.434  5.588   1.00 0.00 ? 47  MET A HE1  1 
ATOM 407  H HE2  . MET A 1 47  ? 18.436  -6.183  5.254   1.00 0.00 ? 47  MET A HE2  1 
ATOM 408  H HE3  . MET A 1 47  ? 17.355  -5.722  3.903   1.00 0.00 ? 47  MET A HE3  1 
ATOM 409  N N    . ILE A 1 48  ? 13.326  -3.923  5.736   1.00 0.00 ? 48  ILE A N    1 
ATOM 410  C CA   . ILE A 1 48  ? 13.589  -2.519  5.292   1.00 0.00 ? 48  ILE A CA   1 
ATOM 411  C C    . ILE A 1 48  ? 14.761  -2.514  4.233   1.00 0.00 ? 48  ILE A C    1 
ATOM 412  O O    . ILE A 1 48  ? 15.811  -3.141  4.405   1.00 0.00 ? 48  ILE A O    1 
ATOM 413  C CB   . ILE A 1 48  ? 13.682  -1.474  6.466   1.00 0.00 ? 48  ILE A CB   1 
ATOM 414  C CG1  . ILE A 1 48  ? 12.668  -0.301  6.302   1.00 0.00 ? 48  ILE A CG1  1 
ATOM 415  C CG2  . ILE A 1 48  ? 15.094  -0.905  6.749   1.00 0.00 ? 48  ILE A CG2  1 
ATOM 416  C CD1  . ILE A 1 48  ? 12.831  0.667   5.115   1.00 0.00 ? 48  ILE A CD1  1 
ATOM 417  H H    . ILE A 1 48  ? 13.504  -4.232  6.689   1.00 0.00 ? 48  ILE A H    1 
ATOM 418  H HA   . ILE A 1 48  ? 12.657  -2.256  4.757   1.00 0.00 ? 48  ILE A HA   1 
ATOM 419  H HB   . ILE A 1 48  ? 13.381  -1.990  7.399   1.00 0.00 ? 48  ILE A HB   1 
ATOM 420  H HG12 . ILE A 1 48  ? 11.665  -0.750  6.187   1.00 0.00 ? 48  ILE A HG12 1 
ATOM 421  H HG13 . ILE A 1 48  ? 12.624  0.282   7.243   1.00 0.00 ? 48  ILE A HG13 1 
ATOM 422  H HG21 . ILE A 1 48  ? 15.821  -1.715  6.935   1.00 0.00 ? 48  ILE A HG21 1 
ATOM 423  H HG22 . ILE A 1 48  ? 15.483  -0.327  5.888   1.00 0.00 ? 48  ILE A HG22 1 
ATOM 424  H HG23 . ILE A 1 48  ? 15.105  -0.231  7.624   1.00 0.00 ? 48  ILE A HG23 1 
ATOM 425  H HD11 . ILE A 1 48  ? 13.821  1.159   5.086   1.00 0.00 ? 48  ILE A HD11 1 
ATOM 426  H HD12 . ILE A 1 48  ? 12.687  0.157   4.149   1.00 0.00 ? 48  ILE A HD12 1 
ATOM 427  H HD13 . ILE A 1 48  ? 12.072  1.473   5.144   1.00 0.00 ? 48  ILE A HD13 1 
ATOM 428  N N    . GLY A 1 49  ? 14.527  -1.818  3.127   1.00 0.00 ? 49  GLY A N    1 
ATOM 429  C CA   . GLY A 1 49  ? 15.454  -1.835  1.951   1.00 0.00 ? 49  GLY A CA   1 
ATOM 430  C C    . GLY A 1 49  ? 15.298  -3.002  0.916   1.00 0.00 ? 49  GLY A C    1 
ATOM 431  O O    . GLY A 1 49  ? 16.151  -3.151  0.040   1.00 0.00 ? 49  GLY A O    1 
ATOM 432  H H    . GLY A 1 49  ? 13.820  -1.089  3.308   1.00 0.00 ? 49  GLY A H    1 
ATOM 433  H HA2  . GLY A 1 49  ? 15.313  -0.896  1.397   1.00 0.00 ? 49  GLY A HA2  1 
ATOM 434  H HA3  . GLY A 1 49  ? 16.513  -1.797  2.279   1.00 0.00 ? 49  GLY A HA3  1 
ATOM 435  N N    . ASP A 1 50  ? 14.209  -3.791  0.958   1.00 0.00 ? 50  ASP A N    1 
ATOM 436  C CA   . ASP A 1 50  ? 13.968  -4.956  0.058   1.00 0.00 ? 50  ASP A CA   1 
ATOM 437  C C    . ASP A 1 50  ? 13.360  -4.578  -1.332  1.00 0.00 ? 50  ASP A C    1 
ATOM 438  O O    . ASP A 1 50  ? 12.499  -3.704  -1.417  1.00 0.00 ? 50  ASP A O    1 
ATOM 439  C CB   . ASP A 1 50  ? 12.947  -5.856  0.818   1.00 0.00 ? 50  ASP A CB   1 
ATOM 440  C CG   . ASP A 1 50  ? 12.822  -7.327  0.492   1.00 0.00 ? 50  ASP A CG   1 
ATOM 441  O OD1  . ASP A 1 50  ? 12.486  -8.162  1.326   1.00 0.00 ? 50  ASP A OD1  1 
ATOM 442  O OD2  . ASP A 1 50  ? 13.076  -7.613  -0.809  1.00 0.00 ? 50  ASP A OD2  1 
ATOM 443  H H    . ASP A 1 50  ? 13.600  -3.586  1.757   1.00 0.00 ? 50  ASP A H    1 
ATOM 444  H HA   . ASP A 1 50  ? 14.921  -5.504  -0.096  1.00 0.00 ? 50  ASP A HA   1 
ATOM 445  H HB2  . ASP A 1 50  ? 13.178  -5.865  1.893   1.00 0.00 ? 50  ASP A HB2  1 
ATOM 446  H HB3  . ASP A 1 50  ? 11.923  -5.449  0.707   1.00 0.00 ? 50  ASP A HB3  1 
ATOM 447  H HD2  . ASP A 1 50  ? 12.970  -8.554  -0.965  1.00 0.00 ? 50  ASP A HD2  1 
ATOM 448  N N    . ARG A 1 51  ? 13.742  -5.294  -2.400  1.00 0.00 ? 51  ARG A N    1 
ATOM 449  C CA   . ARG A 1 51  ? 13.136  -5.097  -3.754  1.00 0.00 ? 51  ARG A CA   1 
ATOM 450  C C    . ARG A 1 51  ? 11.819  -5.935  -3.799  1.00 0.00 ? 51  ARG A C    1 
ATOM 451  O O    . ARG A 1 51  ? 11.850  -7.121  -3.464  1.00 0.00 ? 51  ARG A O    1 
ATOM 452  C CB   . ARG A 1 51  ? 14.184  -5.509  -4.822  1.00 0.00 ? 51  ARG A CB   1 
ATOM 453  C CG   . ARG A 1 51  ? 13.787  -5.252  -6.297  1.00 0.00 ? 51  ARG A CG   1 
ATOM 454  C CD   . ARG A 1 51  ? 13.789  -3.766  -6.695  1.00 0.00 ? 51  ARG A CD   1 
ATOM 455  N NE   . ARG A 1 51  ? 13.424  -3.639  -8.145  1.00 0.00 ? 51  ARG A NE   1 
ATOM 456  C CZ   . ARG A 1 51  ? 12.367  -3.278  -8.731  1.00 0.00 ? 51  ARG A CZ   1 
ATOM 457  N NH1  . ARG A 1 51  ? 11.293  -2.923  -8.108  1.00 0.00 ? 51  ARG A NH1  1 
ATOM 458  N NH2  . ARG A 1 51  ? 12.358  -3.267  -10.016 1.00 0.00 ? 51  ARG A NH2  1 
ATOM 459  H H    . ARG A 1 51  ? 13.960  -6.253  -2.094  1.00 0.00 ? 51  ARG A H    1 
ATOM 460  H HA   . ARG A 1 51  ? 12.880  -4.029  -3.899  1.00 0.00 ? 51  ARG A HA   1 
ATOM 461  H HB2  . ARG A 1 51  ? 15.144  -4.991  -4.622  1.00 0.00 ? 51  ARG A HB2  1 
ATOM 462  H HB3  . ARG A 1 51  ? 14.416  -6.586  -4.704  1.00 0.00 ? 51  ARG A HB3  1 
ATOM 463  H HG2  . ARG A 1 51  ? 14.491  -5.791  -6.962  1.00 0.00 ? 51  ARG A HG2  1 
ATOM 464  H HG3  . ARG A 1 51  ? 12.797  -5.701  -6.521  1.00 0.00 ? 51  ARG A HG3  1 
ATOM 465  H HD2  . ARG A 1 51  ? 13.103  -3.172  -6.061  1.00 0.00 ? 51  ARG A HD2  1 
ATOM 466  H HD3  . ARG A 1 51  ? 14.792  -3.324  -6.532  1.00 0.00 ? 51  ARG A HD3  1 
ATOM 467  H HH11 . ARG A 1 51  ? 11.363  -2.996  -7.091  1.00 0.00 ? 51  ARG A HH11 1 
ATOM 468  H HH12 . ARG A 1 51  ? 10.494  -2.666  -8.689  1.00 0.00 ? 51  ARG A HH12 1 
ATOM 469  H HH21 . ARG A 1 51  ? 13.253  -3.555  -10.411 1.00 0.00 ? 51  ARG A HH21 1 
ATOM 470  H HH22 . ARG A 1 51  ? 11.493  -2.976  -10.472 1.00 0.00 ? 51  ARG A HH22 1 
ATOM 471  N N    . VAL A 1 52  ? 10.675  -5.340  -4.164  1.00 0.00 ? 52  VAL A N    1 
ATOM 472  C CA   . VAL A 1 52  ? 9.339   -6.019  -4.074  1.00 0.00 ? 52  VAL A CA   1 
ATOM 473  C C    . VAL A 1 52  ? 8.527   -5.892  -5.421  1.00 0.00 ? 52  VAL A C    1 
ATOM 474  O O    . VAL A 1 52  ? 8.522   -4.822  -6.046  1.00 0.00 ? 52  VAL A O    1 
ATOM 475  C CB   . VAL A 1 52  ? 8.569   -5.435  -2.818  1.00 0.00 ? 52  VAL A CB   1 
ATOM 476  C CG1  . VAL A 1 52  ? 9.350   -5.468  -1.477  1.00 0.00 ? 52  VAL A CG1  1 
ATOM 477  C CG2  . VAL A 1 52  ? 8.047   -3.998  -3.011  1.00 0.00 ? 52  VAL A CG2  1 
ATOM 478  H H    . VAL A 1 52  ? 10.749  -4.357  -4.461  1.00 0.00 ? 52  VAL A H    1 
ATOM 479  H HA   . VAL A 1 52  ? 9.482   -7.108  -3.888  1.00 0.00 ? 52  VAL A HA   1 
ATOM 480  H HB   . VAL A 1 52  ? 7.671   -6.049  -2.634  1.00 0.00 ? 52  VAL A HB   1 
ATOM 481  H HG11 . VAL A 1 52  ? 9.882   -6.418  -1.322  1.00 0.00 ? 52  VAL A HG11 1 
ATOM 482  H HG12 . VAL A 1 52  ? 10.134  -4.689  -1.446  1.00 0.00 ? 52  VAL A HG12 1 
ATOM 483  H HG13 . VAL A 1 52  ? 8.694   -5.319  -0.602  1.00 0.00 ? 52  VAL A HG13 1 
ATOM 484  H HG21 . VAL A 1 52  ? 7.355   -3.934  -3.870  1.00 0.00 ? 52  VAL A HG21 1 
ATOM 485  H HG22 . VAL A 1 52  ? 7.495   -3.631  -2.132  1.00 0.00 ? 52  VAL A HG22 1 
ATOM 486  H HG23 . VAL A 1 52  ? 8.874   -3.292  -3.211  1.00 0.00 ? 52  VAL A HG23 1 
ATOM 487  N N    . PHE A 1 53  ? 7.777   -6.932  -5.847  1.00 0.00 ? 53  PHE A N    1 
ATOM 488  C CA   . PHE A 1 53  ? 7.006   -6.906  -7.117  1.00 0.00 ? 53  PHE A CA   1 
ATOM 489  C C    . PHE A 1 53  ? 5.485   -7.027  -6.757  1.00 0.00 ? 53  PHE A C    1 
ATOM 490  O O    . PHE A 1 53  ? 4.980   -8.092  -6.384  1.00 0.00 ? 53  PHE A O    1 
ATOM 491  C CB   . PHE A 1 53  ? 7.560   -8.018  -8.052  1.00 0.00 ? 53  PHE A CB   1 
ATOM 492  C CG   . PHE A 1 53  ? 9.093   -8.049  -8.283  1.00 0.00 ? 53  PHE A CG   1 
ATOM 493  C CD1  . PHE A 1 53  ? 9.717   -7.056  -9.044  1.00 0.00 ? 53  PHE A CD1  1 
ATOM 494  C CD2  . PHE A 1 53  ? 9.881   -8.984  -7.598  1.00 0.00 ? 53  PHE A CD2  1 
ATOM 495  C CE1  . PHE A 1 53  ? 11.107  -6.996  -9.118  1.00 0.00 ? 53  PHE A CE1  1 
ATOM 496  C CE2  . PHE A 1 53  ? 11.271  -8.922  -7.673  1.00 0.00 ? 53  PHE A CE2  1 
ATOM 497  C CZ   . PHE A 1 53  ? 11.882  -7.929  -8.433  1.00 0.00 ? 53  PHE A CZ   1 
ATOM 498  H H    . PHE A 1 53  ? 7.976   -7.870  -5.481  1.00 0.00 ? 53  PHE A H    1 
ATOM 499  H HA   . PHE A 1 53  ? 7.161   -5.952  -7.665  1.00 0.00 ? 53  PHE A HA   1 
ATOM 500  H HB2  . PHE A 1 53  ? 7.216   -9.013  -7.732  1.00 0.00 ? 53  PHE A HB2  1 
ATOM 501  H HB3  . PHE A 1 53  ? 7.054   -7.884  -9.011  1.00 0.00 ? 53  PHE A HB3  1 
ATOM 502  H HD1  . PHE A 1 53  ? 9.129   -6.300  -9.539  1.00 0.00 ? 53  PHE A HD1  1 
ATOM 503  H HD2  . PHE A 1 53  ? 9.427   -9.732  -6.963  1.00 0.00 ? 53  PHE A HD2  1 
ATOM 504  H HE1  . PHE A 1 53  ? 11.588  -6.209  -9.683  1.00 0.00 ? 53  PHE A HE1  1 
ATOM 505  H HE2  . PHE A 1 53  ? 11.873  -9.631  -7.122  1.00 0.00 ? 53  PHE A HE2  1 
ATOM 506  H HZ   . PHE A 1 53  ? 12.961  -7.869  -8.477  1.00 0.00 ? 53  PHE A HZ   1 
ATOM 507  N N    . VAL A 1 54  ? 4.784   -5.892  -6.840  1.00 0.00 ? 54  VAL A N    1 
ATOM 508  C CA   . VAL A 1 54  ? 3.353   -5.737  -6.432  1.00 0.00 ? 54  VAL A CA   1 
ATOM 509  C C    . VAL A 1 54  ? 2.349   -5.615  -7.617  1.00 0.00 ? 54  VAL A C    1 
ATOM 510  O O    . VAL A 1 54  ? 2.700   -5.471  -8.792  1.00 0.00 ? 54  VAL A O    1 
ATOM 511  C CB   . VAL A 1 54  ? 3.206   -4.444  -5.505  1.00 0.00 ? 54  VAL A CB   1 
ATOM 512  C CG1  . VAL A 1 54  ? 3.662   -4.687  -4.077  1.00 0.00 ? 54  VAL A CG1  1 
ATOM 513  C CG2  . VAL A 1 54  ? 3.744   -3.134  -6.092  1.00 0.00 ? 54  VAL A CG2  1 
ATOM 514  H H    . VAL A 1 54  ? 5.151   -5.271  -7.570  1.00 0.00 ? 54  VAL A H    1 
ATOM 515  H HA   . VAL A 1 54  ? 3.049   -6.638  -5.869  1.00 0.00 ? 54  VAL A HA   1 
ATOM 516  H HB   . VAL A 1 54  ? 2.161   -4.139  -5.328  1.00 0.00 ? 54  VAL A HB   1 
ATOM 517  H HG11 . VAL A 1 54  ? 3.127   -5.569  -3.667  1.00 0.00 ? 54  VAL A HG11 1 
ATOM 518  H HG12 . VAL A 1 54  ? 4.744   -4.877  -4.044  1.00 0.00 ? 54  VAL A HG12 1 
ATOM 519  H HG13 . VAL A 1 54  ? 3.411   -3.830  -3.429  1.00 0.00 ? 54  VAL A HG13 1 
ATOM 520  H HG21 . VAL A 1 54  ? 3.317   -3.023  -7.100  1.00 0.00 ? 54  VAL A HG21 1 
ATOM 521  H HG22 . VAL A 1 54  ? 3.428   -2.248  -5.515  1.00 0.00 ? 54  VAL A HG22 1 
ATOM 522  H HG23 . VAL A 1 54  ? 4.839   -3.139  -6.207  1.00 0.00 ? 54  VAL A HG23 1 
ATOM 523  N N    . HIS A 1 55  ? 1.055   -5.677  -7.276  1.00 0.00 ? 55  HIS A N    1 
ATOM 524  C CA   . HIS A 1 55  ? -0.019  -5.328  -8.264  1.00 0.00 ? 55  HIS A CA   1 
ATOM 525  C C    . HIS A 1 55  ? -1.122  -4.524  -7.512  1.00 0.00 ? 55  HIS A C    1 
ATOM 526  O O    . HIS A 1 55  ? -1.742  -5.079  -6.602  1.00 0.00 ? 55  HIS A O    1 
ATOM 527  C CB   . HIS A 1 55  ? -0.533  -6.539  -9.094  1.00 0.00 ? 55  HIS A CB   1 
ATOM 528  C CG   . HIS A 1 55  ? -0.852  -6.382  -10.573 1.00 0.00 ? 55  HIS A CG   1 
ATOM 529  N ND1  . HIS A 1 55  ? -0.830  -5.217  -11.317 1.00 0.00 ? 55  HIS A ND1  1 
ATOM 530  C CD2  . HIS A 1 55  ? -1.147  -7.484  -11.387 1.00 0.00 ? 55  HIS A CD2  1 
ATOM 531  C CE1  . HIS A 1 55  ? -1.109  -5.743  -12.557 1.00 0.00 ? 55  HIS A CE1  1 
ATOM 532  N NE2  . HIS A 1 55  ? -1.281  -7.090  -12.704 1.00 0.00 ? 55  HIS A NE2  1 
ATOM 533  H H    . HIS A 1 55  ? 0.946   -6.050  -6.292  1.00 0.00 ? 55  HIS A H    1 
ATOM 534  H HA   . HIS A 1 55  ? 0.440   -4.612  -8.964  1.00 0.00 ? 55  HIS A HA   1 
ATOM 535  H HB2  . HIS A 1 55  ? 0.197   -7.357  -9.098  1.00 0.00 ? 55  HIS A HB2  1 
ATOM 536  H HB3  . HIS A 1 55  ? -1.415  -6.952  -8.606  1.00 0.00 ? 55  HIS A HB3  1 
ATOM 537  H HD2  . HIS A 1 55  ? -1.318  -8.479  -10.995 1.00 0.00 ? 55  HIS A HD2  1 
ATOM 538  H HE1  . HIS A 1 55  ? -1.209  -5.091  -13.414 1.00 0.00 ? 55  HIS A HE1  1 
ATOM 539  H HE2  . HIS A 1 55  ? -1.529  -7.621  -13.547 1.00 0.00 ? 55  HIS A HE2  1 
ATOM 540  N N    . TYR A 1 56  ? -1.376  -3.238  -7.857  1.00 0.00 ? 56  TYR A N    1 
ATOM 541  C CA   . TYR A 1 56  ? -2.339  -2.398  -7.064  1.00 0.00 ? 56  TYR A CA   1 
ATOM 542  C C    . TYR A 1 56  ? -3.654  -1.926  -7.785  1.00 0.00 ? 56  TYR A C    1 
ATOM 543  O O    . TYR A 1 56  ? -3.690  -1.636  -8.984  1.00 0.00 ? 56  TYR A O    1 
ATOM 544  C CB   . TYR A 1 56  ? -1.722  -1.156  -6.326  1.00 0.00 ? 56  TYR A CB   1 
ATOM 545  C CG   . TYR A 1 56  ? -1.441  0.108   -7.135  1.00 0.00 ? 56  TYR A CG   1 
ATOM 546  C CD1  . TYR A 1 56  ? -0.372  0.139   -8.016  1.00 0.00 ? 56  TYR A CD1  1 
ATOM 547  C CD2  . TYR A 1 56  ? -2.243  1.241   -6.980  1.00 0.00 ? 56  TYR A CD2  1 
ATOM 548  C CE1  . TYR A 1 56  ? -0.060  1.311   -8.697  1.00 0.00 ? 56  TYR A CE1  1 
ATOM 549  C CE2  . TYR A 1 56  ? -1.897  2.428   -7.615  1.00 0.00 ? 56  TYR A CE2  1 
ATOM 550  C CZ   . TYR A 1 56  ? -0.801  2.467   -8.470  1.00 0.00 ? 56  TYR A CZ   1 
ATOM 551  O OH   . TYR A 1 56  ? -0.474  3.634   -9.101  1.00 0.00 ? 56  TYR A OH   1 
ATOM 552  H H    . TYR A 1 56  ? -1.288  -3.144  -8.880  1.00 0.00 ? 56  TYR A H    1 
ATOM 553  H HA   . TYR A 1 56  ? -2.592  -2.987  -6.191  1.00 0.00 ? 56  TYR A HA   1 
ATOM 554  H HB2  . TYR A 1 56  ? -2.335  -0.839  -5.463  1.00 0.00 ? 56  TYR A HB2  1 
ATOM 555  H HB3  . TYR A 1 56  ? -0.884  -1.434  -5.699  1.00 0.00 ? 56  TYR A HB3  1 
ATOM 556  H HD1  . TYR A 1 56  ? 0.203   -0.758  -8.153  1.00 0.00 ? 56  TYR A HD1  1 
ATOM 557  H HD2  . TYR A 1 56  ? -3.134  1.198   -6.368  1.00 0.00 ? 56  TYR A HD2  1 
ATOM 558  H HE1  . TYR A 1 56  ? 0.758   1.300   -9.390  1.00 0.00 ? 56  TYR A HE1  1 
ATOM 559  H HE2  . TYR A 1 56  ? -2.476  3.314   -7.439  1.00 0.00 ? 56  TYR A HE2  1 
ATOM 560  H HH   . TYR A 1 56  ? 0.259   3.463   -9.696  1.00 0.00 ? 56  TYR A HH   1 
ATOM 561  N N    . THR A 1 57  ? -4.708  -1.785  -6.975  1.00 0.00 ? 57  THR A N    1 
ATOM 562  C CA   . THR A 1 57  ? -5.950  -1.026  -7.331  1.00 0.00 ? 57  THR A CA   1 
ATOM 563  C C    . THR A 1 57  ? -6.049  0.105   -6.250  1.00 0.00 ? 57  THR A C    1 
ATOM 564  O O    . THR A 1 57  ? -5.647  -0.094  -5.100  1.00 0.00 ? 57  THR A O    1 
ATOM 565  C CB   . THR A 1 57  ? -7.266  -1.858  -7.402  1.00 0.00 ? 57  THR A CB   1 
ATOM 566  O OG1  . THR A 1 57  ? -7.087  -3.002  -8.228  1.00 0.00 ? 57  THR A OG1  1 
ATOM 567  C CG2  . THR A 1 57  ? -8.425  -1.049  -8.014  1.00 0.00 ? 57  THR A CG2  1 
ATOM 568  H H    . THR A 1 57  ? -4.547  -2.153  -6.022  1.00 0.00 ? 57  THR A H    1 
ATOM 569  H HA   . THR A 1 57  ? -5.827  -0.549  -8.322  1.00 0.00 ? 57  THR A HA   1 
ATOM 570  H HB   . THR A 1 57  ? -7.591  -2.178  -6.388  1.00 0.00 ? 57  THR A HB   1 
ATOM 571  H HG1  . THR A 1 57  ? -6.395  -3.525  -7.809  1.00 0.00 ? 57  THR A HG1  1 
ATOM 572  H HG21 . THR A 1 57  ? -8.170  -0.618  -8.993  1.00 0.00 ? 57  THR A HG21 1 
ATOM 573  H HG22 . THR A 1 57  ? -9.336  -1.658  -8.148  1.00 0.00 ? 57  THR A HG22 1 
ATOM 574  H HG23 . THR A 1 57  ? -8.718  -0.189  -7.378  1.00 0.00 ? 57  THR A HG23 1 
ATOM 575  N N    . GLY A 1 58  ? -6.552  1.299   -6.572  1.00 0.00 ? 58  GLY A N    1 
ATOM 576  C CA   . GLY A 1 58  ? -6.684  2.385   -5.570  1.00 0.00 ? 58  GLY A CA   1 
ATOM 577  C C    . GLY A 1 58  ? -7.797  3.430   -5.835  1.00 0.00 ? 58  GLY A C    1 
ATOM 578  O O    . GLY A 1 58  ? -8.084  3.855   -6.955  1.00 0.00 ? 58  GLY A O    1 
ATOM 579  H H    . GLY A 1 58  ? -6.905  1.385   -7.533  1.00 0.00 ? 58  GLY A H    1 
ATOM 580  H HA2  . GLY A 1 58  ? -6.918  1.895   -4.613  1.00 0.00 ? 58  GLY A HA2  1 
ATOM 581  H HA3  . GLY A 1 58  ? -5.703  2.826   -5.346  1.00 0.00 ? 58  GLY A HA3  1 
ATOM 582  N N    . TRP A 1 59  ? -8.409  3.816   -4.717  1.00 0.00 ? 59  TRP A N    1 
ATOM 583  C CA   . TRP A 1 59  ? -9.577  4.699   -4.606  1.00 0.00 ? 59  TRP A CA   1 
ATOM 584  C C    . TRP A 1 59  ? -9.407  5.862   -3.584  1.00 0.00 ? 59  TRP A C    1 
ATOM 585  O O    . TRP A 1 59  ? -8.721  5.745   -2.563  1.00 0.00 ? 59  TRP A O    1 
ATOM 586  C CB   . TRP A 1 59  ? -10.864 3.923   -4.160  1.00 0.00 ? 59  TRP A CB   1 
ATOM 587  C CG   . TRP A 1 59  ? -11.150 2.536   -4.773  1.00 0.00 ? 59  TRP A CG   1 
ATOM 588  C CD1  . TRP A 1 59  ? -12.100 2.420   -5.777  1.00 0.00 ? 59  TRP A CD1  1 
ATOM 589  C CD2  . TRP A 1 59  ? -10.609 1.255   -4.633  1.00 0.00 ? 59  TRP A CD2  1 
ATOM 590  N NE1  . TRP A 1 59  ? -12.137 1.146   -6.361  1.00 0.00 ? 59  TRP A NE1  1 
ATOM 591  C CE2  . TRP A 1 59  ? -11.216 0.435   -5.622  1.00 0.00 ? 59  TRP A CE2  1 
ATOM 592  C CE3  . TRP A 1 59  ? -9.625  0.696   -3.766  1.00 0.00 ? 59  TRP A CE3  1 
ATOM 593  C CZ2  . TRP A 1 59  ? -10.824 -0.909  -5.767  1.00 0.00 ? 59  TRP A CZ2  1 
ATOM 594  C CZ3  . TRP A 1 59  ? -9.340  -0.662  -3.866  1.00 0.00 ? 59  TRP A CZ3  1 
ATOM 595  C CH2  . TRP A 1 59  ? -9.920  -1.453  -4.858  1.00 0.00 ? 59  TRP A CH2  1 
ATOM 596  H H    . TRP A 1 59  ? -7.994  3.422   -3.889  1.00 0.00 ? 59  TRP A H    1 
ATOM 597  H HA   . TRP A 1 59  ? -9.750  5.114   -5.589  1.00 0.00 ? 59  TRP A HA   1 
ATOM 598  H HB2  . TRP A 1 59  ? -11.028 3.933   -3.068  1.00 0.00 ? 59  TRP A HB2  1 
ATOM 599  H HB3  . TRP A 1 59  ? -11.702 4.589   -4.445  1.00 0.00 ? 59  TRP A HB3  1 
ATOM 600  H HD1  . TRP A 1 59  ? -12.721 3.258   -5.999  1.00 0.00 ? 59  TRP A HD1  1 
ATOM 601  H HE1  . TRP A 1 59  ? -12.716 0.804   -7.136  1.00 0.00 ? 59  TRP A HE1  1 
ATOM 602  H HE3  . TRP A 1 59  ? -9.071  1.249   -3.037  1.00 0.00 ? 59  TRP A HE3  1 
ATOM 603  H HZ2  . TRP A 1 59  ? -11.096 -1.464  -6.644  1.00 0.00 ? 59  TRP A HZ2  1 
ATOM 604  H HZ3  . TRP A 1 59  ? -8.652  -1.104  -3.168  1.00 0.00 ? 59  TRP A HZ3  1 
ATOM 605  H HH2  . TRP A 1 59  ? -9.629  -2.487  -4.961  1.00 0.00 ? 59  TRP A HH2  1 
ATOM 606  N N    . LEU A 1 60  ? -10.069 6.996   -3.852  1.00 0.00 ? 60  LEU A N    1 
ATOM 607  C CA   . LEU A 1 60  ? -10.199 8.084   -2.844  1.00 0.00 ? 60  LEU A CA   1 
ATOM 608  C C    . LEU A 1 60  ? -11.362 7.698   -1.863  1.00 0.00 ? 60  LEU A C    1 
ATOM 609  O O    . LEU A 1 60  ? -12.198 6.820   -2.121  1.00 0.00 ? 60  LEU A O    1 
ATOM 610  C CB   . LEU A 1 60  ? -10.495 9.447   -3.540  1.00 0.00 ? 60  LEU A CB   1 
ATOM 611  C CG   . LEU A 1 60  ? -10.106 10.764  -2.827  1.00 0.00 ? 60  LEU A CG   1 
ATOM 612  C CD1  . LEU A 1 60  ? -8.618  10.846  -2.453  1.00 0.00 ? 60  LEU A CD1  1 
ATOM 613  C CD2  . LEU A 1 60  ? -10.453 11.966  -3.723  1.00 0.00 ? 60  LEU A CD2  1 
ATOM 614  H H    . LEU A 1 60  ? -10.533 6.993   -4.771  1.00 0.00 ? 60  LEU A H    1 
ATOM 615  H HA   . LEU A 1 60  ? -9.255  8.166   -2.270  1.00 0.00 ? 60  LEU A HA   1 
ATOM 616  H HB2  . LEU A 1 60  ? -10.154 9.435   -4.588  1.00 0.00 ? 60  LEU A HB2  1 
ATOM 617  H HB3  . LEU A 1 60  ? -11.583 9.544   -3.601  1.00 0.00 ? 60  LEU A HB3  1 
ATOM 618  H HG   . LEU A 1 60  ? -10.742 10.837  -1.916  1.00 0.00 ? 60  LEU A HG   1 
ATOM 619  H HD11 . LEU A 1 60  ? -7.957  10.569  -3.296  1.00 0.00 ? 60  LEU A HD11 1 
ATOM 620  H HD12 . LEU A 1 60  ? -8.313  11.856  -2.126  1.00 0.00 ? 60  LEU A HD12 1 
ATOM 621  H HD13 . LEU A 1 60  ? -8.372  10.178  -1.608  1.00 0.00 ? 60  LEU A HD13 1 
ATOM 622  H HD21 . LEU A 1 60  ? -11.522 11.977  -4.008  1.00 0.00 ? 60  LEU A HD21 1 
ATOM 623  H HD22 . LEU A 1 60  ? -10.253 12.929  -3.217  1.00 0.00 ? 60  LEU A HD22 1 
ATOM 624  H HD23 . LEU A 1 60  ? -9.868  11.969  -4.664  1.00 0.00 ? 60  LEU A HD23 1 
ATOM 625  N N    . LEU A 1 61  ? -11.467 8.430   -0.756  1.00 0.00 ? 61  LEU A N    1 
ATOM 626  C CA   . LEU A 1 61  ? -12.538 8.209   0.258   1.00 0.00 ? 61  LEU A CA   1 
ATOM 627  C C    . LEU A 1 61  ? -14.017 8.372   -0.218  1.00 0.00 ? 61  LEU A C    1 
ATOM 628  O O    . LEU A 1 61  ? -14.907 7.726   0.337   1.00 0.00 ? 61  LEU A O    1 
ATOM 629  C CB   . LEU A 1 61  ? -12.208 8.925   1.601   1.00 0.00 ? 61  LEU A CB   1 
ATOM 630  C CG   . LEU A 1 61  ? -12.431 10.452  1.824   1.00 0.00 ? 61  LEU A CG   1 
ATOM 631  C CD1  . LEU A 1 61  ? -11.836 11.352  0.732   1.00 0.00 ? 61  LEU A CD1  1 
ATOM 632  C CD2  . LEU A 1 61  ? -13.901 10.831  2.069   1.00 0.00 ? 61  LEU A CD2  1 
ATOM 633  H H    . LEU A 1 61  ? -10.765 9.165   -0.724  1.00 0.00 ? 61  LEU A H    1 
ATOM 634  H HA   . LEU A 1 61  ? -12.489 7.116   0.421   1.00 0.00 ? 61  LEU A HA   1 
ATOM 635  H HB2  . LEU A 1 61  ? -12.755 8.387   2.399   1.00 0.00 ? 61  LEU A HB2  1 
ATOM 636  H HB3  . LEU A 1 61  ? -11.152 8.697   1.834   1.00 0.00 ? 61  LEU A HB3  1 
ATOM 637  H HG   . LEU A 1 61  ? -11.900 10.706  2.763   1.00 0.00 ? 61  LEU A HG   1 
ATOM 638  H HD11 . LEU A 1 61  ? -10.774 11.110  0.540   1.00 0.00 ? 61  LEU A HD11 1 
ATOM 639  H HD12 . LEU A 1 61  ? -12.376 11.253  -0.226  1.00 0.00 ? 61  LEU A HD12 1 
ATOM 640  H HD13 . LEU A 1 61  ? -11.876 12.420  1.014   1.00 0.00 ? 61  LEU A HD13 1 
ATOM 641  H HD21 . LEU A 1 61  ? -14.362 10.206  2.857   1.00 0.00 ? 61  LEU A HD21 1 
ATOM 642  H HD22 . LEU A 1 61  ? -14.003 11.881  2.398   1.00 0.00 ? 61  LEU A HD22 1 
ATOM 643  H HD23 . LEU A 1 61  ? -14.529 10.721  1.167   1.00 0.00 ? 61  LEU A HD23 1 
ATOM 644  N N    . ASP A 1 62  ? -14.277 9.196   -1.251  1.00 0.00 ? 62  ASP A N    1 
ATOM 645  C CA   . ASP A 1 62  ? -15.634 9.274   -1.872  1.00 0.00 ? 62  ASP A CA   1 
ATOM 646  C C    . ASP A 1 62  ? -16.015 8.023   -2.785  1.00 0.00 ? 62  ASP A C    1 
ATOM 647  O O    . ASP A 1 62  ? -17.096 8.015   -3.377  1.00 0.00 ? 62  ASP A O    1 
ATOM 648  C CB   . ASP A 1 62  ? -15.636 10.631  -2.631  1.00 0.00 ? 62  ASP A CB   1 
ATOM 649  C CG   . ASP A 1 62  ? -17.001 11.089  -3.129  1.00 0.00 ? 62  ASP A CG   1 
ATOM 650  O OD1  . ASP A 1 62  ? -17.859 11.583  -2.407  1.00 0.00 ? 62  ASP A OD1  1 
ATOM 651  O OD2  . ASP A 1 62  ? -17.160 10.888  -4.464  1.00 0.00 ? 62  ASP A OD2  1 
ATOM 652  H H    . ASP A 1 62  ? -13.447 9.721   -1.571  1.00 0.00 ? 62  ASP A H    1 
ATOM 653  H HA   . ASP A 1 62  ? -16.412 9.307   -1.080  1.00 0.00 ? 62  ASP A HA   1 
ATOM 654  H HB2  . ASP A 1 62  ? -15.274 11.445  -1.976  1.00 0.00 ? 62  ASP A HB2  1 
ATOM 655  H HB3  . ASP A 1 62  ? -14.933 10.603  -3.484  1.00 0.00 ? 62  ASP A HB3  1 
ATOM 656  H HD2  . ASP A 1 62  ? -18.055 11.135  -4.699  1.00 0.00 ? 62  ASP A HD2  1 
ATOM 657  N N    . GLY A 1 63  ? -15.173 6.966   -2.900  1.00 0.00 ? 63  GLY A N    1 
ATOM 658  C CA   . GLY A 1 63  ? -15.437 5.796   -3.807  1.00 0.00 ? 63  GLY A CA   1 
ATOM 659  C C    . GLY A 1 63  ? -15.143 6.072   -5.298  1.00 0.00 ? 63  GLY A C    1 
ATOM 660  O O    . GLY A 1 63  ? -15.887 5.661   -6.187  1.00 0.00 ? 63  GLY A O    1 
ATOM 661  H H    . GLY A 1 63  ? -14.240 7.169   -2.499  1.00 0.00 ? 63  GLY A H    1 
ATOM 662  H HA2  . GLY A 1 63  ? -14.820 4.909   -3.532  1.00 0.00 ? 63  GLY A HA2  1 
ATOM 663  H HA3  . GLY A 1 63  ? -16.488 5.459   -3.710  1.00 0.00 ? 63  GLY A HA3  1 
ATOM 664  N N    . THR A 1 64  ? -14.023 6.758   -5.548  1.00 0.00 ? 64  THR A N    1 
ATOM 665  C CA   . THR A 1 64  ? -13.583 7.165   -6.903  1.00 0.00 ? 64  THR A CA   1 
ATOM 666  C C    . THR A 1 64  ? -12.235 6.453   -7.191  1.00 0.00 ? 64  THR A C    1 
ATOM 667  O O    . THR A 1 64  ? -11.227 6.723   -6.530  1.00 0.00 ? 64  THR A O    1 
ATOM 668  C CB   . THR A 1 64  ? -13.480 8.717   -6.914  1.00 0.00 ? 64  THR A CB   1 
ATOM 669  O OG1  . THR A 1 64  ? -14.750 9.310   -6.657  1.00 0.00 ? 64  THR A OG1  1 
ATOM 670  C CG2  . THR A 1 64  ? -13.028 9.264   -8.265  1.00 0.00 ? 64  THR A CG2  1 
ATOM 671  H H    . THR A 1 64  ? -13.529 7.031   -4.690  1.00 0.00 ? 64  THR A H    1 
ATOM 672  H HA   . THR A 1 64  ? -14.331 6.879   -7.673  1.00 0.00 ? 64  THR A HA   1 
ATOM 673  H HB   . THR A 1 64  ? -12.763 9.053   -6.136  1.00 0.00 ? 64  THR A HB   1 
ATOM 674  H HG1  . THR A 1 64  ? -15.237 8.690   -6.102  1.00 0.00 ? 64  THR A HG1  1 
ATOM 675  H HG21 . THR A 1 64  ? -13.716 8.943   -9.069  1.00 0.00 ? 64  THR A HG21 1 
ATOM 676  H HG22 . THR A 1 64  ? -13.005 10.366  -8.249  1.00 0.00 ? 64  THR A HG22 1 
ATOM 677  H HG23 . THR A 1 64  ? -12.014 8.904   -8.521  1.00 0.00 ? 64  THR A HG23 1 
ATOM 678  N N    . LYS A 1 65  ? -12.216 5.564   -8.189  1.00 0.00 ? 65  LYS A N    1 
ATOM 679  C CA   . LYS A 1 65  ? -11.004 4.778   -8.532  1.00 0.00 ? 65  LYS A CA   1 
ATOM 680  C C    . LYS A 1 65  ? -9.951  5.620   -9.371  1.00 0.00 ? 65  LYS A C    1 
ATOM 681  O O    . LYS A 1 65  ? -10.070 5.676   -10.600 1.00 0.00 ? 65  LYS A O    1 
ATOM 682  C CB   . LYS A 1 65  ? -11.462 3.503   -9.289  1.00 0.00 ? 65  LYS A CB   1 
ATOM 683  C CG   . LYS A 1 65  ? -10.352 2.426   -9.407  1.00 0.00 ? 65  LYS A CG   1 
ATOM 684  C CD   . LYS A 1 65  ? -10.771 1.203   -10.252 1.00 0.00 ? 65  LYS A CD   1 
ATOM 685  C CE   . LYS A 1 65  ? -10.828 1.489   -11.763 1.00 0.00 ? 65  LYS A CE   1 
ATOM 686  N NZ   . LYS A 1 65  ? -11.006 0.231   -12.514 1.00 0.00 ? 65  LYS A NZ   1 
ATOM 687  H H    . LYS A 1 65  ? -13.066 5.547   -8.760  1.00 0.00 ? 65  LYS A H    1 
ATOM 688  H HA   . LYS A 1 65  ? -10.569 4.379   -7.591  1.00 0.00 ? 65  LYS A HA   1 
ATOM 689  H HB2  . LYS A 1 65  ? -12.330 3.042   -8.778  1.00 0.00 ? 65  LYS A HB2  1 
ATOM 690  H HB3  . LYS A 1 65  ? -11.835 3.781   -10.294 1.00 0.00 ? 65  LYS A HB3  1 
ATOM 691  H HG2  . LYS A 1 65  ? -9.407  2.867   -9.799  1.00 0.00 ? 65  LYS A HG2  1 
ATOM 692  H HG3  . LYS A 1 65  ? -10.082 2.079   -8.390  1.00 0.00 ? 65  LYS A HG3  1 
ATOM 693  H HD2  . LYS A 1 65  ? -10.052 0.389   -10.051 1.00 0.00 ? 65  LYS A HD2  1 
ATOM 694  H HD3  . LYS A 1 65  ? -11.743 0.813   -9.896  1.00 0.00 ? 65  LYS A HD3  1 
ATOM 695  H HE2  . LYS A 1 65  ? -11.658 2.185   -11.999 1.00 0.00 ? 65  LYS A HE2  1 
ATOM 696  H HE3  . LYS A 1 65  ? -9.906  1.998   -12.107 1.00 0.00 ? 65  LYS A HE3  1 
ATOM 697  H HZ1  . LYS A 1 65  ? -10.110 -0.276  -12.582 1.00 0.00 ? 65  LYS A HZ1  1 
ATOM 698  H HZ2  . LYS A 1 65  ? -11.640 -0.405  -12.020 1.00 0.00 ? 65  LYS A HZ2  1 
ATOM 699  N N    . PHE A 1 66  ? -8.941  6.301   -8.777  1.00 0.00 ? 66  PHE A N    1 
ATOM 700  C CA   . PHE A 1 66  ? -7.876  7.005   -9.544  1.00 0.00 ? 66  PHE A CA   1 
ATOM 701  C C    . PHE A 1 66  ? -6.897  6.067   -10.332 1.00 0.00 ? 66  PHE A C    1 
ATOM 702  O O    . PHE A 1 66  ? -6.385  6.492   -11.372 1.00 0.00 ? 66  PHE A O    1 
ATOM 703  C CB   . PHE A 1 66  ? -7.107  7.988   -8.608  1.00 0.00 ? 66  PHE A CB   1 
ATOM 704  C CG   . PHE A 1 66  ? -6.421  7.416   -7.348  1.00 0.00 ? 66  PHE A CG   1 
ATOM 705  C CD1  . PHE A 1 66  ? -5.190  6.748   -7.416  1.00 0.00 ? 66  PHE A CD1  1 
ATOM 706  C CD2  . PHE A 1 66  ? -7.070  7.526   -6.118  1.00 0.00 ? 66  PHE A CD2  1 
ATOM 707  C CE1  . PHE A 1 66  ? -4.635  6.173   -6.273  1.00 0.00 ? 66  PHE A CE1  1 
ATOM 708  C CE2  . PHE A 1 66  ? -6.502  6.972   -4.978  1.00 0.00 ? 66  PHE A CE2  1 
ATOM 709  C CZ   . PHE A 1 66  ? -5.296  6.290   -5.050  1.00 0.00 ? 66  PHE A CZ   1 
ATOM 710  H H    . PHE A 1 66  ? -8.884  6.399   -7.767  1.00 0.00 ? 66  PHE A H    1 
ATOM 711  H HA   . PHE A 1 66  ? -8.358  7.618   -10.330 1.00 0.00 ? 66  PHE A HA   1 
ATOM 712  H HB2  . PHE A 1 66  ? -6.340  8.486   -9.217  1.00 0.00 ? 66  PHE A HB2  1 
ATOM 713  H HB3  . PHE A 1 66  ? -7.769  8.837   -8.340  1.00 0.00 ? 66  PHE A HB3  1 
ATOM 714  H HD1  . PHE A 1 66  ? -4.688  6.624   -8.365  1.00 0.00 ? 66  PHE A HD1  1 
ATOM 715  H HD2  . PHE A 1 66  ? -8.034  8.008   -6.042  1.00 0.00 ? 66  PHE A HD2  1 
ATOM 716  H HE1  . PHE A 1 66  ? -3.708  5.619   -6.352  1.00 0.00 ? 66  PHE A HE1  1 
ATOM 717  H HE2  . PHE A 1 66  ? -7.014  7.045   -4.037  1.00 0.00 ? 66  PHE A HE2  1 
ATOM 718  H HZ   . PHE A 1 66  ? -4.915  5.843   -4.140  1.00 0.00 ? 66  PHE A HZ   1 
ATOM 719  N N    . ASP A 1 67  ? -6.588  4.842   -9.846  1.00 0.00 ? 67  ASP A N    1 
ATOM 720  C CA   . ASP A 1 67  ? -5.697  3.914   -10.592 1.00 0.00 ? 67  ASP A CA   1 
ATOM 721  C C    . ASP A 1 67  ? -6.063  2.420   -10.360 1.00 0.00 ? 67  ASP A C    1 
ATOM 722  O O    . ASP A 1 67  ? -6.617  1.986   -9.346  1.00 0.00 ? 67  ASP A O    1 
ATOM 723  C CB   . ASP A 1 67  ? -4.186  4.214   -10.345 1.00 0.00 ? 67  ASP A CB   1 
ATOM 724  C CG   . ASP A 1 67  ? -3.218  3.529   -11.310 1.00 0.00 ? 67  ASP A CG   1 
ATOM 725  O OD1  . ASP A 1 67  ? -2.577  2.523   -11.024 1.00 0.00 ? 67  ASP A OD1  1 
ATOM 726  O OD2  . ASP A 1 67  ? -3.222  4.090   -12.548 1.00 0.00 ? 67  ASP A OD2  1 
ATOM 727  H H    . ASP A 1 67  ? -7.203  4.549   -9.057  1.00 0.00 ? 67  ASP A H    1 
ATOM 728  H HA   . ASP A 1 67  ? -5.888  4.104   -11.672 1.00 0.00 ? 67  ASP A HA   1 
ATOM 729  H HB2  . ASP A 1 67  ? -4.046  5.290   -10.468 1.00 0.00 ? 67  ASP A HB2  1 
ATOM 730  H HB3  . ASP A 1 67  ? -3.857  3.975   -9.317  1.00 0.00 ? 67  ASP A HB3  1 
ATOM 731  H HD2  . ASP A 1 67  ? -2.706  3.523   -13.143 1.00 0.00 ? 67  ASP A HD2  1 
ATOM 732  N N    . SER A 1 68  ? -5.715  1.641   -11.381 1.00 0.00 ? 68  SER A N    1 
ATOM 733  C CA   . SER A 1 68  ? -5.905  0.176   -11.395 1.00 0.00 ? 68  SER A CA   1 
ATOM 734  C C    . SER A 1 68  ? -4.887  -0.460  -12.379 1.00 0.00 ? 68  SER A C    1 
ATOM 735  O O    . SER A 1 68  ? -5.172  -0.613  -13.574 1.00 0.00 ? 68  SER A O    1 
ATOM 736  C CB   . SER A 1 68  ? -7.384  -0.173  -11.685 1.00 0.00 ? 68  SER A CB   1 
ATOM 737  O OG   . SER A 1 68  ? -7.772  0.181   -13.011 1.00 0.00 ? 68  SER A OG   1 
ATOM 738  H H    . SER A 1 68  ? -5.119  2.158   -12.040 1.00 0.00 ? 68  SER A H    1 
ATOM 739  H HA   . SER A 1 68  ? -5.683  -0.234  -10.395 1.00 0.00 ? 68  SER A HA   1 
ATOM 740  H HB2  . SER A 1 68  ? -7.590  -1.244  -11.495 1.00 0.00 ? 68  SER A HB2  1 
ATOM 741  H HB3  . SER A 1 68  ? -8.025  0.360   -10.960 1.00 0.00 ? 68  SER A HB3  1 
ATOM 742  H HG   . SER A 1 68  ? -6.994  0.044   -13.566 1.00 0.00 ? 68  SER A HG   1 
ATOM 743  N N    . SER A 1 69  ? -3.699  -0.838  -11.870 1.00 0.00 ? 69  SER A N    1 
ATOM 744  C CA   . SER A 1 69  ? -2.638  -1.520  -12.678 1.00 0.00 ? 69  SER A CA   1 
ATOM 745  C C    . SER A 1 69  ? -3.111  -2.833  -13.413 1.00 0.00 ? 69  SER A C    1 
ATOM 746  O O    . SER A 1 69  ? -2.696  -3.112  -14.538 1.00 0.00 ? 69  SER A O    1 
ATOM 747  C CB   . SER A 1 69  ? -1.431  -1.739  -11.735 1.00 0.00 ? 69  SER A CB   1 
ATOM 748  O OG   . SER A 1 69  ? -0.220  -1.931  -12.467 1.00 0.00 ? 69  SER A OG   1 
ATOM 749  H H    . SER A 1 69  ? -3.586  -0.666  -10.862 1.00 0.00 ? 69  SER A H    1 
ATOM 750  H HA   . SER A 1 69  ? -2.323  -0.830  -13.485 1.00 0.00 ? 69  SER A HA   1 
ATOM 751  H HB2  . SER A 1 69  ? -1.279  -0.866  -11.070 1.00 0.00 ? 69  SER A HB2  1 
ATOM 752  H HB3  . SER A 1 69  ? -1.612  -2.592  -11.054 1.00 0.00 ? 69  SER A HB3  1 
ATOM 753  H HG   . SER A 1 69  ? -0.382  -2.538  -13.209 1.00 0.00 ? 69  SER A HG   1 
ATOM 754  N N    . LEU A 1 70  ? -4.028  -3.593  -12.781 1.00 0.00 ? 70  LEU A N    1 
ATOM 755  C CA   . LEU A 1 70  ? -4.717  -4.785  -13.348 1.00 0.00 ? 70  LEU A CA   1 
ATOM 756  C C    . LEU A 1 70  ? -5.424  -4.527  -14.741 1.00 0.00 ? 70  LEU A C    1 
ATOM 757  O O    . LEU A 1 70  ? -5.359  -5.363  -15.644 1.00 0.00 ? 70  LEU A O    1 
ATOM 758  C CB   . LEU A 1 70  ? -5.735  -5.270  -12.254 1.00 0.00 ? 70  LEU A CB   1 
ATOM 759  C CG   . LEU A 1 70  ? -5.227  -6.047  -11.000 1.00 0.00 ? 70  LEU A CG   1 
ATOM 760  C CD1  . LEU A 1 70  ? -4.645  -7.393  -11.386 1.00 0.00 ? 70  LEU A CD1  1 
ATOM 761  C CD2  . LEU A 1 70  ? -4.313  -5.269  -10.044 1.00 0.00 ? 70  LEU A CD2  1 
ATOM 762  H H    . LEU A 1 70  ? -4.255  -3.255  -11.848 1.00 0.00 ? 70  LEU A H    1 
ATOM 763  H HA   . LEU A 1 70  ? -3.965  -5.566  -13.531 1.00 0.00 ? 70  LEU A HA   1 
ATOM 764  H HB2  . LEU A 1 70  ? -6.355  -4.416  -11.917 1.00 0.00 ? 70  LEU A HB2  1 
ATOM 765  H HB3  . LEU A 1 70  ? -6.476  -5.923  -12.752 1.00 0.00 ? 70  LEU A HB3  1 
ATOM 766  H HG   . LEU A 1 70  ? -6.077  -6.347  -10.381 1.00 0.00 ? 70  LEU A HG   1 
ATOM 767  H HD11 . LEU A 1 70  ? -3.819  -7.272  -12.095 1.00 0.00 ? 70  LEU A HD11 1 
ATOM 768  H HD12 . LEU A 1 70  ? -4.278  -7.933  -10.496 1.00 0.00 ? 70  LEU A HD12 1 
ATOM 769  H HD13 . LEU A 1 70  ? -5.417  -8.014  -11.871 1.00 0.00 ? 70  LEU A HD13 1 
ATOM 770  H HD21 . LEU A 1 70  ? -4.794  -4.343  -9.680  1.00 0.00 ? 70  LEU A HD21 1 
ATOM 771  H HD22 . LEU A 1 70  ? -4.052  -5.867  -9.149  1.00 0.00 ? 70  LEU A HD22 1 
ATOM 772  H HD23 . LEU A 1 70  ? -3.363  -4.981  -10.519 1.00 0.00 ? 70  LEU A HD23 1 
ATOM 773  N N    . ASP A 1 71  ? -6.090  -3.370  -14.891 1.00 0.00 ? 71  ASP A N    1 
ATOM 774  C CA   . ASP A 1 71  ? -6.734  -2.912  -16.157 1.00 0.00 ? 71  ASP A CA   1 
ATOM 775  C C    . ASP A 1 71  ? -5.734  -2.281  -17.197 1.00 0.00 ? 71  ASP A C    1 
ATOM 776  O O    . ASP A 1 71  ? -5.896  -2.483  -18.401 1.00 0.00 ? 71  ASP A O    1 
ATOM 777  C CB   . ASP A 1 71  ? -7.820  -1.870  -15.783 1.00 0.00 ? 71  ASP A CB   1 
ATOM 778  C CG   . ASP A 1 71  ? -9.053  -2.425  -15.076 1.00 0.00 ? 71  ASP A CG   1 
ATOM 779  O OD1  . ASP A 1 71  ? -9.177  -2.479  -13.857 1.00 0.00 ? 71  ASP A OD1  1 
ATOM 780  O OD2  . ASP A 1 71  ? -10.000 -2.855  -15.951 1.00 0.00 ? 71  ASP A OD2  1 
ATOM 781  H H    . ASP A 1 71  ? -5.914  -2.732  -14.109 1.00 0.00 ? 71  ASP A H    1 
ATOM 782  H HA   . ASP A 1 71  ? -7.212  -3.772  -16.673 1.00 0.00 ? 71  ASP A HA   1 
ATOM 783  H HB2  . ASP A 1 71  ? -7.389  -1.065  -15.160 1.00 0.00 ? 71  ASP A HB2  1 
ATOM 784  H HB3  . ASP A 1 71  ? -8.151  -1.347  -16.695 1.00 0.00 ? 71  ASP A HB3  1 
ATOM 785  H HD2  . ASP A 1 71  ? -10.748 -3.181  -15.447 1.00 0.00 ? 71  ASP A HD2  1 
ATOM 786  N N    . ARG A 1 72  ? -4.738  -1.492  -16.748 1.00 0.00 ? 72  ARG A N    1 
ATOM 787  C CA   . ARG A 1 72  ? -3.702  -0.861  -17.617 1.00 0.00 ? 72  ARG A CA   1 
ATOM 788  C C    . ARG A 1 72  ? -2.759  -1.828  -18.433 1.00 0.00 ? 72  ARG A C    1 
ATOM 789  O O    . ARG A 1 72  ? -2.145  -1.383  -19.403 1.00 0.00 ? 72  ARG A O    1 
ATOM 790  C CB   . ARG A 1 72  ? -2.848  0.127   -16.767 1.00 0.00 ? 72  ARG A CB   1 
ATOM 791  C CG   . ARG A 1 72  ? -3.581  1.362   -16.179 1.00 0.00 ? 72  ARG A CG   1 
ATOM 792  C CD   . ARG A 1 72  ? -2.651  2.465   -15.631 1.00 0.00 ? 72  ARG A CD   1 
ATOM 793  N NE   . ARG A 1 72  ? -2.051  2.139   -14.306 1.00 0.00 ? 72  ARG A NE   1 
ATOM 794  C CZ   . ARG A 1 72  ? -0.845  1.618   -14.095 1.00 0.00 ? 72  ARG A CZ   1 
ATOM 795  N NH1  . ARG A 1 72  ? -0.017  1.277   -15.034 1.00 0.00 ? 72  ARG A NH1  1 
ATOM 796  N NH2  . ARG A 1 72  ? -0.481  1.428   -12.877 1.00 0.00 ? 72  ARG A NH2  1 
ATOM 797  H H    . ARG A 1 72  ? -4.711  -1.415  -15.736 1.00 0.00 ? 72  ARG A H    1 
ATOM 798  H HA   . ARG A 1 72  ? -4.243  -0.280  -18.380 1.00 0.00 ? 72  ARG A HA   1 
ATOM 799  H HB2  . ARG A 1 72  ? -2.340  -0.424  -15.952 1.00 0.00 ? 72  ARG A HB2  1 
ATOM 800  H HB3  . ARG A 1 72  ? -2.023  0.501   -17.406 1.00 0.00 ? 72  ARG A HB3  1 
ATOM 801  H HG2  . ARG A 1 72  ? -4.217  1.809   -16.968 1.00 0.00 ? 72  ARG A HG2  1 
ATOM 802  H HG3  . ARG A 1 72  ? -4.293  1.047   -15.391 1.00 0.00 ? 72  ARG A HG3  1 
ATOM 803  H HD2  . ARG A 1 72  ? -1.886  2.755   -16.381 1.00 0.00 ? 72  ARG A HD2  1 
ATOM 804  H HD3  . ARG A 1 72  ? -3.250  3.389   -15.504 1.00 0.00 ? 72  ARG A HD3  1 
ATOM 805  H HH11 . ARG A 1 72  ? -0.386  1.435   -15.971 1.00 0.00 ? 72  ARG A HH11 1 
ATOM 806  H HH12 . ARG A 1 72  ? 0.871   0.870   -14.741 1.00 0.00 ? 72  ARG A HH12 1 
ATOM 807  H HH21 . ARG A 1 72  ? -1.217  1.662   -12.201 1.00 0.00 ? 72  ARG A HH21 1 
ATOM 808  H HH22 . ARG A 1 72  ? 0.389   0.915   -12.733 1.00 0.00 ? 72  ARG A HH22 1 
ATOM 809  N N    . LYS A 1 73  ? -2.628  -3.102  -18.014 1.00 0.00 ? 73  LYS A N    1 
ATOM 810  C CA   . LYS A 1 73  ? -1.830  -4.192  -18.655 1.00 0.00 ? 73  LYS A CA   1 
ATOM 811  C C    . LYS A 1 73  ? -0.529  -4.557  -17.869 1.00 0.00 ? 73  LYS A C    1 
ATOM 812  O O    . LYS A 1 73  ? -0.262  -5.743  -17.655 1.00 0.00 ? 73  LYS A O    1 
ATOM 813  C CB   . LYS A 1 73  ? -1.630  -4.111  -20.201 1.00 0.00 ? 73  LYS A CB   1 
ATOM 814  C CG   . LYS A 1 73  ? -1.255  -5.436  -20.906 1.00 0.00 ? 73  LYS A CG   1 
ATOM 815  C CD   . LYS A 1 73  ? -0.924  -5.303  -22.410 1.00 0.00 ? 73  LYS A CD   1 
ATOM 816  C CE   . LYS A 1 73  ? -2.109  -5.031  -23.358 1.00 0.00 ? 73  LYS A CE   1 
ATOM 817  N NZ   . LYS A 1 73  ? -2.439  -3.593  -23.425 1.00 0.00 ? 73  LYS A NZ   1 
ATOM 818  H H    . LYS A 1 73  ? -3.031  -3.231  -17.079 1.00 0.00 ? 73  LYS A H    1 
ATOM 819  H HA   . LYS A 1 73  ? -2.482  -5.069  -18.483 1.00 0.00 ? 73  LYS A HA   1 
ATOM 820  H HB2  . LYS A 1 73  ? -2.571  -3.740  -20.647 1.00 0.00 ? 73  LYS A HB2  1 
ATOM 821  H HB3  . LYS A 1 73  ? -0.874  -3.335  -20.430 1.00 0.00 ? 73  LYS A HB3  1 
ATOM 822  H HG2  . LYS A 1 73  ? -0.373  -5.879  -20.402 1.00 0.00 ? 73  LYS A HG2  1 
ATOM 823  H HG3  . LYS A 1 73  ? -2.063  -6.182  -20.766 1.00 0.00 ? 73  LYS A HG3  1 
ATOM 824  H HD2  . LYS A 1 73  ? -0.109  -4.567  -22.566 1.00 0.00 ? 73  LYS A HD2  1 
ATOM 825  H HD3  . LYS A 1 73  ? -0.474  -6.264  -22.726 1.00 0.00 ? 73  LYS A HD3  1 
ATOM 826  H HE2  . LYS A 1 73  ? -1.859  -5.386  -24.378 1.00 0.00 ? 73  LYS A HE2  1 
ATOM 827  H HE3  . LYS A 1 73  ? -3.000  -5.619  -23.059 1.00 0.00 ? 73  LYS A HE3  1 
ATOM 828  H HZ1  . LYS A 1 73  ? -2.645  -3.232  -22.486 1.00 0.00 ? 73  LYS A HZ1  1 
ATOM 829  H HZ2  . LYS A 1 73  ? -1.626  -3.049  -23.736 1.00 0.00 ? 73  LYS A HZ2  1 
ATOM 830  N N    . ASP A 1 74  ? 0.286   -3.567  -17.463 1.00 0.00 ? 74  ASP A N    1 
ATOM 831  C CA   . ASP A 1 74  ? 1.515   -3.831  -16.660 1.00 0.00 ? 74  ASP A CA   1 
ATOM 832  C C    . ASP A 1 74  ? 1.239   -3.792  -15.121 1.00 0.00 ? 74  ASP A C    1 
ATOM 833  O O    . ASP A 1 74  ? 0.167   -3.432  -14.626 1.00 0.00 ? 74  ASP A O    1 
ATOM 834  C CB   . ASP A 1 74  ? 2.654   -2.866  -17.095 1.00 0.00 ? 74  ASP A CB   1 
ATOM 835  C CG   . ASP A 1 74  ? 4.051   -3.481  -17.054 1.00 0.00 ? 74  ASP A CG   1 
ATOM 836  O OD1  . ASP A 1 74  ? 4.739   -3.518  -16.041 1.00 0.00 ? 74  ASP A OD1  1 
ATOM 837  O OD2  . ASP A 1 74  ? 4.416   -4.013  -18.255 1.00 0.00 ? 74  ASP A OD2  1 
ATOM 838  H H    . ASP A 1 74  ? -0.231  -2.679  -17.442 1.00 0.00 ? 74  ASP A H    1 
ATOM 839  H HA   . ASP A 1 74  ? 1.852   -4.870  -16.873 1.00 0.00 ? 74  ASP A HA   1 
ATOM 840  H HB2  . ASP A 1 74  ? 2.491   -2.507  -18.105 1.00 0.00 ? 74  ASP A HB2  1 
ATOM 841  H HB3  . ASP A 1 74  ? 2.654   -1.954  -16.470 1.00 0.00 ? 74  ASP A HB3  1 
ATOM 842  H HD2  . ASP A 1 74  ? 3.723   -3.904  -18.904 1.00 0.00 ? 74  ASP A HD2  1 
ATOM 843  N N    . LYS A 1 75  ? 2.265   -4.189  -14.375 1.00 0.00 ? 75  LYS A N    1 
ATOM 844  C CA   . LYS A 1 75  ? 2.250   -4.290  -12.913 1.00 0.00 ? 75  LYS A CA   1 
ATOM 845  C C    . LYS A 1 75  ? 2.908   -3.066  -12.181 1.00 0.00 ? 75  LYS A C    1 
ATOM 846  O O    . LYS A 1 75  ? 3.309   -2.080  -12.811 1.00 0.00 ? 75  LYS A O    1 
ATOM 847  C CB   . LYS A 1 75  ? 2.952   -5.635  -12.560 1.00 0.00 ? 75  LYS A CB   1 
ATOM 848  C CG   . LYS A 1 75  ? 2.616   -6.936  -13.346 1.00 0.00 ? 75  LYS A CG   1 
ATOM 849  C CD   . LYS A 1 75  ? 3.016   -8.255  -12.656 1.00 0.00 ? 75  LYS A CD   1 
ATOM 850  C CE   . LYS A 1 75  ? 4.513   -8.394  -12.332 1.00 0.00 ? 75  LYS A CE   1 
ATOM 851  N NZ   . LYS A 1 75  ? 4.769   -9.712  -11.720 1.00 0.00 ? 75  LYS A NZ   1 
ATOM 852  H H    . LYS A 1 75  ? 3.152   -4.214  -14.861 1.00 0.00 ? 75  LYS A H    1 
ATOM 853  H HA   . LYS A 1 75  ? 1.210   -4.321  -12.600 1.00 0.00 ? 75  LYS A HA   1 
ATOM 854  H HB2  . LYS A 1 75  ? 4.048   -5.484  -12.540 1.00 0.00 ? 75  LYS A HB2  1 
ATOM 855  H HB3  . LYS A 1 75  ? 2.705   -5.808  -11.516 1.00 0.00 ? 75  LYS A HB3  1 
ATOM 856  H HG2  . LYS A 1 75  ? 1.527   -6.965  -13.542 1.00 0.00 ? 75  LYS A HG2  1 
ATOM 857  H HG3  . LYS A 1 75  ? 3.082   -6.891  -14.349 1.00 0.00 ? 75  LYS A HG3  1 
ATOM 858  H HD2  . LYS A 1 75  ? 2.415   -8.361  -11.738 1.00 0.00 ? 75  LYS A HD2  1 
ATOM 859  H HD3  . LYS A 1 75  ? 2.695   -9.093  -13.304 1.00 0.00 ? 75  LYS A HD3  1 
ATOM 860  H HE2  . LYS A 1 75  ? 5.129   -8.274  -13.248 1.00 0.00 ? 75  LYS A HE2  1 
ATOM 861  H HE3  . LYS A 1 75  ? 4.842   -7.594  -11.639 1.00 0.00 ? 75  LYS A HE3  1 
ATOM 862  H HZ1  . LYS A 1 75  ? 4.156   -9.859  -10.907 1.00 0.00 ? 75  LYS A HZ1  1 
ATOM 863  H HZ2  . LYS A 1 75  ? 4.525   -10.468 -12.371 1.00 0.00 ? 75  LYS A HZ2  1 
ATOM 864  N N    . PHE A 1 76  ? 2.989   -3.107  -10.834 1.00 0.00 ? 76  PHE A N    1 
ATOM 865  C CA   . PHE A 1 76  ? 3.703   -2.076  -10.040 1.00 0.00 ? 76  PHE A CA   1 
ATOM 866  C C    . PHE A 1 76  ? 4.932   -2.735  -9.294  1.00 0.00 ? 76  PHE A C    1 
ATOM 867  O O    . PHE A 1 76  ? 4.964   -3.940  -9.029  1.00 0.00 ? 76  PHE A O    1 
ATOM 868  C CB   . PHE A 1 76  ? 2.667   -1.216  -9.223  1.00 0.00 ? 76  PHE A CB   1 
ATOM 869  C CG   . PHE A 1 76  ? 3.245   0.203   -9.023  1.00 0.00 ? 76  PHE A CG   1 
ATOM 870  C CD1  . PHE A 1 76  ? 3.244   1.139   -10.065 1.00 0.00 ? 76  PHE A CD1  1 
ATOM 871  C CD2  . PHE A 1 76  ? 3.918   0.510   -7.834  1.00 0.00 ? 76  PHE A CD2  1 
ATOM 872  C CE1  . PHE A 1 76  ? 3.867   2.375   -9.901  1.00 0.00 ? 76  PHE A CE1  1 
ATOM 873  C CE2  . PHE A 1 76  ? 4.556   1.739   -7.678  1.00 0.00 ? 76  PHE A CE2  1 
ATOM 874  C CZ   . PHE A 1 76  ? 4.521   2.673   -8.709  1.00 0.00 ? 76  PHE A CZ   1 
ATOM 875  H H    . PHE A 1 76  ? 2.804   -4.022  -10.409 1.00 0.00 ? 76  PHE A H    1 
ATOM 876  H HA   . PHE A 1 76  ? 4.201   -1.386  -10.754 1.00 0.00 ? 76  PHE A HA   1 
ATOM 877  H HB2  . PHE A 1 76  ? 1.636   -1.262  -9.664  1.00 0.00 ? 76  PHE A HB2  1 
ATOM 878  H HB3  . PHE A 1 76  ? 2.357   -1.590  -8.237  1.00 0.00 ? 76  PHE A HB3  1 
ATOM 879  H HD1  . PHE A 1 76  ? 2.768   0.901   -11.007 1.00 0.00 ? 76  PHE A HD1  1 
ATOM 880  H HD2  . PHE A 1 76  ? 3.974   -0.220  -7.039  1.00 0.00 ? 76  PHE A HD2  1 
ATOM 881  H HE1  . PHE A 1 76  ? 3.859   3.100   -10.701 1.00 0.00 ? 76  PHE A HE1  1 
ATOM 882  H HE2  . PHE A 1 76  ? 5.084   1.968   -6.762  1.00 0.00 ? 76  PHE A HE2  1 
ATOM 883  H HZ   . PHE A 1 76  ? 5.015   3.626   -8.589  1.00 0.00 ? 76  PHE A HZ   1 
ATOM 884  N N    . SER A 1 77  ? 6.006   -1.983  -8.998  1.00 0.00 ? 77  SER A N    1 
ATOM 885  C CA   . SER A 1 77  ? 7.234   -2.534  -8.350  1.00 0.00 ? 77  SER A CA   1 
ATOM 886  C C    . SER A 1 77  ? 8.055   -1.372  -7.739  1.00 0.00 ? 77  SER A C    1 
ATOM 887  O O    . SER A 1 77  ? 8.200   -0.294  -8.328  1.00 0.00 ? 77  SER A O    1 
ATOM 888  C CB   . SER A 1 77  ? 8.072   -3.402  -9.329  1.00 0.00 ? 77  SER A CB   1 
ATOM 889  O OG   . SER A 1 77  ? 8.736   -2.623  -10.327 1.00 0.00 ? 77  SER A OG   1 
ATOM 890  H H    . SER A 1 77  ? 5.804   -0.985  -8.857  1.00 0.00 ? 77  SER A H    1 
ATOM 891  H HA   . SER A 1 77  ? 6.931   -3.188  -7.505  1.00 0.00 ? 77  SER A HA   1 
ATOM 892  H HB2  . SER A 1 77  ? 8.823   -3.983  -8.759  1.00 0.00 ? 77  SER A HB2  1 
ATOM 893  H HB3  . SER A 1 77  ? 7.440   -4.171  -9.813  1.00 0.00 ? 77  SER A HB3  1 
ATOM 894  H HG   . SER A 1 77  ? 8.100   -1.965  -10.632 1.00 0.00 ? 77  SER A HG   1 
ATOM 895  N N    . PHE A 1 78  ? 8.568   -1.590  -6.528  1.00 0.00 ? 78  PHE A N    1 
ATOM 896  C CA   . PHE A 1 78  ? 9.325   -0.553  -5.782  1.00 0.00 ? 78  PHE A CA   1 
ATOM 897  C C    . PHE A 1 78  ? 10.447  -1.194  -4.885  1.00 0.00 ? 78  PHE A C    1 
ATOM 898  O O    . PHE A 1 78  ? 10.682  -2.410  -4.939  1.00 0.00 ? 78  PHE A O    1 
ATOM 899  C CB   . PHE A 1 78  ? 8.229   0.280   -5.048  1.00 0.00 ? 78  PHE A CB   1 
ATOM 900  C CG   . PHE A 1 78  ? 7.689   -0.236  -3.701  1.00 0.00 ? 78  PHE A CG   1 
ATOM 901  C CD1  . PHE A 1 78  ? 8.340   0.203   -2.548  1.00 0.00 ? 78  PHE A CD1  1 
ATOM 902  C CD2  . PHE A 1 78  ? 6.465   -0.905  -3.591  1.00 0.00 ? 78  PHE A CD2  1 
ATOM 903  C CE1  . PHE A 1 78  ? 7.784   -0.011  -1.299  1.00 0.00 ? 78  PHE A CE1  1 
ATOM 904  C CE2  . PHE A 1 78  ? 5.898   -1.106  -2.328  1.00 0.00 ? 78  PHE A CE2  1 
ATOM 905  C CZ   . PHE A 1 78  ? 6.562   -0.649  -1.186  1.00 0.00 ? 78  PHE A CZ   1 
ATOM 906  H H    . PHE A 1 78  ? 8.523   -2.566  -6.203  1.00 0.00 ? 78  PHE A H    1 
ATOM 907  H HA   . PHE A 1 78  ? 9.830   0.145   -6.477  1.00 0.00 ? 78  PHE A HA   1 
ATOM 908  H HB2  . PHE A 1 78  ? 8.615   1.307   -4.926  1.00 0.00 ? 78  PHE A HB2  1 
ATOM 909  H HB3  . PHE A 1 78  ? 7.373   0.480   -5.725  1.00 0.00 ? 78  PHE A HB3  1 
ATOM 910  H HD1  . PHE A 1 78  ? 9.225   0.808   -2.640  1.00 0.00 ? 78  PHE A HD1  1 
ATOM 911  H HD2  . PHE A 1 78  ? 5.928   -1.205  -4.486  1.00 0.00 ? 78  PHE A HD2  1 
ATOM 912  H HE1  . PHE A 1 78  ? 8.225   0.448   -0.431  1.00 0.00 ? 78  PHE A HE1  1 
ATOM 913  H HE2  . PHE A 1 78  ? 4.918   -1.553  -2.247  1.00 0.00 ? 78  PHE A HE2  1 
ATOM 914  H HZ   . PHE A 1 78  ? 6.129   -0.639  -0.201  1.00 0.00 ? 78  PHE A HZ   1 
ATOM 915  N N    . ASP A 1 79  ? 11.182  -0.408  -4.068  1.00 0.00 ? 79  ASP A N    1 
ATOM 916  C CA   . ASP A 1 79  ? 12.152  -0.963  -3.104  1.00 0.00 ? 79  ASP A CA   1 
ATOM 917  C C    . ASP A 1 79  ? 11.764  -0.319  -1.719  1.00 0.00 ? 79  ASP A C    1 
ATOM 918  O O    . ASP A 1 79  ? 11.696  0.912   -1.596  1.00 0.00 ? 79  ASP A O    1 
ATOM 919  C CB   . ASP A 1 79  ? 13.550  -0.724  -3.722  1.00 0.00 ? 79  ASP A CB   1 
ATOM 920  C CG   . ASP A 1 79  ? 14.648  -1.655  -3.228  1.00 0.00 ? 79  ASP A CG   1 
ATOM 921  O OD1  . ASP A 1 79  ? 15.391  -2.282  -3.975  1.00 0.00 ? 79  ASP A OD1  1 
ATOM 922  O OD2  . ASP A 1 79  ? 14.700  -1.730  -1.878  1.00 0.00 ? 79  ASP A OD2  1 
ATOM 923  H H    . ASP A 1 79  ? 11.109  0.618   -4.073  1.00 0.00 ? 79  ASP A H    1 
ATOM 924  H HA   . ASP A 1 79  ? 12.015  -2.057  -3.015  1.00 0.00 ? 79  ASP A HA   1 
ATOM 925  H HB2  . ASP A 1 79  ? 13.488  -0.879  -4.815  1.00 0.00 ? 79  ASP A HB2  1 
ATOM 926  H HB3  . ASP A 1 79  ? 13.870  0.322   -3.643  1.00 0.00 ? 79  ASP A HB3  1 
ATOM 927  H HD2  . ASP A 1 79  ? 15.407  -2.329  -1.611  1.00 0.00 ? 79  ASP A HD2  1 
ATOM 928  N N    . LEU A 1 80  ? 11.410  -1.160  -0.721  1.00 0.00 ? 80  LEU A N    1 
ATOM 929  C CA   . LEU A 1 80  ? 10.917  -0.754  0.638   1.00 0.00 ? 80  LEU A CA   1 
ATOM 930  C C    . LEU A 1 80  ? 11.775  0.392   1.303   1.00 0.00 ? 80  LEU A C    1 
ATOM 931  O O    . LEU A 1 80  ? 12.920  0.173   1.698   1.00 0.00 ? 80  LEU A O    1 
ATOM 932  C CB   . LEU A 1 80  ? 10.881  -2.039  1.538   1.00 0.00 ? 80  LEU A CB   1 
ATOM 933  C CG   . LEU A 1 80  ? 9.516   -2.424  2.167   1.00 0.00 ? 80  LEU A CG   1 
ATOM 934  C CD1  . LEU A 1 80  ? 9.672   -3.747  2.930   1.00 0.00 ? 80  LEU A CD1  1 
ATOM 935  C CD2  . LEU A 1 80  ? 8.971   -1.407  3.160   1.00 0.00 ? 80  LEU A CD2  1 
ATOM 936  H H    . LEU A 1 80  ? 11.731  -2.129  -0.885  1.00 0.00 ? 80  LEU A H    1 
ATOM 937  H HA   . LEU A 1 80  ? 9.851   -0.416  0.526   1.00 0.00 ? 80  LEU A HA   1 
ATOM 938  H HB2  . LEU A 1 80  ? 11.236  -2.924  0.971   1.00 0.00 ? 80  LEU A HB2  1 
ATOM 939  H HB3  . LEU A 1 80  ? 11.635  -1.969  2.345   1.00 0.00 ? 80  LEU A HB3  1 
ATOM 940  H HG   . LEU A 1 80  ? 8.744   -2.521  1.375   1.00 0.00 ? 80  LEU A HG   1 
ATOM 941  H HD11 . LEU A 1 80  ? 10.096  -4.548  2.298   1.00 0.00 ? 80  LEU A HD11 1 
ATOM 942  H HD12 . LEU A 1 80  ? 10.348  -3.637  3.799   1.00 0.00 ? 80  LEU A HD12 1 
ATOM 943  H HD13 . LEU A 1 80  ? 8.713   -4.117  3.330   1.00 0.00 ? 80  LEU A HD13 1 
ATOM 944  H HD21 . LEU A 1 80  ? 9.654   -1.225  4.010   1.00 0.00 ? 80  LEU A HD21 1 
ATOM 945  H HD22 . LEU A 1 80  ? 8.771   -0.443  2.666   1.00 0.00 ? 80  LEU A HD22 1 
ATOM 946  H HD23 . LEU A 1 80  ? 8.011   -1.759  3.582   1.00 0.00 ? 80  LEU A HD23 1 
ATOM 947  N N    . GLY A 1 81  ? 11.251  1.626   1.364   1.00 0.00 ? 81  GLY A N    1 
ATOM 948  C CA   . GLY A 1 81  ? 12.007  2.810   1.926   1.00 0.00 ? 81  GLY A CA   1 
ATOM 949  C C    . GLY A 1 81  ? 13.314  3.219   1.193   1.00 0.00 ? 81  GLY A C    1 
ATOM 950  O O    . GLY A 1 81  ? 14.286  3.596   1.846   1.00 0.00 ? 81  GLY A O    1 
ATOM 951  H H    . GLY A 1 81  ? 10.264  1.587   1.114   1.00 0.00 ? 81  GLY A H    1 
ATOM 952  H HA2  . GLY A 1 81  ? 11.408  3.742   2.035   1.00 0.00 ? 81  GLY A HA2  1 
ATOM 953  H HA3  . GLY A 1 81  ? 12.260  2.562   2.971   1.00 0.00 ? 81  GLY A HA3  1 
ATOM 954  N N    . LYS A 1 82  ? 13.310  3.178   -0.151  1.00 0.00 ? 82  LYS A N    1 
ATOM 955  C CA   . LYS A 1 82  ? 14.540  3.430   -0.984  1.00 0.00 ? 82  LYS A CA   1 
ATOM 956  C C    . LYS A 1 82  ? 14.331  4.563   -2.035  1.00 0.00 ? 82  LYS A C    1 
ATOM 957  O O    . LYS A 1 82  ? 14.962  5.616   -1.937  1.00 0.00 ? 82  LYS A O    1 
ATOM 958  C CB   . LYS A 1 82  ? 15.020  2.060   -1.551  1.00 0.00 ? 82  LYS A CB   1 
ATOM 959  C CG   . LYS A 1 82  ? 15.622  1.123   -0.473  1.00 0.00 ? 82  LYS A CG   1 
ATOM 960  C CD   . LYS A 1 82  ? 17.156  0.924   -0.500  1.00 0.00 ? 82  LYS A CD   1 
ATOM 961  C CE   . LYS A 1 82  ? 17.719  -0.138  -1.461  1.00 0.00 ? 82  LYS A CE   1 
ATOM 962  N NZ   . LYS A 1 82  ? 17.700  0.309   -2.866  1.00 0.00 ? 82  LYS A NZ   1 
ATOM 963  H H    . LYS A 1 82  ? 12.474  2.677   -0.484  1.00 0.00 ? 82  LYS A H    1 
ATOM 964  H HA   . LYS A 1 82  ? 15.364  3.820   -0.354  1.00 0.00 ? 82  LYS A HA   1 
ATOM 965  H HB2  . LYS A 1 82  ? 14.163  1.541   -2.052  1.00 0.00 ? 82  LYS A HB2  1 
ATOM 966  H HB3  . LYS A 1 82  ? 15.781  2.220   -2.341  1.00 0.00 ? 82  LYS A HB3  1 
ATOM 967  H HG2  . LYS A 1 82  ? 15.370  1.493   0.539   1.00 0.00 ? 82  LYS A HG2  1 
ATOM 968  H HG3  . LYS A 1 82  ? 15.064  0.176   -0.504  1.00 0.00 ? 82  LYS A HG3  1 
ATOM 969  H HD2  . LYS A 1 82  ? 17.669  1.896   -0.640  1.00 0.00 ? 82  LYS A HD2  1 
ATOM 970  H HD3  . LYS A 1 82  ? 17.460  0.615   0.519   1.00 0.00 ? 82  LYS A HD3  1 
ATOM 971  H HE2  . LYS A 1 82  ? 18.765  -0.373  -1.176  1.00 0.00 ? 82  LYS A HE2  1 
ATOM 972  H HE3  . LYS A 1 82  ? 17.179  -1.097  -1.353  1.00 0.00 ? 82  LYS A HE3  1 
ATOM 973  H HZ1  . LYS A 1 82  ? 16.738  0.500   -3.165  1.00 0.00 ? 82  LYS A HZ1  1 
ATOM 974  H HZ2  . LYS A 1 82  ? 18.198  1.201   -2.969  1.00 0.00 ? 82  LYS A HZ2  1 
ATOM 975  N N    . GLY A 1 83  ? 13.487  4.345   -3.060  1.00 0.00 ? 83  GLY A N    1 
ATOM 976  C CA   . GLY A 1 83  ? 13.046  5.464   -3.977  1.00 0.00 ? 83  GLY A CA   1 
ATOM 977  C C    . GLY A 1 83  ? 11.902  6.251   -3.288  1.00 0.00 ? 83  GLY A C    1 
ATOM 978  O O    . GLY A 1 83  ? 11.938  7.432   -2.955  1.00 0.00 ? 83  GLY A O    1 
ATOM 979  H H    . GLY A 1 83  ? 12.738  3.717   -2.736  1.00 0.00 ? 83  GLY A H    1 
ATOM 980  H HA2  . GLY A 1 83  ? 13.835  6.171   -4.169  1.00 0.00 ? 83  GLY A HA2  1 
ATOM 981  H HA3  . GLY A 1 83  ? 12.737  5.086   -4.970  1.00 0.00 ? 83  GLY A HA3  1 
ATOM 982  N N    . GLU A 1 84  ? 10.930  5.398   -3.051  1.00 0.00 ? 84  GLU A N    1 
ATOM 983  C CA   . GLU A 1 84  ? 9.783   5.554   -2.182  1.00 0.00 ? 84  GLU A CA   1 
ATOM 984  C C    . GLU A 1 84  ? 8.465   6.034   -2.850  1.00 0.00 ? 84  GLU A C    1 
ATOM 985  O O    . GLU A 1 84  ? 8.309   6.854   -3.754  1.00 0.00 ? 84  GLU A O    1 
ATOM 986  C CB   . GLU A 1 84  ? 10.145  5.961   -0.724  1.00 0.00 ? 84  GLU A CB   1 
ATOM 987  C CG   . GLU A 1 84  ? 9.068   6.065   0.396   1.00 0.00 ? 84  GLU A CG   1 
ATOM 988  C CD   . GLU A 1 84  ? 8.398   4.793   0.935   1.00 0.00 ? 84  GLU A CD   1 
ATOM 989  O OE1  . GLU A 1 84  ? 7.374   4.815   1.604   1.00 0.00 ? 84  GLU A OE1  1 
ATOM 990  O OE2  . GLU A 1 84  ? 9.064   3.652   0.597   1.00 0.00 ? 84  GLU A OE2  1 
ATOM 991  H H    . GLU A 1 84  ? 11.218  4.537   -3.499  1.00 0.00 ? 84  GLU A H    1 
ATOM 992  H HA   . GLU A 1 84  ? 9.653   4.451   -2.058  1.00 0.00 ? 84  GLU A HA   1 
ATOM 993  H HB2  . GLU A 1 84  ? 10.854  5.170   -0.418  1.00 0.00 ? 84  GLU A HB2  1 
ATOM 994  H HB3  . GLU A 1 84  ? 10.695  6.915   -0.759  1.00 0.00 ? 84  GLU A HB3  1 
ATOM 995  H HG2  . GLU A 1 84  ? 9.520   6.564   1.273   1.00 0.00 ? 84  GLU A HG2  1 
ATOM 996  H HG3  . GLU A 1 84  ? 8.267   6.761   0.079   1.00 0.00 ? 84  GLU A HG3  1 
ATOM 997  H HE2  . GLU A 1 84  ? 9.884   3.890   0.168   1.00 0.00 ? 84  GLU A HE2  1 
ATOM 998  N N    . VAL A 1 85  ? 7.550   5.292   -2.293  1.00 0.00 ? 85  VAL A N    1 
ATOM 999  C CA   . VAL A 1 85  ? 6.128   5.192   -2.579  1.00 0.00 ? 85  VAL A CA   1 
ATOM 1000 C C    . VAL A 1 85  ? 5.397   6.120   -1.586  1.00 0.00 ? 85  VAL A C    1 
ATOM 1001 O O    . VAL A 1 85  ? 5.621   7.333   -1.532  1.00 0.00 ? 85  VAL A O    1 
ATOM 1002 C CB   . VAL A 1 85  ? 5.889   3.626   -2.571  1.00 0.00 ? 85  VAL A CB   1 
ATOM 1003 C CG1  . VAL A 1 85  ? 6.646   2.904   -3.727  1.00 0.00 ? 85  VAL A CG1  1 
ATOM 1004 C CG2  . VAL A 1 85  ? 6.178   2.868   -1.249  1.00 0.00 ? 85  VAL A CG2  1 
ATOM 1005 H H    . VAL A 1 85  ? 8.028   4.691   -1.626  1.00 0.00 ? 85  VAL A H    1 
ATOM 1006 H HA   . VAL A 1 85  ? 5.874   5.559   -3.553  1.00 0.00 ? 85  VAL A HA   1 
ATOM 1007 H HB   . VAL A 1 85  ? 4.805   3.476   -2.687  1.00 0.00 ? 85  VAL A HB   1 
ATOM 1008 H HG11 . VAL A 1 85  ? 6.659   3.447   -4.690  1.00 0.00 ? 85  VAL A HG11 1 
ATOM 1009 H HG12 . VAL A 1 85  ? 7.726   2.767   -3.486  1.00 0.00 ? 85  VAL A HG12 1 
ATOM 1010 H HG13 . VAL A 1 85  ? 6.245   1.900   -3.932  1.00 0.00 ? 85  VAL A HG13 1 
ATOM 1011 H HG21 . VAL A 1 85  ? 5.771   3.355   -0.348  1.00 0.00 ? 85  VAL A HG21 1 
ATOM 1012 H HG22 . VAL A 1 85  ? 5.729   1.864   -1.263  1.00 0.00 ? 85  VAL A HG22 1 
ATOM 1013 H HG23 . VAL A 1 85  ? 7.255   2.743   -1.056  1.00 0.00 ? 85  VAL A HG23 1 
ATOM 1014 N N    . ILE A 1 86  ? 4.496   5.525   -0.832  1.00 0.00 ? 86  ILE A N    1 
ATOM 1015 C CA   . ILE A 1 86  ? 3.863   6.172   0.325   1.00 0.00 ? 86  ILE A CA   1 
ATOM 1016 C C    . ILE A 1 86  ? 4.234   5.376   1.601   1.00 0.00 ? 86  ILE A C    1 
ATOM 1017 O O    . ILE A 1 86  ? 4.492   4.166   1.600   1.00 0.00 ? 86  ILE A O    1 
ATOM 1018 C CB   . ILE A 1 86  ? 2.337   6.441   0.185   1.00 0.00 ? 86  ILE A CB   1 
ATOM 1019 C CG1  . ILE A 1 86  ? 1.463   5.170   0.050   1.00 0.00 ? 86  ILE A CG1  1 
ATOM 1020 C CG2  . ILE A 1 86  ? 2.105   7.534   -0.868  1.00 0.00 ? 86  ILE A CG2  1 
ATOM 1021 C CD1  . ILE A 1 86  ? -0.037  5.422   -0.113  1.00 0.00 ? 86  ILE A CD1  1 
ATOM 1022 H H    . ILE A 1 86  ? 4.499   4.519   -1.000  1.00 0.00 ? 86  ILE A H    1 
ATOM 1023 H HA   . ILE A 1 86  ? 4.350   7.146   0.450   1.00 0.00 ? 86  ILE A HA   1 
ATOM 1024 H HB   . ILE A 1 86  ? 2.020   6.907   1.122   1.00 0.00 ? 86  ILE A HB   1 
ATOM 1025 H HG12 . ILE A 1 86  ? 1.851   4.488   -0.727  1.00 0.00 ? 86  ILE A HG12 1 
ATOM 1026 H HG13 . ILE A 1 86  ? 1.583   4.585   0.975   1.00 0.00 ? 86  ILE A HG13 1 
ATOM 1027 H HG21 . ILE A 1 86  ? 2.722   8.424   -0.631  1.00 0.00 ? 86  ILE A HG21 1 
ATOM 1028 H HG22 . ILE A 1 86  ? 2.388   7.184   -1.873  1.00 0.00 ? 86  ILE A HG22 1 
ATOM 1029 H HG23 . ILE A 1 86  ? 1.056   7.869   -0.877  1.00 0.00 ? 86  ILE A HG23 1 
ATOM 1030 H HD11 . ILE A 1 86  ? -0.437  6.034   0.712   1.00 0.00 ? 86  ILE A HD11 1 
ATOM 1031 H HD12 . ILE A 1 86  ? -0.261  5.947   -1.060  1.00 0.00 ? 86  ILE A HD12 1 
ATOM 1032 H HD13 . ILE A 1 86  ? -0.600  4.473   -0.120  1.00 0.00 ? 86  ILE A HD13 1 
ATOM 1033 N N    . LYS A 1 87  ? 4.173   6.087   2.720   1.00 0.00 ? 87  LYS A N    1 
ATOM 1034 C CA   . LYS A 1 87  ? 4.445   5.479   4.056   1.00 0.00 ? 87  LYS A CA   1 
ATOM 1035 C C    . LYS A 1 87  ? 3.411   4.386   4.471   1.00 0.00 ? 87  LYS A C    1 
ATOM 1036 O O    . LYS A 1 87  ? 3.773   3.408   5.125   1.00 0.00 ? 87  LYS A O    1 
ATOM 1037 C CB   . LYS A 1 87  ? 4.728   6.501   5.193   1.00 0.00 ? 87  LYS A CB   1 
ATOM 1038 C CG   . LYS A 1 87  ? 5.619   7.734   4.880   1.00 0.00 ? 87  LYS A CG   1 
ATOM 1039 C CD   . LYS A 1 87  ? 4.796   8.981   4.494   1.00 0.00 ? 87  LYS A CD   1 
ATOM 1040 C CE   . LYS A 1 87  ? 5.660   10.171  4.066   1.00 0.00 ? 87  LYS A CE   1 
ATOM 1041 N NZ   . LYS A 1 87  ? 4.780   11.322  3.776   1.00 0.00 ? 87  LYS A NZ   1 
ATOM 1042 H H    . LYS A 1 87  ? 3.425   6.756   2.549   1.00 0.00 ? 87  LYS A H    1 
ATOM 1043 H HA   . LYS A 1 87  ? 5.353   4.882   3.876   1.00 0.00 ? 87  LYS A HA   1 
ATOM 1044 H HB2  . LYS A 1 87  ? 3.779   6.832   5.648   1.00 0.00 ? 87  LYS A HB2  1 
ATOM 1045 H HB3  . LYS A 1 87  ? 5.214   5.938   6.014   1.00 0.00 ? 87  LYS A HB3  1 
ATOM 1046 H HG2  . LYS A 1 87  ? 6.234   7.979   5.769   1.00 0.00 ? 87  LYS A HG2  1 
ATOM 1047 H HG3  . LYS A 1 87  ? 6.353   7.483   4.088   1.00 0.00 ? 87  LYS A HG3  1 
ATOM 1048 H HD2  . LYS A 1 87  ? 4.085   8.728   3.684   1.00 0.00 ? 87  LYS A HD2  1 
ATOM 1049 H HD3  . LYS A 1 87  ? 4.176   9.278   5.361   1.00 0.00 ? 87  LYS A HD3  1 
ATOM 1050 H HE2  . LYS A 1 87  ? 6.381   10.442  4.864   1.00 0.00 ? 87  LYS A HE2  1 
ATOM 1051 H HE3  . LYS A 1 87  ? 6.269   9.922   3.174   1.00 0.00 ? 87  LYS A HE3  1 
ATOM 1052 H HZ1  . LYS A 1 87  ? 4.159   11.512  4.575   1.00 0.00 ? 87  LYS A HZ1  1 
ATOM 1053 H HZ2  . LYS A 1 87  ? 4.138   11.111  3.002   1.00 0.00 ? 87  LYS A HZ2  1 
ATOM 1054 N N    . ALA A 1 88  ? 2.137   4.530   4.055   1.00 0.00 ? 88  ALA A N    1 
ATOM 1055 C CA   . ALA A 1 88  ? 1.127   3.462   4.152   1.00 0.00 ? 88  ALA A CA   1 
ATOM 1056 C C    . ALA A 1 88  ? 1.543   2.204   3.335   1.00 0.00 ? 88  ALA A C    1 
ATOM 1057 O O    . ALA A 1 88  ? 1.254   1.102   3.807   1.00 0.00 ? 88  ALA A O    1 
ATOM 1058 C CB   . ALA A 1 88  ? -0.211  4.036   3.668   1.00 0.00 ? 88  ALA A CB   1 
ATOM 1059 H H    . ALA A 1 88  ? 1.927   5.436   3.635   1.00 0.00 ? 88  ALA A H    1 
ATOM 1060 H HA   . ALA A 1 88  ? 1.057   3.136   5.205   1.00 0.00 ? 88  ALA A HA   1 
ATOM 1061 H HB1  . ALA A 1 88  ? -0.155  4.431   2.637   1.00 0.00 ? 88  ALA A HB1  1 
ATOM 1062 H HB2  . ALA A 1 88  ? -0.998  3.259   3.670   1.00 0.00 ? 88  ALA A HB2  1 
ATOM 1063 H HB3  . ALA A 1 88  ? -0.572  4.854   4.311   1.00 0.00 ? 88  ALA A HB3  1 
ATOM 1064 N N    . TRP A 1 89  ? 2.220   2.326   2.156   1.00 0.00 ? 89  TRP A N    1 
ATOM 1065 C CA   . TRP A 1 89  ? 2.744   1.123   1.484   1.00 0.00 ? 89  TRP A CA   1 
ATOM 1066 C C    . TRP A 1 89  ? 3.981   0.534   2.198   1.00 0.00 ? 89  TRP A C    1 
ATOM 1067 O O    . TRP A 1 89  ? 4.027   -0.679  2.358   1.00 0.00 ? 89  TRP A O    1 
ATOM 1068 C CB   . TRP A 1 89  ? 3.059   1.372   0.013   1.00 0.00 ? 89  TRP A CB   1 
ATOM 1069 C CG   . TRP A 1 89  ? 1.887   1.536   -0.928  1.00 0.00 ? 89  TRP A CG   1 
ATOM 1070 C CD1  . TRP A 1 89  ? 0.546   1.829   -0.661  1.00 0.00 ? 89  TRP A CD1  1 
ATOM 1071 C CD2  . TRP A 1 89  ? 1.977   1.365   -2.267  1.00 0.00 ? 89  TRP A CD2  1 
ATOM 1072 N NE1  . TRP A 1 89  ? -0.232  1.755   -1.830  1.00 0.00 ? 89  TRP A NE1  1 
ATOM 1073 C CE2  . TRP A 1 89  ? 0.686   1.448   -2.819  1.00 0.00 ? 89  TRP A CE2  1 
ATOM 1074 C CE3  . TRP A 1 89  ? 3.114   1.202   -3.070  1.00 0.00 ? 89  TRP A CE3  1 
ATOM 1075 C CZ2  . TRP A 1 89  ? 0.504   1.280   -4.209  1.00 0.00 ? 89  TRP A CZ2  1 
ATOM 1076 C CZ3  . TRP A 1 89  ? 2.931   1.087   -4.444  1.00 0.00 ? 89  TRP A CZ3  1 
ATOM 1077 C CH2  . TRP A 1 89  ? 1.642   1.108   -5.012  1.00 0.00 ? 89  TRP A CH2  1 
ATOM 1078 H H    . TRP A 1 89  ? 2.554   3.264   1.833   1.00 0.00 ? 89  TRP A H    1 
ATOM 1079 H HA   . TRP A 1 89  ? 1.966   0.343   1.541   1.00 0.00 ? 89  TRP A HA   1 
ATOM 1080 H HB2  . TRP A 1 89  ? 3.811   2.143   -0.178  1.00 0.00 ? 89  TRP A HB2  1 
ATOM 1081 H HB3  . TRP A 1 89  ? 3.593   0.476   -0.317  1.00 0.00 ? 89  TRP A HB3  1 
ATOM 1082 H HD1  . TRP A 1 89  ? 0.228   2.172   0.314   1.00 0.00 ? 89  TRP A HD1  1 
ATOM 1083 H HE1  . TRP A 1 89  ? -1.152  2.178   -1.981  1.00 0.00 ? 89  TRP A HE1  1 
ATOM 1084 H HE3  . TRP A 1 89  ? 4.088   1.242   -2.577  1.00 0.00 ? 89  TRP A HE3  1 
ATOM 1085 H HZ2  . TRP A 1 89  ? -0.501  1.266   -4.616  1.00 0.00 ? 89  TRP A HZ2  1 
ATOM 1086 H HZ3  . TRP A 1 89  ? 3.815   1.017   -5.054  1.00 0.00 ? 89  TRP A HZ3  1 
ATOM 1087 H HH2  . TRP A 1 89  ? 1.531   1.013   -6.081  1.00 0.00 ? 89  TRP A HH2  1 
ATOM 1088 N N    . ASP A 1 90  ? 4.974   1.340   2.612   1.00 0.00 ? 90  ASP A N    1 
ATOM 1089 C CA   . ASP A 1 90  ? 6.113   0.809   3.416   1.00 0.00 ? 90  ASP A CA   1 
ATOM 1090 C C    . ASP A 1 90  ? 5.689   0.097   4.752   1.00 0.00 ? 90  ASP A C    1 
ATOM 1091 O O    . ASP A 1 90  ? 6.265   -0.939  5.090   1.00 0.00 ? 90  ASP A O    1 
ATOM 1092 C CB   . ASP A 1 90  ? 7.084   2.013   3.584   1.00 0.00 ? 90  ASP A CB   1 
ATOM 1093 C CG   . ASP A 1 90  ? 8.375   1.802   4.367   1.00 0.00 ? 90  ASP A CG   1 
ATOM 1094 O OD1  . ASP A 1 90  ? 9.486   1.771   3.855   1.00 0.00 ? 90  ASP A OD1  1 
ATOM 1095 O OD2  . ASP A 1 90  ? 8.163   1.693   5.705   1.00 0.00 ? 90  ASP A OD2  1 
ATOM 1096 H H    . ASP A 1 90  ? 4.818   2.343   2.401   1.00 0.00 ? 90  ASP A H    1 
ATOM 1097 H HA   . ASP A 1 90  ? 6.544   -0.039  2.833   1.00 0.00 ? 90  ASP A HA   1 
ATOM 1098 H HB2  . ASP A 1 90  ? 7.374   2.394   2.588   1.00 0.00 ? 90  ASP A HB2  1 
ATOM 1099 H HB3  . ASP A 1 90  ? 6.559   2.855   4.071   1.00 0.00 ? 90  ASP A HB3  1 
ATOM 1100 H HD2  . ASP A 1 90  ? 9.005   1.525   6.129   1.00 0.00 ? 90  ASP A HD2  1 
ATOM 1101 N N    . ILE A 1 91  ? 4.672   0.598   5.477   1.00 0.00 ? 91  ILE A N    1 
ATOM 1102 C CA   . ILE A 1 91  ? 4.133   -0.089  6.682   1.00 0.00 ? 91  ILE A CA   1 
ATOM 1103 C C    . ILE A 1 91  ? 3.411   -1.436  6.296   1.00 0.00 ? 91  ILE A C    1 
ATOM 1104 O O    . ILE A 1 91  ? 3.803   -2.521  6.751   1.00 0.00 ? 91  ILE A O    1 
ATOM 1105 C CB   . ILE A 1 91  ? 3.357   0.935   7.608   1.00 0.00 ? 91  ILE A CB   1 
ATOM 1106 C CG1  . ILE A 1 91  ? 4.314   1.574   8.666   1.00 0.00 ? 91  ILE A CG1  1 
ATOM 1107 C CG2  . ILE A 1 91  ? 2.199   0.294   8.411   1.00 0.00 ? 91  ILE A CG2  1 
ATOM 1108 C CD1  . ILE A 1 91  ? 5.444   2.460   8.104   1.00 0.00 ? 91  ILE A CD1  1 
ATOM 1109 H H    . ILE A 1 91  ? 4.252   1.452   5.092   1.00 0.00 ? 91  ILE A H    1 
ATOM 1110 H HA   . ILE A 1 91  ? 5.001   -0.434  7.247   1.00 0.00 ? 91  ILE A HA   1 
ATOM 1111 H HB   . ILE A 1 91  ? 2.890   1.747   6.985   1.00 0.00 ? 91  ILE A HB   1 
ATOM 1112 H HG12 . ILE A 1 91  ? 3.731   2.168   9.396   1.00 0.00 ? 91  ILE A HG12 1 
ATOM 1113 H HG13 . ILE A 1 91  ? 4.768   0.774   9.285   1.00 0.00 ? 91  ILE A HG13 1 
ATOM 1114 H HG21 . ILE A 1 91  ? 2.544   -0.568  9.015   1.00 0.00 ? 91  ILE A HG21 1 
ATOM 1115 H HG22 . ILE A 1 91  ? 1.704   1.009   9.089   1.00 0.00 ? 91  ILE A HG22 1 
ATOM 1116 H HG23 . ILE A 1 91  ? 1.411   -0.095  7.738   1.00 0.00 ? 91  ILE A HG23 1 
ATOM 1117 H HD11 . ILE A 1 91  ? 5.069   3.234   7.410   1.00 0.00 ? 91  ILE A HD11 1 
ATOM 1118 H HD12 . ILE A 1 91  ? 5.999   2.975   8.908   1.00 0.00 ? 91  ILE A HD12 1 
ATOM 1119 H HD13 . ILE A 1 91  ? 6.184   1.864   7.537   1.00 0.00 ? 91  ILE A HD13 1 
ATOM 1120 N N    . ALA A 1 92  ? 2.385   -1.359  5.431   1.00 0.00 ? 92  ALA A N    1 
ATOM 1121 C CA   . ALA A 1 92  ? 1.651   -2.558  4.973   1.00 0.00 ? 92  ALA A CA   1 
ATOM 1122 C C    . ALA A 1 92  ? 2.491   -3.624  4.191   1.00 0.00 ? 92  ALA A C    1 
ATOM 1123 O O    . ALA A 1 92  ? 2.308   -4.814  4.457   1.00 0.00 ? 92  ALA A O    1 
ATOM 1124 C CB   . ALA A 1 92  ? 0.422   -2.052  4.225   1.00 0.00 ? 92  ALA A CB   1 
ATOM 1125 H H    . ALA A 1 92  ? 2.181   -0.416  5.070   1.00 0.00 ? 92  ALA A H    1 
ATOM 1126 H HA   . ALA A 1 92  ? 1.314   -3.082  5.875   1.00 0.00 ? 92  ALA A HA   1 
ATOM 1127 H HB1  . ALA A 1 92  ? -0.219  -1.399  4.848   1.00 0.00 ? 92  ALA A HB1  1 
ATOM 1128 H HB2  . ALA A 1 92  ? 0.755   -1.461  3.359   1.00 0.00 ? 92  ALA A HB2  1 
ATOM 1129 H HB3  . ALA A 1 92  ? -0.212  -2.879  3.857   1.00 0.00 ? 92  ALA A HB3  1 
ATOM 1130 N N    . VAL A 1 93  ? 3.407   -3.231  3.273   1.00 0.00 ? 93  VAL A N    1 
ATOM 1131 C CA   . VAL A 1 93  ? 4.345   -4.199  2.605   1.00 0.00 ? 93  VAL A CA   1 
ATOM 1132 C C    . VAL A 1 93  ? 5.310   -4.874  3.636   1.00 0.00 ? 93  VAL A C    1 
ATOM 1133 O O    . VAL A 1 93  ? 5.468   -6.094  3.557   1.00 0.00 ? 93  VAL A O    1 
ATOM 1134 C CB   . VAL A 1 93  ? 5.029   -3.605  1.322   1.00 0.00 ? 93  VAL A CB   1 
ATOM 1135 C CG1  . VAL A 1 93  ? 6.345   -4.277  0.879   1.00 0.00 ? 93  VAL A CG1  1 
ATOM 1136 C CG2  . VAL A 1 93  ? 4.108   -3.693  0.086   1.00 0.00 ? 93  VAL A CG2  1 
ATOM 1137 H H    . VAL A 1 93  ? 3.532   -2.202  3.216   1.00 0.00 ? 93  VAL A H    1 
ATOM 1138 H HA   . VAL A 1 93  ? 3.736   -5.051  2.265   1.00 0.00 ? 93  VAL A HA   1 
ATOM 1139 H HB   . VAL A 1 93  ? 5.284   -2.546  1.513   1.00 0.00 ? 93  VAL A HB   1 
ATOM 1140 H HG11 . VAL A 1 93  ? 7.099   -4.239  1.683   1.00 0.00 ? 93  VAL A HG11 1 
ATOM 1141 H HG12 . VAL A 1 93  ? 6.199   -5.343  0.623   1.00 0.00 ? 93  VAL A HG12 1 
ATOM 1142 H HG13 . VAL A 1 93  ? 6.792   -3.767  0.010   1.00 0.00 ? 93  VAL A HG13 1 
ATOM 1143 H HG21 . VAL A 1 93  ? 3.161   -3.151  0.242   1.00 0.00 ? 93  VAL A HG21 1 
ATOM 1144 H HG22 . VAL A 1 93  ? 4.586   -3.277  -0.819  1.00 0.00 ? 93  VAL A HG22 1 
ATOM 1145 H HG23 . VAL A 1 93  ? 3.853   -4.744  -0.157  1.00 0.00 ? 93  VAL A HG23 1 
ATOM 1146 N N    . ALA A 1 94  ? 5.933   -4.139  4.585   1.00 0.00 ? 94  ALA A N    1 
ATOM 1147 C CA   . ALA A 1 94  ? 6.728   -4.748  5.687   1.00 0.00 ? 94  ALA A CA   1 
ATOM 1148 C C    . ALA A 1 94  ? 5.988   -5.913  6.462   1.00 0.00 ? 94  ALA A C    1 
ATOM 1149 O O    . ALA A 1 94  ? 6.599   -6.926  6.800   1.00 0.00 ? 94  ALA A O    1 
ATOM 1150 C CB   . ALA A 1 94  ? 7.180   -3.614  6.623   1.00 0.00 ? 94  ALA A CB   1 
ATOM 1151 H H    . ALA A 1 94  ? 5.709   -3.142  4.573   1.00 0.00 ? 94  ALA A H    1 
ATOM 1152 H HA   . ALA A 1 94  ? 7.634   -5.176  5.238   1.00 0.00 ? 94  ALA A HA   1 
ATOM 1153 H HB1  . ALA A 1 94  ? 7.778   -2.853  6.088   1.00 0.00 ? 94  ALA A HB1  1 
ATOM 1154 H HB2  . ALA A 1 94  ? 6.325   -3.093  7.093   1.00 0.00 ? 94  ALA A HB2  1 
ATOM 1155 H HB3  . ALA A 1 94  ? 7.815   -4.001  7.441   1.00 0.00 ? 94  ALA A HB3  1 
ATOM 1156 N N    . THR A 1 95  ? 4.666   -5.772  6.684   1.00 0.00 ? 95  THR A N    1 
ATOM 1157 C CA   . THR A 1 95  ? 3.806   -6.837  7.314   1.00 0.00 ? 95  THR A CA   1 
ATOM 1158 C C    . THR A 1 95  ? 3.090   -7.855  6.315   1.00 0.00 ? 95  THR A C    1 
ATOM 1159 O O    . THR A 1 95  ? 2.174   -8.572  6.733   1.00 0.00 ? 95  THR A O    1 
ATOM 1160 C CB   . THR A 1 95  ? 2.743   -6.120  8.217   1.00 0.00 ? 95  THR A CB   1 
ATOM 1161 O OG1  . THR A 1 95  ? 1.961   -5.184  7.473   1.00 0.00 ? 95  THR A OG1  1 
ATOM 1162 C CG2  . THR A 1 95  ? 3.301   -5.364  9.433   1.00 0.00 ? 95  THR A CG2  1 
ATOM 1163 H H    . THR A 1 95  ? 4.330   -4.823  6.443   1.00 0.00 ? 95  THR A H    1 
ATOM 1164 H HA   . THR A 1 95  ? 4.422   -7.485  7.968   1.00 0.00 ? 95  THR A HA   1 
ATOM 1165 H HB   . THR A 1 95  ? 2.058   -6.893  8.625   1.00 0.00 ? 95  THR A HB   1 
ATOM 1166 H HG1  . THR A 1 95  ? 1.925   -5.507  6.564   1.00 0.00 ? 95  THR A HG1  1 
ATOM 1167 H HG21 . THR A 1 95  ? 3.899   -6.022  10.089  1.00 0.00 ? 95  THR A HG21 1 
ATOM 1168 H HG22 . THR A 1 95  ? 3.947   -4.521  9.126   1.00 0.00 ? 95  THR A HG22 1 
ATOM 1169 H HG23 . THR A 1 95  ? 2.487   -4.938  10.046  1.00 0.00 ? 95  THR A HG23 1 
ATOM 1170 N N    . MET A 1 96  ? 3.505   -7.994  5.038   1.00 0.00 ? 96  MET A N    1 
ATOM 1171 C CA   . MET A 1 96  ? 2.815   -8.840  4.002   1.00 0.00 ? 96  MET A CA   1 
ATOM 1172 C C    . MET A 1 96  ? 3.615   -10.117 3.550   1.00 0.00 ? 96  MET A C    1 
ATOM 1173 O O    . MET A 1 96  ? 4.830   -10.044 3.367   1.00 0.00 ? 96  MET A O    1 
ATOM 1174 C CB   . MET A 1 96  ? 2.601   -7.846  2.833   1.00 0.00 ? 96  MET A CB   1 
ATOM 1175 C CG   . MET A 1 96  ? 1.703   -8.273  1.669   1.00 0.00 ? 96  MET A CG   1 
ATOM 1176 S SD   . MET A 1 96  ? 1.667   -6.856  0.563   1.00 0.00 ? 96  MET A SD   1 
ATOM 1177 C CE   . MET A 1 96  ? 0.216   -7.247  -0.402  1.00 0.00 ? 96  MET A CE   1 
ATOM 1178 H H    . MET A 1 96  ? 4.283   -7.368  4.790   1.00 0.00 ? 96  MET A H    1 
ATOM 1179 H HA   . MET A 1 96  ? 1.824   -9.177  4.365   1.00 0.00 ? 96  MET A HA   1 
ATOM 1180 H HB2  . MET A 1 96  ? 2.154   -6.910  3.221   1.00 0.00 ? 96  MET A HB2  1 
ATOM 1181 H HB3  . MET A 1 96  ? 3.586   -7.542  2.424   1.00 0.00 ? 96  MET A HB3  1 
ATOM 1182 H HG2  . MET A 1 96  ? 2.098   -9.156  1.131   1.00 0.00 ? 96  MET A HG2  1 
ATOM 1183 H HG3  . MET A 1 96  ? 0.682   -8.521  2.011   1.00 0.00 ? 96  MET A HG3  1 
ATOM 1184 H HE1  . MET A 1 96  ? 0.218   -8.298  -0.737  1.00 0.00 ? 96  MET A HE1  1 
ATOM 1185 H HE2  . MET A 1 96  ? -0.708  -7.057  0.172   1.00 0.00 ? 96  MET A HE2  1 
ATOM 1186 H HE3  . MET A 1 96  ? 0.200   -6.606  -1.302  1.00 0.00 ? 96  MET A HE3  1 
ATOM 1187 N N    . LYS A 1 97  ? 2.960   -11.275 3.314   1.00 0.00 ? 97  LYS A N    1 
ATOM 1188 C CA   . LYS A 1 97  ? 3.666   -12.544 2.931   1.00 0.00 ? 97  LYS A CA   1 
ATOM 1189 C C    . LYS A 1 97  ? 3.705   -12.886 1.403   1.00 0.00 ? 97  LYS A C    1 
ATOM 1190 O O    . LYS A 1 97  ? 2.779   -12.604 0.627   1.00 0.00 ? 97  LYS A O    1 
ATOM 1191 C CB   . LYS A 1 97  ? 3.087   -13.719 3.773   1.00 0.00 ? 97  LYS A CB   1 
ATOM 1192 C CG   . LYS A 1 97  ? 3.627   -13.796 5.220   1.00 0.00 ? 97  LYS A CG   1 
ATOM 1193 C CD   . LYS A 1 97  ? 3.313   -15.138 5.907   1.00 0.00 ? 97  LYS A CD   1 
ATOM 1194 C CE   . LYS A 1 97  ? 3.971   -15.228 7.291   1.00 0.00 ? 97  LYS A CE   1 
ATOM 1195 N NZ   . LYS A 1 97  ? 3.638   -16.521 7.918   1.00 0.00 ? 97  LYS A NZ   1 
ATOM 1196 H H    . LYS A 1 97  ? 1.940   -11.201 3.248   1.00 0.00 ? 97  LYS A H    1 
ATOM 1197 H HA   . LYS A 1 97  ? 4.740   -12.457 3.190   1.00 0.00 ? 97  LYS A HA   1 
ATOM 1198 H HB2  . LYS A 1 97  ? 1.978   -13.687 3.778   1.00 0.00 ? 97  LYS A HB2  1 
ATOM 1199 H HB3  . LYS A 1 97  ? 3.337   -14.676 3.274   1.00 0.00 ? 97  LYS A HB3  1 
ATOM 1200 H HG2  . LYS A 1 97  ? 4.723   -13.640 5.216   1.00 0.00 ? 97  LYS A HG2  1 
ATOM 1201 H HG3  . LYS A 1 97  ? 3.218   -12.956 5.816   1.00 0.00 ? 97  LYS A HG3  1 
ATOM 1202 H HD2  . LYS A 1 97  ? 2.216   -15.265 5.991   1.00 0.00 ? 97  LYS A HD2  1 
ATOM 1203 H HD3  . LYS A 1 97  ? 3.665   -15.975 5.271   1.00 0.00 ? 97  LYS A HD3  1 
ATOM 1204 H HE2  . LYS A 1 97  ? 5.072   -15.123 7.213   1.00 0.00 ? 97  LYS A HE2  1 
ATOM 1205 H HE3  . LYS A 1 97  ? 3.639   -14.396 7.944   1.00 0.00 ? 97  LYS A HE3  1 
ATOM 1206 H HZ1  . LYS A 1 97  ? 3.875   -17.305 7.300   1.00 0.00 ? 97  LYS A HZ1  1 
ATOM 1207 H HZ2  . LYS A 1 97  ? 2.625   -16.600 8.073   1.00 0.00 ? 97  LYS A HZ2  1 
ATOM 1208 N N    . VAL A 1 98  ? 4.795   -13.597 1.024   1.00 0.00 ? 98  VAL A N    1 
ATOM 1209 C CA   . VAL A 1 98  ? 5.113   -14.023 -0.375  1.00 0.00 ? 98  VAL A CA   1 
ATOM 1210 C C    . VAL A 1 98  ? 3.865   -14.572 -1.183  1.00 0.00 ? 98  VAL A C    1 
ATOM 1211 O O    . VAL A 1 98  ? 3.325   -15.617 -0.788  1.00 0.00 ? 98  VAL A O    1 
ATOM 1212 C CB   . VAL A 1 98  ? 6.175   -15.182 -0.351  1.00 0.00 ? 98  VAL A CB   1 
ATOM 1213 C CG1  . VAL A 1 98  ? 6.552   -15.748 -1.746  1.00 0.00 ? 98  VAL A CG1  1 
ATOM 1214 C CG2  . VAL A 1 98  ? 7.552   -14.817 0.249   1.00 0.00 ? 98  VAL A CG2  1 
ATOM 1215 H H    . VAL A 1 98  ? 5.454   -13.816 1.787   1.00 0.00 ? 98  VAL A H    1 
ATOM 1216 H HA   . VAL A 1 98  ? 5.626   -13.163 -0.863  1.00 0.00 ? 98  VAL A HA   1 
ATOM 1217 H HB   . VAL A 1 98  ? 5.678   -15.985 0.239   1.00 0.00 ? 98  VAL A HB   1 
ATOM 1218 H HG11 . VAL A 1 98  ? 6.944   -14.959 -2.416  1.00 0.00 ? 98  VAL A HG11 1 
ATOM 1219 H HG12 . VAL A 1 98  ? 7.310   -16.549 -1.685  1.00 0.00 ? 98  VAL A HG12 1 
ATOM 1220 H HG13 . VAL A 1 98  ? 5.681   -16.197 -2.259  1.00 0.00 ? 98  VAL A HG13 1 
ATOM 1221 H HG21 . VAL A 1 98  ? 7.485   -14.480 1.296   1.00 0.00 ? 98  VAL A HG21 1 
ATOM 1222 H HG22 . VAL A 1 98  ? 8.266   -15.664 0.256   1.00 0.00 ? 98  VAL A HG22 1 
ATOM 1223 H HG23 . VAL A 1 98  ? 8.047   -14.004 -0.318  1.00 0.00 ? 98  VAL A HG23 1 
ATOM 1224 N N    . GLY A 1 99  ? 3.423   -13.932 -2.279  1.00 0.00 ? 99  GLY A N    1 
ATOM 1225 C CA   . GLY A 1 99  ? 2.341   -14.528 -3.123  1.00 0.00 ? 99  GLY A CA   1 
ATOM 1226 C C    . GLY A 1 99  ? 0.893   -14.067 -2.907  1.00 0.00 ? 99  GLY A C    1 
ATOM 1227 O O    . GLY A 1 99  ? 0.166   -14.019 -3.902  1.00 0.00 ? 99  GLY A O    1 
ATOM 1228 H H    . GLY A 1 99  ? 3.379   -12.899 -2.159  1.00 0.00 ? 99  GLY A H    1 
ATOM 1229 H HA2  . GLY A 1 99  ? 2.572   -14.402 -4.204  1.00 0.00 ? 99  GLY A HA2  1 
ATOM 1230 H HA3  . GLY A 1 99  ? 2.333   -15.630 -3.040  1.00 0.00 ? 99  GLY A HA3  1 
ATOM 1231 N N    . GLU A 1 100 ? 0.447   -13.761 -1.671  1.00 0.00 ? 100 GLU A N    1 
ATOM 1232 C CA   . GLU A 1 100 ? -0.989  -13.407 -1.453  1.00 0.00 ? 100 GLU A CA   1 
ATOM 1233 C C    . GLU A 1 100 ? -1.369  -11.870 -1.439  1.00 0.00 ? 100 GLU A C    1 
ATOM 1234 O O    . GLU A 1 100 ? -0.733  -11.063 -2.126  1.00 0.00 ? 100 GLU A O    1 
ATOM 1235 C CB   . GLU A 1 100 ? -1.540  -14.376 -0.375  1.00 0.00 ? 100 GLU A CB   1 
ATOM 1236 C CG   . GLU A 1 100 ? -1.569  -15.898 -0.714  1.00 0.00 ? 100 GLU A CG   1 
ATOM 1237 C CD   . GLU A 1 100 ? -2.775  -16.668 -0.160  1.00 0.00 ? 100 GLU A CD   1 
ATOM 1238 O OE1  . GLU A 1 100 ? -3.922  -16.472 -0.548  1.00 0.00 ? 100 GLU A OE1  1 
ATOM 1239 O OE2  . GLU A 1 100 ? -2.450  -17.586 0.793   1.00 0.00 ? 100 GLU A OE2  1 
ATOM 1240 H H    . GLU A 1 100 ? 1.108   -13.948 -0.904  1.00 0.00 ? 100 GLU A H    1 
ATOM 1241 H HA   . GLU A 1 100 ? -1.589  -13.683 -2.342  1.00 0.00 ? 100 GLU A HA   1 
ATOM 1242 H HB2  . GLU A 1 100 ? -1.062  -14.180 0.603   1.00 0.00 ? 100 GLU A HB2  1 
ATOM 1243 H HB3  . GLU A 1 100 ? -2.585  -14.084 -0.252  1.00 0.00 ? 100 GLU A HB3  1 
ATOM 1244 H HG2  . GLU A 1 100 ? -1.612  -16.026 -1.812  1.00 0.00 ? 100 GLU A HG2  1 
ATOM 1245 H HG3  . GLU A 1 100 ? -0.620  -16.370 -0.410  1.00 0.00 ? 100 GLU A HG3  1 
ATOM 1246 H HE2  . GLU A 1 100 ? -1.505  -17.671 0.944   1.00 0.00 ? 100 GLU A HE2  1 
ATOM 1247 N N    . LEU A 1 101 ? -2.468  -11.459 -0.758  1.00 0.00 ? 101 LEU A N    1 
ATOM 1248 C CA   . LEU A 1 101 ? -3.028  -10.073 -0.845  1.00 0.00 ? 101 LEU A CA   1 
ATOM 1249 C C    . LEU A 1 101 ? -3.762  -9.460  0.408   1.00 0.00 ? 101 LEU A C    1 
ATOM 1250 O O    . LEU A 1 101 ? -4.360  -10.117 1.281   1.00 0.00 ? 101 LEU A O    1 
ATOM 1251 C CB   . LEU A 1 101 ? -3.860  -10.040 -2.184  1.00 0.00 ? 101 LEU A CB   1 
ATOM 1252 C CG   . LEU A 1 101 ? -5.111  -9.172  -2.467  1.00 0.00 ? 101 LEU A CG   1 
ATOM 1253 C CD1  . LEU A 1 101 ? -6.330  -9.441  -1.581  1.00 0.00 ? 101 LEU A CD1  1 
ATOM 1254 C CD2  . LEU A 1 101 ? -4.921  -7.681  -2.709  1.00 0.00 ? 101 LEU A CD2  1 
ATOM 1255 H H    . LEU A 1 101 ? -2.788  -12.115 -0.040  1.00 0.00 ? 101 LEU A H    1 
ATOM 1256 H HA   . LEU A 1 101 ? -2.145  -9.423  -0.915  1.00 0.00 ? 101 LEU A HA   1 
ATOM 1257 H HB2  . LEU A 1 101 ? -3.143  -9.858  -3.001  1.00 0.00 ? 101 LEU A HB2  1 
ATOM 1258 H HB3  . LEU A 1 101 ? -4.203  -11.063 -2.427  1.00 0.00 ? 101 LEU A HB3  1 
ATOM 1259 H HG   . LEU A 1 101 ? -5.400  -9.515  -3.454  1.00 0.00 ? 101 LEU A HG   1 
ATOM 1260 H HD11 . LEU A 1 101 ? -6.457  -10.516 -1.358  1.00 0.00 ? 101 LEU A HD11 1 
ATOM 1261 H HD12 . LEU A 1 101 ? -6.268  -8.904  -0.621  1.00 0.00 ? 101 LEU A HD12 1 
ATOM 1262 H HD13 . LEU A 1 101 ? -7.262  -9.108  -2.073  1.00 0.00 ? 101 LEU A HD13 1 
ATOM 1263 H HD21 . LEU A 1 101 ? -4.220  -7.493  -3.539  1.00 0.00 ? 101 LEU A HD21 1 
ATOM 1264 H HD22 . LEU A 1 101 ? -5.864  -7.199  -2.999  1.00 0.00 ? 101 LEU A HD22 1 
ATOM 1265 H HD23 . LEU A 1 101 ? -4.568  -7.125  -1.833  1.00 0.00 ? 101 LEU A HD23 1 
ATOM 1266 N N    . CYS A 1 102 ? -3.745  -8.113  0.399   1.00 0.00 ? 102 CYS A N    1 
ATOM 1267 C CA   . CYS A 1 102 ? -4.327  -7.274  1.488   1.00 0.00 ? 102 CYS A CA   1 
ATOM 1268 C C    . CYS A 1 102 ? -4.956  -5.938  0.966   1.00 0.00 ? 102 CYS A C    1 
ATOM 1269 O O    . CYS A 1 102 ? -4.521  -5.409  -0.065  1.00 0.00 ? 102 CYS A O    1 
ATOM 1270 C CB   . CYS A 1 102 ? -3.191  -6.878  2.475   1.00 0.00 ? 102 CYS A CB   1 
ATOM 1271 S SG   . CYS A 1 102 ? -1.965  -8.192  2.789   1.00 0.00 ? 102 CYS A SG   1 
ATOM 1272 H H    . CYS A 1 102 ? -3.644  -7.763  -0.585  1.00 0.00 ? 102 CYS A H    1 
ATOM 1273 H HA   . CYS A 1 102 ? -5.112  -7.846  2.020   1.00 0.00 ? 102 CYS A HA   1 
ATOM 1274 H HB2  . CYS A 1 102 ? -2.641  -5.997  2.097   1.00 0.00 ? 102 CYS A HB2  1 
ATOM 1275 H HB3  . CYS A 1 102 ? -3.622  -6.554  3.440   1.00 0.00 ? 102 CYS A HB3  1 
ATOM 1276 H HG   . CYS A 1 102 ? -1.065  -7.417  3.390   1.00 0.00 ? 102 CYS A HG   1 
ATOM 1277 N N    . ARG A 1 103 ? -5.948  -5.341  1.662   1.00 0.00 ? 103 ARG A N    1 
ATOM 1278 C CA   . ARG A 1 103 ? -6.485  -4.029  1.301   1.00 0.00 ? 103 ARG A CA   1 
ATOM 1279 C C    . ARG A 1 103 ? -6.072  -2.994  2.391   1.00 0.00 ? 103 ARG A C    1 
ATOM 1280 O O    . ARG A 1 103 ? -6.336  -3.095  3.591   1.00 0.00 ? 103 ARG A O    1 
ATOM 1281 C CB   . ARG A 1 103 ? -7.971  -4.014  0.952   1.00 0.00 ? 103 ARG A CB   1 
ATOM 1282 C CG   . ARG A 1 103 ? -9.000  -4.726  1.850   1.00 0.00 ? 103 ARG A CG   1 
ATOM 1283 C CD   . ARG A 1 103 ? -10.419 -4.742  1.273   1.00 0.00 ? 103 ARG A CD   1 
ATOM 1284 N NE   . ARG A 1 103 ? -11.263 -5.553  2.185   1.00 0.00 ? 103 ARG A NE   1 
ATOM 1285 C CZ   . ARG A 1 103 ? -12.567 -5.756  2.062   1.00 0.00 ? 103 ARG A CZ   1 
ATOM 1286 N NH1  . ARG A 1 103 ? -13.302 -5.255  1.115   1.00 0.00 ? 103 ARG A NH1  1 
ATOM 1287 N NH2  . ARG A 1 103 ? -13.133 -6.502  2.943   1.00 0.00 ? 103 ARG A NH2  1 
ATOM 1288 H H    . ARG A 1 103 ? -6.145  -5.590  2.629   1.00 0.00 ? 103 ARG A H    1 
ATOM 1289 H HA   . ARG A 1 103 ? -6.033  -3.721  0.345   1.00 0.00 ? 103 ARG A HA   1 
ATOM 1290 H HB2  . ARG A 1 103 ? -8.187  -2.946  0.913   1.00 0.00 ? 103 ARG A HB2  1 
ATOM 1291 H HB3  . ARG A 1 103 ? -8.049  -4.371  -0.082  1.00 0.00 ? 103 ARG A HB3  1 
ATOM 1292 H HG2  . ARG A 1 103 ? -8.671  -5.769  2.035   1.00 0.00 ? 103 ARG A HG2  1 
ATOM 1293 H HG3  . ARG A 1 103 ? -9.022  -4.224  2.834   1.00 0.00 ? 103 ARG A HG3  1 
ATOM 1294 H HD2  . ARG A 1 103 ? -10.811 -3.708  1.181   1.00 0.00 ? 103 ARG A HD2  1 
ATOM 1295 H HD3  . ARG A 1 103 ? -10.421 -5.183  0.255   1.00 0.00 ? 103 ARG A HD3  1 
ATOM 1296 H HH11 . ARG A 1 103 ? -12.777 -4.665  0.469   1.00 0.00 ? 103 ARG A HH11 1 
ATOM 1297 H HH12 . ARG A 1 103 ? -14.296 -5.475  1.132   1.00 0.00 ? 103 ARG A HH12 1 
ATOM 1298 H HH21 . ARG A 1 103 ? -12.462 -6.847  3.629   1.00 0.00 ? 103 ARG A HH21 1 
ATOM 1299 H HH22 . ARG A 1 103 ? -14.133 -6.669  2.854   1.00 0.00 ? 103 ARG A HH22 1 
ATOM 1300 N N    . ILE A 1 104 ? -5.397  -1.983  1.884   1.00 0.00 ? 104 ILE A N    1 
ATOM 1301 C CA   . ILE A 1 104 ? -4.849  -0.838  2.656   1.00 0.00 ? 104 ILE A CA   1 
ATOM 1302 C C    . ILE A 1 104 ? -5.967  0.246   2.872   1.00 0.00 ? 104 ILE A C    1 
ATOM 1303 O O    . ILE A 1 104 ? -6.624  0.678   1.919   1.00 0.00 ? 104 ILE A O    1 
ATOM 1304 C CB   . ILE A 1 104 ? -3.580  -0.294  1.876   1.00 0.00 ? 104 ILE A CB   1 
ATOM 1305 C CG1  . ILE A 1 104 ? -2.418  -1.342  1.849   1.00 0.00 ? 104 ILE A CG1  1 
ATOM 1306 C CG2  . ILE A 1 104 ? -3.109  1.086   2.386   1.00 0.00 ? 104 ILE A CG2  1 
ATOM 1307 C CD1  . ILE A 1 104 ? -0.981  -0.896  1.485   1.00 0.00 ? 104 ILE A CD1  1 
ATOM 1308 H H    . ILE A 1 104 ? -5.383  -2.061  0.851   1.00 0.00 ? 104 ILE A H    1 
ATOM 1309 H HA   . ILE A 1 104 ? -4.515  -1.207  3.651   1.00 0.00 ? 104 ILE A HA   1 
ATOM 1310 H HB   . ILE A 1 104 ? -3.866  -0.101  0.826   1.00 0.00 ? 104 ILE A HB   1 
ATOM 1311 H HG12 . ILE A 1 104 ? -2.394  -1.864  2.821   1.00 0.00 ? 104 ILE A HG12 1 
ATOM 1312 H HG13 . ILE A 1 104 ? -2.703  -2.144  1.139   1.00 0.00 ? 104 ILE A HG13 1 
ATOM 1313 H HG21 . ILE A 1 104 ? -3.916  1.838   2.293   1.00 0.00 ? 104 ILE A HG21 1 
ATOM 1314 H HG22 . ILE A 1 104 ? -2.796  1.049   3.441   1.00 0.00 ? 104 ILE A HG22 1 
ATOM 1315 H HG23 . ILE A 1 104 ? -2.277  1.478   1.776   1.00 0.00 ? 104 ILE A HG23 1 
ATOM 1316 H HD11 . ILE A 1 104 ? -0.905  -0.409  0.500   1.00 0.00 ? 104 ILE A HD11 1 
ATOM 1317 H HD12 . ILE A 1 104 ? -0.567  -0.186  2.230   1.00 0.00 ? 104 ILE A HD12 1 
ATOM 1318 H HD13 . ILE A 1 104 ? -0.281  -1.757  1.465   1.00 0.00 ? 104 ILE A HD13 1 
ATOM 1319 N N    . THR A 1 105 ? -6.153  0.707   4.118   1.00 0.00 ? 105 THR A N    1 
ATOM 1320 C CA   . THR A 1 105 ? -7.135  1.793   4.449   1.00 0.00 ? 105 THR A CA   1 
ATOM 1321 C C    . THR A 1 105 ? -6.284  2.842   5.218   1.00 0.00 ? 105 THR A C    1 
ATOM 1322 O O    . THR A 1 105 ? -6.000  2.655   6.407   1.00 0.00 ? 105 THR A O    1 
ATOM 1323 C CB   . THR A 1 105 ? -8.357  1.198   5.209   1.00 0.00 ? 105 THR A CB   1 
ATOM 1324 O OG1  . THR A 1 105 ? -9.025  0.253   4.381   1.00 0.00 ? 105 THR A OG1  1 
ATOM 1325 C CG2  . THR A 1 105 ? -9.419  2.234   5.603   1.00 0.00 ? 105 THR A CG2  1 
ATOM 1326 H H    . THR A 1 105 ? -5.458  0.400   4.823   1.00 0.00 ? 105 THR A H    1 
ATOM 1327 H HA   . THR A 1 105 ? -7.546  2.270   3.539   1.00 0.00 ? 105 THR A HA   1 
ATOM 1328 H HB   . THR A 1 105 ? -8.011  0.676   6.122   1.00 0.00 ? 105 THR A HB   1 
ATOM 1329 H HG1  . THR A 1 105 ? -8.338  -0.345  4.067   1.00 0.00 ? 105 THR A HG1  1 
ATOM 1330 H HG21 . THR A 1 105 ? -9.821  2.766   4.719   1.00 0.00 ? 105 THR A HG21 1 
ATOM 1331 H HG22 . THR A 1 105 ? -10.277 1.752   6.108   1.00 0.00 ? 105 THR A HG22 1 
ATOM 1332 H HG23 . THR A 1 105 ? -9.019  2.995   6.298   1.00 0.00 ? 105 THR A HG23 1 
ATOM 1333 N N    . CYS A 1 106 ? -5.830  3.911   4.531   1.00 0.00 ? 106 CYS A N    1 
ATOM 1334 C CA   . CYS A 1 106 ? -4.852  4.868   5.133   1.00 0.00 ? 106 CYS A CA   1 
ATOM 1335 C C    . CYS A 1 106 ? -5.218  6.389   5.173   1.00 0.00 ? 106 CYS A C    1 
ATOM 1336 O O    . CYS A 1 106 ? -5.881  6.952   4.299   1.00 0.00 ? 106 CYS A O    1 
ATOM 1337 C CB   . CYS A 1 106 ? -3.495  4.621   4.428   1.00 0.00 ? 106 CYS A CB   1 
ATOM 1338 S SG   . CYS A 1 106 ? -3.631  4.525   2.617   1.00 0.00 ? 106 CYS A SG   1 
ATOM 1339 H H    . CYS A 1 106 ? -6.306  4.077   3.623   1.00 0.00 ? 106 CYS A H    1 
ATOM 1340 H HA   . CYS A 1 106 ? -4.686  4.597   6.195   1.00 0.00 ? 106 CYS A HA   1 
ATOM 1341 H HB2  . CYS A 1 106 ? -2.751  5.403   4.669   1.00 0.00 ? 106 CYS A HB2  1 
ATOM 1342 H HB3  . CYS A 1 106 ? -3.046  3.692   4.802   1.00 0.00 ? 106 CYS A HB3  1 
ATOM 1343 H HG   . CYS A 1 106 ? -4.249  5.686   2.538   1.00 0.00 ? 106 CYS A HG   1 
ATOM 1344 N N    . LYS A 1 107 ? -4.698  7.038   6.225   1.00 0.00 ? 107 LYS A N    1 
ATOM 1345 C CA   . LYS A 1 107 ? -4.836  8.493   6.488   1.00 0.00 ? 107 LYS A CA   1 
ATOM 1346 C C    . LYS A 1 107 ? -3.830  9.363   5.633   1.00 0.00 ? 107 LYS A C    1 
ATOM 1347 O O    . LYS A 1 107 ? -2.681  8.928   5.472   1.00 0.00 ? 107 LYS A O    1 
ATOM 1348 C CB   . LYS A 1 107 ? -4.479  8.659   7.994   1.00 0.00 ? 107 LYS A CB   1 
ATOM 1349 C CG   . LYS A 1 107 ? -4.738  10.043  8.636   1.00 0.00 ? 107 LYS A CG   1 
ATOM 1350 C CD   . LYS A 1 107 ? -4.098  10.167  10.033  1.00 0.00 ? 107 LYS A CD   1 
ATOM 1351 C CE   . LYS A 1 107 ? -4.314  11.563  10.633  1.00 0.00 ? 107 LYS A CE   1 
ATOM 1352 N NZ   . LYS A 1 107 ? -3.580  11.687  11.907  1.00 0.00 ? 107 LYS A NZ   1 
ATOM 1353 H H    . LYS A 1 107 ? -4.094  6.432   6.811   1.00 0.00 ? 107 LYS A H    1 
ATOM 1354 H HA   . LYS A 1 107 ? -5.880  8.804   6.308   1.00 0.00 ? 107 LYS A HA   1 
ATOM 1355 H HB2  . LYS A 1 107 ? -5.003  7.896   8.604   1.00 0.00 ? 107 LYS A HB2  1 
ATOM 1356 H HB3  . LYS A 1 107 ? -3.401  8.424   8.101   1.00 0.00 ? 107 LYS A HB3  1 
ATOM 1357 H HG2  . LYS A 1 107 ? -4.325  10.845  7.993   1.00 0.00 ? 107 LYS A HG2  1 
ATOM 1358 H HG3  . LYS A 1 107 ? -5.827  10.239  8.690   1.00 0.00 ? 107 LYS A HG3  1 
ATOM 1359 H HD2  . LYS A 1 107 ? -4.512  9.393   10.710  1.00 0.00 ? 107 LYS A HD2  1 
ATOM 1360 H HD3  . LYS A 1 107 ? -3.012  9.955   9.962   1.00 0.00 ? 107 LYS A HD3  1 
ATOM 1361 H HE2  . LYS A 1 107 ? -3.971  12.354  9.936   1.00 0.00 ? 107 LYS A HE2  1 
ATOM 1362 H HE3  . LYS A 1 107 ? -5.393  11.756  10.801  1.00 0.00 ? 107 LYS A HE3  1 
ATOM 1363 H HZ1  . LYS A 1 107 ? -2.557  11.676  11.759  1.00 0.00 ? 107 LYS A HZ1  1 
ATOM 1364 H HZ2  . LYS A 1 107 ? -3.763  10.892  12.528  1.00 0.00 ? 107 LYS A HZ2  1 
ATOM 1365 N N    . PRO A 1 108 ? -4.141  10.616  5.174   1.00 0.00 ? 108 PRO A N    1 
ATOM 1366 C CA   . PRO A 1 108 ? -3.170  11.478  4.426   1.00 0.00 ? 108 PRO A CA   1 
ATOM 1367 C C    . PRO A 1 108 ? -1.742  11.734  5.019   1.00 0.00 ? 108 PRO A C    1 
ATOM 1368 O O    . PRO A 1 108 ? -0.836  12.087  4.267   1.00 0.00 ? 108 PRO A O    1 
ATOM 1369 C CB   . PRO A 1 108 ? -3.972  12.772  4.217   1.00 0.00 ? 108 PRO A CB   1 
ATOM 1370 C CG   . PRO A 1 108 ? -5.403  12.277  4.122   1.00 0.00 ? 108 PRO A CG   1 
ATOM 1371 C CD   . PRO A 1 108 ? -5.499  11.197  5.197   1.00 0.00 ? 108 PRO A CD   1 
ATOM 1372 H HA   . PRO A 1 108 ? -2.974  11.009  3.441   1.00 0.00 ? 108 PRO A HA   1 
ATOM 1373 H HB2  . PRO A 1 108 ? -3.854  13.475  5.067   1.00 0.00 ? 108 PRO A HB2  1 
ATOM 1374 H HB3  . PRO A 1 108 ? -3.689  13.311  3.298   1.00 0.00 ? 108 PRO A HB3  1 
ATOM 1375 H HG2  . PRO A 1 108 ? -6.133  13.096  4.243   1.00 0.00 ? 108 PRO A HG2  1 
ATOM 1376 H HG3  . PRO A 1 108 ? -5.548  11.840  3.115   1.00 0.00 ? 108 PRO A HG3  1 
ATOM 1377 H HD2  . PRO A 1 108 ? -5.754  11.633  6.173   1.00 0.00 ? 108 PRO A HD2  1 
ATOM 1378 H HD3  . PRO A 1 108 ? -6.292  10.466  4.994   1.00 0.00 ? 108 PRO A HD3  1 
ATOM 1379 N N    . GLU A 1 109 ? -1.520  11.537  6.331   1.00 0.00 ? 109 GLU A N    1 
ATOM 1380 C CA   . GLU A 1 109 ? -0.175  11.615  6.961   1.00 0.00 ? 109 GLU A CA   1 
ATOM 1381 C C    . GLU A 1 109 ? 0.859   10.601  6.365   1.00 0.00 ? 109 GLU A C    1 
ATOM 1382 O O    . GLU A 1 109 ? 2.014   10.932  6.095   1.00 0.00 ? 109 GLU A O    1 
ATOM 1383 C CB   . GLU A 1 109 ? -0.450  11.431  8.485   1.00 0.00 ? 109 GLU A CB   1 
ATOM 1384 C CG   . GLU A 1 109 ? 0.753   11.437  9.467   1.00 0.00 ? 109 GLU A CG   1 
ATOM 1385 C CD   . GLU A 1 109 ? 0.371   10.919  10.861  1.00 0.00 ? 109 GLU A CD   1 
ATOM 1386 O OE1  . GLU A 1 109 ? -0.504  11.421  11.559  1.00 0.00 ? 109 GLU A OE1  1 
ATOM 1387 O OE2  . GLU A 1 109 ? 1.080   9.814   11.221  1.00 0.00 ? 109 GLU A OE2  1 
ATOM 1388 H H    . GLU A 1 109 ? -2.136  10.810  6.686   1.00 0.00 ? 109 GLU A H    1 
ATOM 1389 H HA   . GLU A 1 109 ? 0.227   12.589  6.694   1.00 0.00 ? 109 GLU A HA   1 
ATOM 1390 H HB2  . GLU A 1 109 ? -1.171  12.203  8.826   1.00 0.00 ? 109 GLU A HB2  1 
ATOM 1391 H HB3  . GLU A 1 109 ? -0.988  10.471  8.623   1.00 0.00 ? 109 GLU A HB3  1 
ATOM 1392 H HG2  . GLU A 1 109 ? 1.587   10.826  9.074   1.00 0.00 ? 109 GLU A HG2  1 
ATOM 1393 H HG3  . GLU A 1 109 ? 1.162   12.458  9.570   1.00 0.00 ? 109 GLU A HG3  1 
ATOM 1394 H HE2  . GLU A 1 109 ? 0.771   9.513   12.086  1.00 0.00 ? 109 GLU A HE2  1 
ATOM 1395 N N    . TYR A 1 110 ? 0.389   9.372   6.149   1.00 0.00 ? 110 TYR A N    1 
ATOM 1396 C CA   . TYR A 1 110 ? 1.122   8.302   5.466   1.00 0.00 ? 110 TYR A CA   1 
ATOM 1397 C C    . TYR A 1 110 ? 0.985   8.325   3.909   1.00 0.00 ? 110 TYR A C    1 
ATOM 1398 O O    . TYR A 1 110 ? 1.466   7.382   3.281   1.00 0.00 ? 110 TYR A O    1 
ATOM 1399 C CB   . TYR A 1 110 ? 0.561   7.007   6.111   1.00 0.00 ? 110 TYR A CB   1 
ATOM 1400 C CG   . TYR A 1 110 ? 1.278   6.574   7.419   1.00 0.00 ? 110 TYR A CG   1 
ATOM 1401 C CD1  . TYR A 1 110 ? 1.590   7.494   8.431   1.00 0.00 ? 110 TYR A CD1  1 
ATOM 1402 C CD2  . TYR A 1 110 ? 1.850   5.301   7.476   1.00 0.00 ? 110 TYR A CD2  1 
ATOM 1403 C CE1  . TYR A 1 110 ? 2.568   7.206   9.375   1.00 0.00 ? 110 TYR A CE1  1 
ATOM 1404 C CE2  . TYR A 1 110 ? 2.814   5.007   8.430   1.00 0.00 ? 110 TYR A CE2  1 
ATOM 1405 C CZ   . TYR A 1 110 ? 3.196   5.966   9.361   1.00 0.00 ? 110 TYR A CZ   1 
ATOM 1406 O OH   . TYR A 1 110 ? 4.177   5.681   10.268  1.00 0.00 ? 110 TYR A OH   1 
ATOM 1407 H H    . TYR A 1 110 ? -0.558  9.181   6.460   1.00 0.00 ? 110 TYR A H    1 
ATOM 1408 H HA   . TYR A 1 110 ? 2.189   8.372   5.670   1.00 0.00 ? 110 TYR A HA   1 
ATOM 1409 H HB2  . TYR A 1 110 ? -0.543  7.062   6.159   1.00 0.00 ? 110 TYR A HB2  1 
ATOM 1410 H HB3  . TYR A 1 110 ? 0.694   6.197   5.386   1.00 0.00 ? 110 TYR A HB3  1 
ATOM 1411 H HD1  . TYR A 1 110 ? 1.118   8.456   8.455   1.00 0.00 ? 110 TYR A HD1  1 
ATOM 1412 H HD2  . TYR A 1 110 ? 1.584   4.530   6.769   1.00 0.00 ? 110 TYR A HD2  1 
ATOM 1413 H HE1  . TYR A 1 110 ? 2.835   7.952   10.108  1.00 0.00 ? 110 TYR A HE1  1 
ATOM 1414 H HE2  . TYR A 1 110 ? 3.242   4.030   8.426   1.00 0.00 ? 110 TYR A HE2  1 
ATOM 1415 H HH   . TYR A 1 110 ? 4.579   4.846   10.017  1.00 0.00 ? 110 TYR A HH   1 
ATOM 1416 N N    . ALA A 1 111 ? 0.363   9.353   3.287   1.00 0.00 ? 111 ALA A N    1 
ATOM 1417 C CA   . ALA A 1 111 ? 0.176   9.398   1.809   1.00 0.00 ? 111 ALA A CA   1 
ATOM 1418 C C    . ALA A 1 111 ? 0.305   10.830  1.142   1.00 0.00 ? 111 ALA A C    1 
ATOM 1419 O O    . ALA A 1 111 ? 1.380   11.427  1.233   1.00 0.00 ? 111 ALA A O    1 
ATOM 1420 C CB   . ALA A 1 111 ? -1.144  8.653   1.549   1.00 0.00 ? 111 ALA A CB   1 
ATOM 1421 H H    . ALA A 1 111 ? -0.004  10.030  3.991   1.00 0.00 ? 111 ALA A H    1 
ATOM 1422 H HA   . ALA A 1 111 ? 0.981   8.801   1.323   1.00 0.00 ? 111 ALA A HA   1 
ATOM 1423 H HB1  . ALA A 1 111 ? -1.183  7.665   2.046   1.00 0.00 ? 111 ALA A HB1  1 
ATOM 1424 H HB2  . ALA A 1 111 ? -2.027  9.223   1.895   1.00 0.00 ? 111 ALA A HB2  1 
ATOM 1425 H HB3  . ALA A 1 111 ? -1.240  8.471   0.465   1.00 0.00 ? 111 ALA A HB3  1 
ATOM 1426 N N    . TYR A 1 112 ? -0.729  11.386  0.450   1.00 0.00 ? 112 TYR A N    1 
ATOM 1427 C CA   . TYR A 1 112 ? -0.634  12.746  -0.223  1.00 0.00 ? 112 TYR A CA   1 
ATOM 1428 C C    . TYR A 1 112 ? -0.936  13.981  0.719   1.00 0.00 ? 112 TYR A C    1 
ATOM 1429 O O    . TYR A 1 112 ? -0.797  15.105  0.241   1.00 0.00 ? 112 TYR A O    1 
ATOM 1430 C CB   . TYR A 1 112 ? -1.415  12.883  -1.600  1.00 0.00 ? 112 TYR A CB   1 
ATOM 1431 C CG   . TYR A 1 112 ? -1.415  11.646  -2.530  1.00 0.00 ? 112 TYR A CG   1 
ATOM 1432 C CD1  . TYR A 1 112 ? -0.287  11.366  -3.310  1.00 0.00 ? 112 TYR A CD1  1 
ATOM 1433 C CD2  . TYR A 1 112 ? -2.502  10.769  -2.575  1.00 0.00 ? 112 TYR A CD2  1 
ATOM 1434 C CE1  . TYR A 1 112 ? -0.227  10.204  -4.081  1.00 0.00 ? 112 TYR A CE1  1 
ATOM 1435 C CE2  . TYR A 1 112 ? -2.445  9.613   -3.358  1.00 0.00 ? 112 TYR A CE2  1 
ATOM 1436 C CZ   . TYR A 1 112 ? -1.310  9.334   -4.107  1.00 0.00 ? 112 TYR A CZ   1 
ATOM 1437 O OH   . TYR A 1 112 ? -1.269  8.211   -4.888  1.00 0.00 ? 112 TYR A OH   1 
ATOM 1438 H H    . TYR A 1 112 ? -1.586  10.819  0.497   1.00 0.00 ? 112 TYR A H    1 
ATOM 1439 H HA   . TYR A 1 112 ? 0.427   12.899  -0.523  1.00 0.00 ? 112 TYR A HA   1 
ATOM 1440 H HB2  . TYR A 1 112 ? -2.410  13.360  -1.472  1.00 0.00 ? 112 TYR A HB2  1 
ATOM 1441 H HB3  . TYR A 1 112 ? -0.987  13.699  -2.226  1.00 0.00 ? 112 TYR A HB3  1 
ATOM 1442 H HD1  . TYR A 1 112 ? 0.534   12.064  -3.336  1.00 0.00 ? 112 TYR A HD1  1 
ATOM 1443 H HD2  . TYR A 1 112 ? -3.406  10.976  -2.018  1.00 0.00 ? 112 TYR A HD2  1 
ATOM 1444 H HE1  . TYR A 1 112 ? 0.658   9.965   -4.654  1.00 0.00 ? 112 TYR A HE1  1 
ATOM 1445 H HE2  . TYR A 1 112 ? -3.281  8.929   -3.382  1.00 0.00 ? 112 TYR A HE2  1 
ATOM 1446 H HH   . TYR A 1 112 ? -2.129  7.786   -4.862  1.00 0.00 ? 112 TYR A HH   1 
ATOM 1447 N N    . GLY A 1 113 ? -1.310  13.849  2.016   1.00 0.00 ? 113 GLY A N    1 
ATOM 1448 C CA   . GLY A 1 113 ? -1.597  15.007  2.929   1.00 0.00 ? 113 GLY A CA   1 
ATOM 1449 C C    . GLY A 1 113 ? -0.678  16.246  3.036   1.00 0.00 ? 113 GLY A C    1 
ATOM 1450 O O    . GLY A 1 113 ? -1.185  17.335  3.297   1.00 0.00 ? 113 GLY A O    1 
ATOM 1451 H H    . GLY A 1 113 ? -1.424  12.881  2.369   1.00 0.00 ? 113 GLY A H    1 
ATOM 1452 H HA2  . GLY A 1 113 ? -2.604  15.388  2.685   1.00 0.00 ? 113 GLY A HA2  1 
ATOM 1453 H HA3  . GLY A 1 113 ? -1.695  14.628  3.961   1.00 0.00 ? 113 GLY A HA3  1 
ATOM 1454 N N    . SER A 1 114 ? 0.647   16.112  2.881   1.00 0.00 ? 114 SER A N    1 
ATOM 1455 C CA   . SER A 1 114 ? 1.565   17.292  2.900   1.00 0.00 ? 114 SER A CA   1 
ATOM 1456 C C    . SER A 1 114 ? 1.347   18.296  1.706   1.00 0.00 ? 114 SER A C    1 
ATOM 1457 O O    . SER A 1 114 ? 1.255   19.502  1.940   1.00 0.00 ? 114 SER A O    1 
ATOM 1458 C CB   . SER A 1 114 ? 3.024   16.789  2.999   1.00 0.00 ? 114 SER A CB   1 
ATOM 1459 O OG   . SER A 1 114 ? 3.926   17.879  3.206   1.00 0.00 ? 114 SER A OG   1 
ATOM 1460 H H    . SER A 1 114 ? 0.937   15.160  2.637   1.00 0.00 ? 114 SER A H    1 
ATOM 1461 H HA   . SER A 1 114 ? 1.362   17.881  3.818   1.00 0.00 ? 114 SER A HA   1 
ATOM 1462 H HB2  . SER A 1 114 ? 3.135   16.079  3.842   1.00 0.00 ? 114 SER A HB2  1 
ATOM 1463 H HB3  . SER A 1 114 ? 3.318   16.227  2.092   1.00 0.00 ? 114 SER A HB3  1 
ATOM 1464 H HG   . SER A 1 114 ? 3.621   18.626  2.677   1.00 0.00 ? 114 SER A HG   1 
ATOM 1465 N N    . ALA A 1 115 ? 1.297   17.807  0.452   1.00 0.00 ? 115 ALA A N    1 
ATOM 1466 C CA   . ALA A 1 115 ? 1.061   18.662  -0.749  1.00 0.00 ? 115 ALA A CA   1 
ATOM 1467 C C    . ALA A 1 115 ? -0.109  18.286  -1.735  1.00 0.00 ? 115 ALA A C    1 
ATOM 1468 O O    . ALA A 1 115 ? -0.483  19.158  -2.525  1.00 0.00 ? 115 ALA A O    1 
ATOM 1469 C CB   . ALA A 1 115 ? 2.413   18.727  -1.490  1.00 0.00 ? 115 ALA A CB   1 
ATOM 1470 H H    . ALA A 1 115 ? 1.725   16.879  0.399   1.00 0.00 ? 115 ALA A H    1 
ATOM 1471 H HA   . ALA A 1 115 ? 0.788   19.688  -0.440  1.00 0.00 ? 115 ALA A HA   1 
ATOM 1472 H HB1  . ALA A 1 115 ? 3.225   19.111  -0.845  1.00 0.00 ? 115 ALA A HB1  1 
ATOM 1473 H HB2  . ALA A 1 115 ? 2.726   17.739  -1.877  1.00 0.00 ? 115 ALA A HB2  1 
ATOM 1474 H HB3  . ALA A 1 115 ? 2.357   19.407  -2.361  1.00 0.00 ? 115 ALA A HB3  1 
ATOM 1475 N N    . GLY A 1 116 ? -0.703  17.071  -1.739  1.00 0.00 ? 116 GLY A N    1 
ATOM 1476 C CA   . GLY A 1 116 ? -1.742  16.679  -2.714  1.00 0.00 ? 116 GLY A CA   1 
ATOM 1477 C C    . GLY A 1 116 ? -1.165  16.041  -3.996  1.00 0.00 ? 116 GLY A C    1 
ATOM 1478 O O    . GLY A 1 116 ? -0.038  16.336  -4.409  1.00 0.00 ? 116 GLY A O    1 
ATOM 1479 H H    . GLY A 1 116 ? -0.581  16.457  -0.931  1.00 0.00 ? 116 GLY A H    1 
ATOM 1480 H HA2  . GLY A 1 116 ? -2.445  15.982  -2.220  1.00 0.00 ? 116 GLY A HA2  1 
ATOM 1481 H HA3  . GLY A 1 116 ? -2.358  17.544  -2.986  1.00 0.00 ? 116 GLY A HA3  1 
ATOM 1482 N N    . SER A 1 117 ? -1.918  15.128  -4.627  1.00 0.00 ? 117 SER A N    1 
ATOM 1483 C CA   . SER A 1 117 ? -1.474  14.505  -5.901  1.00 0.00 ? 117 SER A CA   1 
ATOM 1484 C C    . SER A 1 117 ? -1.826  15.482  -7.092  1.00 0.00 ? 117 SER A C    1 
ATOM 1485 O O    . SER A 1 117 ? -3.026  15.717  -7.292  1.00 0.00 ? 117 SER A O    1 
ATOM 1486 C CB   . SER A 1 117 ? -2.103  13.116  -6.126  1.00 0.00 ? 117 SER A CB   1 
ATOM 1487 O OG   . SER A 1 117 ? -1.346  12.376  -7.086  1.00 0.00 ? 117 SER A OG   1 
ATOM 1488 H H    . SER A 1 117 ? -2.901  15.114  -4.346  1.00 0.00 ? 117 SER A H    1 
ATOM 1489 H HA   . SER A 1 117 ? -0.389  14.321  -5.792  1.00 0.00 ? 117 SER A HA   1 
ATOM 1490 H HB2  . SER A 1 117 ? -2.129  12.567  -5.173  1.00 0.00 ? 117 SER A HB2  1 
ATOM 1491 H HB3  . SER A 1 117 ? -3.155  13.194  -6.463  1.00 0.00 ? 117 SER A HB3  1 
ATOM 1492 H HG   . SER A 1 117 ? -1.582  11.446  -6.986  1.00 0.00 ? 117 SER A HG   1 
ATOM 1493 N N    . PRO A 1 118 ? -0.869  16.029  -7.902  1.00 0.00 ? 118 PRO A N    1 
ATOM 1494 C CA   . PRO A 1 118 ? -1.146  17.006  -9.000  1.00 0.00 ? 118 PRO A CA   1 
ATOM 1495 C C    . PRO A 1 118 ? -2.468  16.990  -9.864  1.00 0.00 ? 118 PRO A C    1 
ATOM 1496 O O    . PRO A 1 118 ? -3.041  18.077  -9.992  1.00 0.00 ? 118 PRO A O    1 
ATOM 1497 C CB   . PRO A 1 118 ? 0.154   16.947  -9.822  1.00 0.00 ? 118 PRO A CB   1 
ATOM 1498 C CG   . PRO A 1 118 ? 1.245   16.656  -8.787  1.00 0.00 ? 118 PRO A CG   1 
ATOM 1499 C CD   . PRO A 1 118 ? 0.574   15.800  -7.710  1.00 0.00 ? 118 PRO A CD   1 
ATOM 1500 H HA   . PRO A 1 118 ? -1.193  18.004  -8.518  1.00 0.00 ? 118 PRO A HA   1 
ATOM 1501 H HB2  . PRO A 1 118 ? 0.120   16.138  -10.575 1.00 0.00 ? 118 PRO A HB2  1 
ATOM 1502 H HB3  . PRO A 1 118 ? 0.336   17.887  -10.376 1.00 0.00 ? 118 PRO A HB3  1 
ATOM 1503 H HG2  . PRO A 1 118 ? 2.132   16.164  -9.228  1.00 0.00 ? 118 PRO A HG2  1 
ATOM 1504 H HG3  . PRO A 1 118 ? 1.599   17.605  -8.339  1.00 0.00 ? 118 PRO A HG3  1 
ATOM 1505 H HD2  . PRO A 1 118 ? 0.795   14.721  -7.813  1.00 0.00 ? 118 PRO A HD2  1 
ATOM 1506 H HD3  . PRO A 1 118 ? 0.915   16.109  -6.702  1.00 0.00 ? 118 PRO A HD3  1 
ATOM 1507 N N    . PRO A 1 119 ? -3.014  15.886  -10.459 1.00 0.00 ? 119 PRO A N    1 
ATOM 1508 C CA   . PRO A 1 119 ? -4.272  15.958  -11.262 1.00 0.00 ? 119 PRO A CA   1 
ATOM 1509 C C    . PRO A 1 119 ? -5.652  16.036  -10.510 1.00 0.00 ? 119 PRO A C    1 
ATOM 1510 O O    . PRO A 1 119 ? -6.613  16.509  -11.121 1.00 0.00 ? 119 PRO A O    1 
ATOM 1511 C CB   . PRO A 1 119 ? -4.142  14.690  -12.131 1.00 0.00 ? 119 PRO A CB   1 
ATOM 1512 C CG   . PRO A 1 119 ? -3.374  13.694  -11.257 1.00 0.00 ? 119 PRO A CG   1 
ATOM 1513 C CD   . PRO A 1 119 ? -2.363  14.560  -10.506 1.00 0.00 ? 119 PRO A CD   1 
ATOM 1514 H HA   . PRO A 1 119 ? -4.265  16.850  -11.920 1.00 0.00 ? 119 PRO A HA   1 
ATOM 1515 H HB2  . PRO A 1 119 ? -5.116  14.293  -12.477 1.00 0.00 ? 119 PRO A HB2  1 
ATOM 1516 H HB3  . PRO A 1 119 ? -3.561  14.922  -13.045 1.00 0.00 ? 119 PRO A HB3  1 
ATOM 1517 H HG2  . PRO A 1 119 ? -4.064  13.207  -10.539 1.00 0.00 ? 119 PRO A HG2  1 
ATOM 1518 H HG3  . PRO A 1 119 ? -2.894  12.888  -11.842 1.00 0.00 ? 119 PRO A HG3  1 
ATOM 1519 H HD2  . PRO A 1 119 ? -2.150  14.145  -9.503  1.00 0.00 ? 119 PRO A HD2  1 
ATOM 1520 H HD3  . PRO A 1 119 ? -1.407  14.607  -11.061 1.00 0.00 ? 119 PRO A HD3  1 
ATOM 1521 N N    . LYS A 1 120 ? -5.791  15.560  -9.253  1.00 0.00 ? 120 LYS A N    1 
ATOM 1522 C CA   . LYS A 1 120 ? -7.103  15.550  -8.529  1.00 0.00 ? 120 LYS A CA   1 
ATOM 1523 C C    . LYS A 1 120 ? -7.108  15.629  -6.955  1.00 0.00 ? 120 LYS A C    1 
ATOM 1524 O O    . LYS A 1 120 ? -8.156  15.956  -6.390  1.00 0.00 ? 120 LYS A O    1 
ATOM 1525 C CB   . LYS A 1 120 ? -7.902  14.247  -8.882  1.00 0.00 ? 120 LYS A CB   1 
ATOM 1526 C CG   . LYS A 1 120 ? -8.335  13.993  -10.348 1.00 0.00 ? 120 LYS A CG   1 
ATOM 1527 C CD   . LYS A 1 120 ? -9.271  12.778  -10.532 1.00 0.00 ? 120 LYS A CD   1 
ATOM 1528 C CE   . LYS A 1 120 ? -8.608  11.418  -10.248 1.00 0.00 ? 120 LYS A CE   1 
ATOM 1529 N NZ   . LYS A 1 120 ? -9.575  10.330  -10.487 1.00 0.00 ? 120 LYS A NZ   1 
ATOM 1530 H H    . LYS A 1 120 ? -4.897  15.538  -8.763  1.00 0.00 ? 120 LYS A H    1 
ATOM 1531 H HA   . LYS A 1 120 ? -7.668  16.440  -8.846  1.00 0.00 ? 120 LYS A HA   1 
ATOM 1532 H HB2  . LYS A 1 120 ? -7.320  13.373  -8.529  1.00 0.00 ? 120 LYS A HB2  1 
ATOM 1533 H HB3  . LYS A 1 120 ? -8.831  14.224  -8.278  1.00 0.00 ? 120 LYS A HB3  1 
ATOM 1534 H HG2  . LYS A 1 120 ? -8.842  14.900  -10.733 1.00 0.00 ? 120 LYS A HG2  1 
ATOM 1535 H HG3  . LYS A 1 120 ? -7.444  13.874  -10.994 1.00 0.00 ? 120 LYS A HG3  1 
ATOM 1536 H HD2  . LYS A 1 120 ? -10.170 12.911  -9.899  1.00 0.00 ? 120 LYS A HD2  1 
ATOM 1537 H HD3  . LYS A 1 120 ? -9.648  12.793  -11.574 1.00 0.00 ? 120 LYS A HD3  1 
ATOM 1538 H HE2  . LYS A 1 120 ? -7.713  11.276  -10.886 1.00 0.00 ? 120 LYS A HE2  1 
ATOM 1539 H HE3  . LYS A 1 120 ? -8.246  11.365  -9.202  1.00 0.00 ? 120 LYS A HE3  1 
ATOM 1540 H HZ1  . LYS A 1 120 ? -10.440 10.487  -9.955  1.00 0.00 ? 120 LYS A HZ1  1 
ATOM 1541 H HZ2  . LYS A 1 120 ? -9.868  10.311  -11.472 1.00 0.00 ? 120 LYS A HZ2  1 
ATOM 1542 N N    . ILE A 1 121 ? -6.023  15.307  -6.225  1.00 0.00 ? 121 ILE A N    1 
ATOM 1543 C CA   . ILE A 1 121 ? -6.066  15.185  -4.728  1.00 0.00 ? 121 ILE A CA   1 
ATOM 1544 C C    . ILE A 1 121 ? -5.604  16.476  -3.950  1.00 0.00 ? 121 ILE A C    1 
ATOM 1545 O O    . ILE A 1 121 ? -4.486  16.929  -4.212  1.00 0.00 ? 121 ILE A O    1 
ATOM 1546 C CB   . ILE A 1 121 ? -5.251  13.909  -4.293  1.00 0.00 ? 121 ILE A CB   1 
ATOM 1547 C CG1  . ILE A 1 121 ? -5.877  12.604  -4.867  1.00 0.00 ? 121 ILE A CG1  1 
ATOM 1548 C CG2  . ILE A 1 121 ? -5.020  13.779  -2.758  1.00 0.00 ? 121 ILE A CG2  1 
ATOM 1549 C CD1  . ILE A 1 121 ? -5.125  11.306  -4.620  1.00 0.00 ? 121 ILE A CD1  1 
ATOM 1550 H H    . ILE A 1 121 ? -5.139  15.308  -6.749  1.00 0.00 ? 121 ILE A H    1 
ATOM 1551 H HA   . ILE A 1 121 ? -7.102  14.952  -4.434  1.00 0.00 ? 121 ILE A HA   1 
ATOM 1552 H HB   . ILE A 1 121 ? -4.252  14.004  -4.735  1.00 0.00 ? 121 ILE A HB   1 
ATOM 1553 H HG12 . ILE A 1 121 ? -6.936  12.502  -4.556  1.00 0.00 ? 121 ILE A HG12 1 
ATOM 1554 H HG13 . ILE A 1 121 ? -5.880  12.693  -5.961  1.00 0.00 ? 121 ILE A HG13 1 
ATOM 1555 H HG21 . ILE A 1 121 ? -4.476  14.648  -2.341  1.00 0.00 ? 121 ILE A HG21 1 
ATOM 1556 H HG22 . ILE A 1 121 ? -5.956  13.675  -2.187  1.00 0.00 ? 121 ILE A HG22 1 
ATOM 1557 H HG23 . ILE A 1 121 ? -4.382  12.917  -2.510  1.00 0.00 ? 121 ILE A HG23 1 
ATOM 1558 H HD11 . ILE A 1 121 ? -4.074  11.390  -4.948  1.00 0.00 ? 121 ILE A HD11 1 
ATOM 1559 H HD12 . ILE A 1 121 ? -5.128  11.062  -3.548  1.00 0.00 ? 121 ILE A HD12 1 
ATOM 1560 H HD13 . ILE A 1 121 ? -5.579  10.461  -5.164  1.00 0.00 ? 121 ILE A HD13 1 
ATOM 1561 N N    . PRO A 1 122 ? -6.340  17.044  -2.941  1.00 0.00 ? 122 PRO A N    1 
ATOM 1562 C CA   . PRO A 1 122 ? -5.839  18.186  -2.128  1.00 0.00 ? 122 PRO A CA   1 
ATOM 1563 C C    . PRO A 1 122 ? -5.179  17.720  -0.755  1.00 0.00 ? 122 PRO A C    1 
ATOM 1564 O O    . PRO A 1 122 ? -5.296  16.540  -0.396  1.00 0.00 ? 122 PRO A O    1 
ATOM 1565 C CB   . PRO A 1 122 ? -7.153  18.974  -1.959  1.00 0.00 ? 122 PRO A CB   1 
ATOM 1566 C CG   . PRO A 1 122 ? -8.260  17.919  -1.852  1.00 0.00 ? 122 PRO A CG   1 
ATOM 1567 C CD   . PRO A 1 122 ? -7.742  16.697  -2.618  1.00 0.00 ? 122 PRO A CD   1 
ATOM 1568 H HA   . PRO A 1 122 ? -5.099  18.791  -2.682  1.00 0.00 ? 122 PRO A HA   1 
ATOM 1569 H HB2  . PRO A 1 122 ? -7.140  19.664  -1.095  1.00 0.00 ? 122 PRO A HB2  1 
ATOM 1570 H HB3  . PRO A 1 122 ? -7.322  19.604  -2.855  1.00 0.00 ? 122 PRO A HB3  1 
ATOM 1571 H HG2  . PRO A 1 122 ? -8.434  17.652  -0.791  1.00 0.00 ? 122 PRO A HG2  1 
ATOM 1572 H HG3  . PRO A 1 122 ? -9.226  18.286  -2.250  1.00 0.00 ? 122 PRO A HG3  1 
ATOM 1573 H HD2  . PRO A 1 122 ? -7.792  15.808  -1.958  1.00 0.00 ? 122 PRO A HD2  1 
ATOM 1574 H HD3  . PRO A 1 122 ? -8.349  16.500  -3.524  1.00 0.00 ? 122 PRO A HD3  1 
ATOM 1575 N N    . PRO A 1 123 ? -4.532  18.593  0.074   1.00 0.00 ? 123 PRO A N    1 
ATOM 1576 C CA   . PRO A 1 123 ? -3.931  18.191  1.394   1.00 0.00 ? 123 PRO A CA   1 
ATOM 1577 C C    . PRO A 1 123 ? -4.768  17.486  2.529   1.00 0.00 ? 123 PRO A C    1 
ATOM 1578 O O    . PRO A 1 123 ? -4.205  17.186  3.586   1.00 0.00 ? 123 PRO A O    1 
ATOM 1579 C CB   . PRO A 1 123 ? -3.338  19.528  1.880   1.00 0.00 ? 123 PRO A CB   1 
ATOM 1580 C CG   . PRO A 1 123 ? -2.947  20.264  0.602   1.00 0.00 ? 123 PRO A CG   1 
ATOM 1581 C CD   . PRO A 1 123 ? -4.074  19.928  -0.369  1.00 0.00 ? 123 PRO A CD   1 
ATOM 1582 H HA   . PRO A 1 123 ? -3.107  17.478  1.208   1.00 0.00 ? 123 PRO A HA   1 
ATOM 1583 H HB2  . PRO A 1 123 ? -4.090  20.114  2.445   1.00 0.00 ? 123 PRO A HB2  1 
ATOM 1584 H HB3  . PRO A 1 123 ? -2.477  19.382  2.560   1.00 0.00 ? 123 PRO A HB3  1 
ATOM 1585 H HG2  . PRO A 1 123 ? -2.820  21.353  0.753   1.00 0.00 ? 123 PRO A HG2  1 
ATOM 1586 H HG3  . PRO A 1 123 ? -1.981  19.877  0.220   1.00 0.00 ? 123 PRO A HG3  1 
ATOM 1587 H HD2  . PRO A 1 123 ? -4.898  20.666  -0.297  1.00 0.00 ? 123 PRO A HD2  1 
ATOM 1588 H HD3  . PRO A 1 123 ? -3.692  19.946  -1.409  1.00 0.00 ? 123 PRO A HD3  1 
ATOM 1589 N N    . ASN A 1 124 ? -6.075  17.212  2.363   1.00 0.00 ? 124 ASN A N    1 
ATOM 1590 C CA   . ASN A 1 124 ? -6.898  16.514  3.389   1.00 0.00 ? 124 ASN A CA   1 
ATOM 1591 C C    . ASN A 1 124 ? -7.984  15.560  2.747   1.00 0.00 ? 124 ASN A C    1 
ATOM 1592 O O    . ASN A 1 124 ? -9.186  15.807  2.880   1.00 0.00 ? 124 ASN A O    1 
ATOM 1593 C CB   . ASN A 1 124 ? -7.473  17.576  4.375   1.00 0.00 ? 124 ASN A CB   1 
ATOM 1594 C CG   . ASN A 1 124 ? -7.965  17.020  5.719   1.00 0.00 ? 124 ASN A CG   1 
ATOM 1595 O OD1  . ASN A 1 124 ? -8.064  15.822  5.962   1.00 0.00 ? 124 ASN A OD1  1 
ATOM 1596 N ND2  . ASN A 1 124 ? -8.272  17.863  6.671   1.00 0.00 ? 124 ASN A ND2  1 
ATOM 1597 H H    . ASN A 1 124 ? -6.335  17.213  1.378   1.00 0.00 ? 124 ASN A H    1 
ATOM 1598 H HA   . ASN A 1 124 ? -6.233  15.865  3.983   1.00 0.00 ? 124 ASN A HA   1 
ATOM 1599 H HB2  . ASN A 1 124 ? -6.699  18.335  4.599   1.00 0.00 ? 124 ASN A HB2  1 
ATOM 1600 H HB3  . ASN A 1 124 ? -8.296  18.123  3.877   1.00 0.00 ? 124 ASN A HB3  1 
ATOM 1601 H HD21 . ASN A 1 124 ? -8.059  18.852  6.529   1.00 0.00 ? 124 ASN A HD21 1 
ATOM 1602 H HD22 . ASN A 1 124 ? -8.546  17.394  7.538   1.00 0.00 ? 124 ASN A HD22 1 
ATOM 1603 N N    . ALA A 1 125 ? -7.590  14.470  2.049   1.00 0.00 ? 125 ALA A N    1 
ATOM 1604 C CA   . ALA A 1 125 ? -8.550  13.494  1.461   1.00 0.00 ? 125 ALA A CA   1 
ATOM 1605 C C    . ALA A 1 125 ? -8.027  12.038  1.695   1.00 0.00 ? 125 ALA A C    1 
ATOM 1606 O O    . ALA A 1 125 ? -7.020  11.630  1.107   1.00 0.00 ? 125 ALA A O    1 
ATOM 1607 C CB   . ALA A 1 125 ? -8.729  13.850  -0.025  1.00 0.00 ? 125 ALA A CB   1 
ATOM 1608 H H    . ALA A 1 125 ? -6.614  14.457  1.728   1.00 0.00 ? 125 ALA A H    1 
ATOM 1609 H HA   . ALA A 1 125 ? -9.548  13.581  1.940   1.00 0.00 ? 125 ALA A HA   1 
ATOM 1610 H HB1  . ALA A 1 125 ? -9.117  14.879  -0.151  1.00 0.00 ? 125 ALA A HB1  1 
ATOM 1611 H HB2  . ALA A 1 125 ? -7.778  13.779  -0.586  1.00 0.00 ? 125 ALA A HB2  1 
ATOM 1612 H HB3  . ALA A 1 125 ? -9.452  13.174  -0.515  1.00 0.00 ? 125 ALA A HB3  1 
ATOM 1613 N N    . THR A 1 126 ? -8.707  11.258  2.558   1.00 0.00 ? 126 THR A N    1 
ATOM 1614 C CA   . THR A 1 126 ? -8.291  9.864   2.929   1.00 0.00 ? 126 THR A CA   1 
ATOM 1615 C C    . THR A 1 126 ? -8.202  8.850   1.710   1.00 0.00 ? 126 THR A C    1 
ATOM 1616 O O    . THR A 1 126 ? -8.843  9.073   0.676   1.00 0.00 ? 126 THR A O    1 
ATOM 1617 C CB   . THR A 1 126 ? -9.220  9.406   4.107   1.00 0.00 ? 126 THR A CB   1 
ATOM 1618 O OG1  . THR A 1 126 ? -9.088  10.293  5.214   1.00 0.00 ? 126 THR A OG1  1 
ATOM 1619 C CG2  . THR A 1 126 ? -8.975  8.019   4.715   1.00 0.00 ? 126 THR A CG2  1 
ATOM 1620 H H    . THR A 1 126 ? -9.454  11.737  3.068   1.00 0.00 ? 126 THR A H    1 
ATOM 1621 H HA   . THR A 1 126 ? -7.264  9.978   3.322   1.00 0.00 ? 126 THR A HA   1 
ATOM 1622 H HB   . THR A 1 126 ? -10.269 9.433   3.759   1.00 0.00 ? 126 THR A HB   1 
ATOM 1623 H HG1  . THR A 1 126 ? -9.589  9.896   5.933   1.00 0.00 ? 126 THR A HG1  1 
ATOM 1624 H HG21 . THR A 1 126 ? -9.066  7.209   3.968   1.00 0.00 ? 126 THR A HG21 1 
ATOM 1625 H HG22 . THR A 1 126 ? -7.970  7.942   5.167   1.00 0.00 ? 126 THR A HG22 1 
ATOM 1626 H HG23 . THR A 1 126 ? -9.704  7.784   5.512   1.00 0.00 ? 126 THR A HG23 1 
ATOM 1627 N N    . LEU A 1 127 ? -7.423  7.746   1.799   1.00 0.00 ? 127 LEU A N    1 
ATOM 1628 C CA   . LEU A 1 127 ? -7.205  6.814   0.654   1.00 0.00 ? 127 LEU A CA   1 
ATOM 1629 C C    . LEU A 1 127 ? -7.489  5.321   0.980   1.00 0.00 ? 127 LEU A C    1 
ATOM 1630 O O    . LEU A 1 127 ? -7.588  4.857   2.122   1.00 0.00 ? 127 LEU A O    1 
ATOM 1631 C CB   . LEU A 1 127 ? -5.719  6.964   0.226   1.00 0.00 ? 127 LEU A CB   1 
ATOM 1632 C CG   . LEU A 1 127 ? -5.241  8.274   -0.418  1.00 0.00 ? 127 LEU A CG   1 
ATOM 1633 C CD1  . LEU A 1 127 ? -3.720  8.173   -0.540  1.00 0.00 ? 127 LEU A CD1  1 
ATOM 1634 C CD2  . LEU A 1 127 ? -5.861  8.463   -1.800  1.00 0.00 ? 127 LEU A CD2  1 
ATOM 1635 H H    . LEU A 1 127 ? -7.127  7.412   2.729   1.00 0.00 ? 127 LEU A H    1 
ATOM 1636 H HA   . LEU A 1 127 ? -7.886  7.050   -0.204  1.00 0.00 ? 127 LEU A HA   1 
ATOM 1637 H HB2  . LEU A 1 127 ? -5.116  6.797   1.128   1.00 0.00 ? 127 LEU A HB2  1 
ATOM 1638 H HB3  . LEU A 1 127 ? -5.433  6.138   -0.454  1.00 0.00 ? 127 LEU A HB3  1 
ATOM 1639 H HG   . LEU A 1 127 ? -5.497  9.138   0.231   1.00 0.00 ? 127 LEU A HG   1 
ATOM 1640 H HD11 . LEU A 1 127 ? -3.269  7.677   0.336   1.00 0.00 ? 127 LEU A HD11 1 
ATOM 1641 H HD12 . LEU A 1 127 ? -3.396  7.582   -1.417  1.00 0.00 ? 127 LEU A HD12 1 
ATOM 1642 H HD13 . LEU A 1 127 ? -3.256  9.165   -0.609  1.00 0.00 ? 127 LEU A HD13 1 
ATOM 1643 H HD21 . LEU A 1 127 ? -6.964  8.416   -1.772  1.00 0.00 ? 127 LEU A HD21 1 
ATOM 1644 H HD22 . LEU A 1 127 ? -5.593  9.437   -2.232  1.00 0.00 ? 127 LEU A HD22 1 
ATOM 1645 H HD23 . LEU A 1 127 ? -5.524  7.677   -2.497  1.00 0.00 ? 127 LEU A HD23 1 
ATOM 1646 N N    . VAL A 1 128 ? -7.554  4.577   -0.125  1.00 0.00 ? 128 VAL A N    1 
ATOM 1647 C CA   . VAL A 1 128 ? -7.941  3.149   -0.150  1.00 0.00 ? 128 VAL A CA   1 
ATOM 1648 C C    . VAL A 1 128 ? -7.069  2.428   -1.244  1.00 0.00 ? 128 VAL A C    1 
ATOM 1649 O O    . VAL A 1 128 ? -7.192  2.792   -2.412  1.00 0.00 ? 128 VAL A O    1 
ATOM 1650 C CB   . VAL A 1 128 ? -9.491  3.144   -0.484  1.00 0.00 ? 128 VAL A CB   1 
ATOM 1651 C CG1  . VAL A 1 128 ? -10.122 1.755   -0.507  1.00 0.00 ? 128 VAL A CG1  1 
ATOM 1652 C CG2  . VAL A 1 128 ? -10.446 3.997   0.400   1.00 0.00 ? 128 VAL A CG2  1 
ATOM 1653 H H    . VAL A 1 128 ? -7.446  5.130   -0.989  1.00 0.00 ? 128 VAL A H    1 
ATOM 1654 H HA   . VAL A 1 128 ? -7.766  2.662   0.823   1.00 0.00 ? 128 VAL A HA   1 
ATOM 1655 H HB   . VAL A 1 128 ? -9.599  3.527   -1.515  1.00 0.00 ? 128 VAL A HB   1 
ATOM 1656 H HG11 . VAL A 1 128 ? -9.459  1.016   -0.976  1.00 0.00 ? 128 VAL A HG11 1 
ATOM 1657 H HG12 . VAL A 1 128 ? -10.360 1.401   0.508   1.00 0.00 ? 128 VAL A HG12 1 
ATOM 1658 H HG13 . VAL A 1 128 ? -11.056 1.790   -1.103  1.00 0.00 ? 128 VAL A HG13 1 
ATOM 1659 H HG21 . VAL A 1 128 ? -10.364 3.735   1.472   1.00 0.00 ? 128 VAL A HG21 1 
ATOM 1660 H HG22 . VAL A 1 128 ? -10.228 5.077   0.314   1.00 0.00 ? 128 VAL A HG22 1 
ATOM 1661 H HG23 . VAL A 1 128 ? -11.509 3.890   0.110   1.00 0.00 ? 128 VAL A HG23 1 
ATOM 1662 N N    . PHE A 1 129 ? -6.174  1.459   -0.938  1.00 0.00 ? 129 PHE A N    1 
ATOM 1663 C CA   . PHE A 1 129 ? -5.426  0.703   -2.019  1.00 0.00 ? 129 PHE A CA   1 
ATOM 1664 C C    . PHE A 1 129 ? -5.523  -0.838  -1.790  1.00 0.00 ? 129 PHE A C    1 
ATOM 1665 O O    . PHE A 1 129 ? -5.141  -1.346  -0.745  1.00 0.00 ? 129 PHE A O    1 
ATOM 1666 C CB   . PHE A 1 129 ? -3.939  1.030   -2.322  1.00 0.00 ? 129 PHE A CB   1 
ATOM 1667 C CG   . PHE A 1 129 ? -3.486  2.484   -2.483  1.00 0.00 ? 129 PHE A CG   1 
ATOM 1668 C CD1  . PHE A 1 129 ? -3.484  3.342   -1.385  1.00 0.00 ? 129 PHE A CD1  1 
ATOM 1669 C CD2  . PHE A 1 129 ? -2.961  2.930   -3.702  1.00 0.00 ? 129 PHE A CD2  1 
ATOM 1670 C CE1  . PHE A 1 129 ? -3.031  4.650   -1.517  1.00 0.00 ? 129 PHE A CE1  1 
ATOM 1671 C CE2  . PHE A 1 129 ? -2.473  4.227   -3.826  1.00 0.00 ? 129 PHE A CE2  1 
ATOM 1672 C CZ   . PHE A 1 129 ? -2.519  5.092   -2.736  1.00 0.00 ? 129 PHE A CZ   1 
ATOM 1673 H H    . PHE A 1 129 ? -6.092  1.263   0.080   1.00 0.00 ? 129 PHE A H    1 
ATOM 1674 H HA   . PHE A 1 129 ? -5.857  0.933   -3.005  1.00 0.00 ? 129 PHE A HA   1 
ATOM 1675 H HB2  . PHE A 1 129 ? -3.296  0.474   -1.636  1.00 0.00 ? 129 PHE A HB2  1 
ATOM 1676 H HB3  . PHE A 1 129 ? -3.694  0.513   -3.269  1.00 0.00 ? 129 PHE A HB3  1 
ATOM 1677 H HD1  . PHE A 1 129 ? -3.805  2.966   -0.428  1.00 0.00 ? 129 PHE A HD1  1 
ATOM 1678 H HD2  . PHE A 1 129 ? -2.867  2.251   -4.535  1.00 0.00 ? 129 PHE A HD2  1 
ATOM 1679 H HE1  . PHE A 1 129 ? -3.031  5.304   -0.657  1.00 0.00 ? 129 PHE A HE1  1 
ATOM 1680 H HE2  . PHE A 1 129 ? -2.038  4.554   -4.761  1.00 0.00 ? 129 PHE A HE2  1 
ATOM 1681 H HZ   . PHE A 1 129 ? -2.126  6.094   -2.829  1.00 0.00 ? 129 PHE A HZ   1 
ATOM 1682 N N    . GLU A 1 130 ? -5.955  -1.616  -2.777  1.00 0.00 ? 130 GLU A N    1 
ATOM 1683 C CA   . GLU A 1 130 ? -6.007  -3.106  -2.680  1.00 0.00 ? 130 GLU A CA   1 
ATOM 1684 C C    . GLU A 1 130 ? -4.751  -3.621  -3.400  1.00 0.00 ? 130 GLU A C    1 
ATOM 1685 O O    . GLU A 1 130 ? -4.646  -3.539  -4.629  1.00 0.00 ? 130 GLU A O    1 
ATOM 1686 C CB   . GLU A 1 130 ? -7.379  -3.504  -3.245  1.00 0.00 ? 130 GLU A CB   1 
ATOM 1687 C CG   . GLU A 1 130 ? -7.933  -4.929  -3.154  1.00 0.00 ? 130 GLU A CG   1 
ATOM 1688 C CD   . GLU A 1 130 ? -7.682  -5.872  -4.330  1.00 0.00 ? 130 GLU A CD   1 
ATOM 1689 O OE1  . GLU A 1 130 ? -7.036  -5.595  -5.336  1.00 0.00 ? 130 GLU A OE1  1 
ATOM 1690 O OE2  . GLU A 1 130 ? -8.281  -7.078  -4.137  1.00 0.00 ? 130 GLU A OE2  1 
ATOM 1691 H H    . GLU A 1 130 ? -5.864  -1.137  -3.685  1.00 0.00 ? 130 GLU A H    1 
ATOM 1692 H HA   . GLU A 1 130 ? -5.952  -3.422  -1.628  1.00 0.00 ? 130 GLU A HA   1 
ATOM 1693 H HB2  . GLU A 1 130 ? -8.076  -2.951  -2.592  1.00 0.00 ? 130 GLU A HB2  1 
ATOM 1694 H HB3  . GLU A 1 130 ? -7.450  -3.173  -4.303  1.00 0.00 ? 130 GLU A HB3  1 
ATOM 1695 H HG2  . GLU A 1 130 ? -7.617  -5.380  -2.202  1.00 0.00 ? 130 GLU A HG2  1 
ATOM 1696 H HG3  . GLU A 1 130 ? -9.033  -4.811  -3.087  1.00 0.00 ? 130 GLU A HG3  1 
ATOM 1697 H HE2  . GLU A 1 130 ? -8.085  -7.629  -4.896  1.00 0.00 ? 130 GLU A HE2  1 
ATOM 1698 N N    . VAL A 1 131 ? -3.764  -4.067  -2.609  1.00 0.00 ? 131 VAL A N    1 
ATOM 1699 C CA   . VAL A 1 131 ? -2.425  -4.382  -3.164  1.00 0.00 ? 131 VAL A CA   1 
ATOM 1700 C C    . VAL A 1 131 ? -2.081  -5.888  -3.029  1.00 0.00 ? 131 VAL A C    1 
ATOM 1701 O O    . VAL A 1 131 ? -2.203  -6.497  -1.961  1.00 0.00 ? 131 VAL A O    1 
ATOM 1702 C CB   . VAL A 1 131 ? -1.337  -3.463  -2.504  1.00 0.00 ? 131 VAL A CB   1 
ATOM 1703 C CG1  . VAL A 1 131 ? -0.037  -3.493  -3.342  1.00 0.00 ? 131 VAL A CG1  1 
ATOM 1704 C CG2  . VAL A 1 131 ? -1.706  -1.968  -2.323  1.00 0.00 ? 131 VAL A CG2  1 
ATOM 1705 H H    . VAL A 1 131 ? -4.000  -4.284  -1.619  1.00 0.00 ? 131 VAL A H    1 
ATOM 1706 H HA   . VAL A 1 131 ? -2.404  -4.132  -4.243  1.00 0.00 ? 131 VAL A HA   1 
ATOM 1707 H HB   . VAL A 1 131 ? -1.154  -3.867  -1.488  1.00 0.00 ? 131 VAL A HB   1 
ATOM 1708 H HG11 . VAL A 1 131 ? -0.216  -3.165  -4.384  1.00 0.00 ? 131 VAL A HG11 1 
ATOM 1709 H HG12 . VAL A 1 131 ? 0.753   -2.845  -2.926  1.00 0.00 ? 131 VAL A HG12 1 
ATOM 1710 H HG13 . VAL A 1 131 ? 0.383   -4.514  -3.412  1.00 0.00 ? 131 VAL A HG13 1 
ATOM 1711 H HG21 . VAL A 1 131 ? -2.028  -1.499  -3.269  1.00 0.00 ? 131 VAL A HG21 1 
ATOM 1712 H HG22 . VAL A 1 131 ? -2.550  -1.854  -1.614  1.00 0.00 ? 131 VAL A HG22 1 
ATOM 1713 H HG23 . VAL A 1 131 ? -0.879  -1.366  -1.907  1.00 0.00 ? 131 VAL A HG23 1 
ATOM 1714 N N    . GLU A 1 132 ? -1.662  -6.479  -4.151  1.00 0.00 ? 132 GLU A N    1 
ATOM 1715 C CA   . GLU A 1 132 ? -1.187  -7.882  -4.203  1.00 0.00 ? 132 GLU A CA   1 
ATOM 1716 C C    . GLU A 1 132 ? 0.365   -7.883  -4.216  1.00 0.00 ? 132 GLU A C    1 
ATOM 1717 O O    . GLU A 1 132 ? 0.998   -6.986  -4.775  1.00 0.00 ? 132 GLU A O    1 
ATOM 1718 C CB   . GLU A 1 132 ? -1.834  -8.582  -5.420  1.00 0.00 ? 132 GLU A CB   1 
ATOM 1719 C CG   . GLU A 1 132 ? -1.562  -10.106 -5.547  1.00 0.00 ? 132 GLU A CG   1 
ATOM 1720 C CD   . GLU A 1 132 ? -2.578  -10.854 -6.404  1.00 0.00 ? 132 GLU A CD   1 
ATOM 1721 O OE1  . GLU A 1 132 ? -3.380  -11.665 -5.957  1.00 0.00 ? 132 GLU A OE1  1 
ATOM 1722 O OE2  . GLU A 1 132 ? -2.508  -10.514 -7.720  1.00 0.00 ? 132 GLU A OE2  1 
ATOM 1723 H H    . GLU A 1 132 ? -1.573  -5.839  -4.961  1.00 0.00 ? 132 GLU A H    1 
ATOM 1724 H HA   . GLU A 1 132 ? -1.519  -8.421  -3.308  1.00 0.00 ? 132 GLU A HA   1 
ATOM 1725 H HB2  . GLU A 1 132 ? -2.927  -8.426  -5.346  1.00 0.00 ? 132 GLU A HB2  1 
ATOM 1726 H HB3  . GLU A 1 132 ? -1.514  -8.077  -6.350  1.00 0.00 ? 132 GLU A HB3  1 
ATOM 1727 H HG2  . GLU A 1 132 ? -0.549  -10.288 -5.952  1.00 0.00 ? 132 GLU A HG2  1 
ATOM 1728 H HG3  . GLU A 1 132 ? -1.560  -10.591 -4.555  1.00 0.00 ? 132 GLU A HG3  1 
ATOM 1729 H HE2  . GLU A 1 132 ? -3.182  -11.017 -8.180  1.00 0.00 ? 132 GLU A HE2  1 
ATOM 1730 N N    . LEU A 1 133 ? 0.979   -8.867  -3.564  1.00 0.00 ? 133 LEU A N    1 
ATOM 1731 C CA   . LEU A 1 133 ? 2.465   -8.995  -3.531  1.00 0.00 ? 133 LEU A CA   1 
ATOM 1732 C C    . LEU A 1 133 ? 2.873   -10.428 -3.962  1.00 0.00 ? 133 LEU A C    1 
ATOM 1733 O O    . LEU A 1 133 ? 2.499   -11.411 -3.325  1.00 0.00 ? 133 LEU A O    1 
ATOM 1734 C CB   . LEU A 1 133 ? 3.001   -8.601  -2.131  1.00 0.00 ? 133 LEU A CB   1 
ATOM 1735 C CG   . LEU A 1 133 ? 4.540   -8.576  -1.942  1.00 0.00 ? 133 LEU A CG   1 
ATOM 1736 C CD1  . LEU A 1 133 ? 5.279   -7.633  -2.895  1.00 0.00 ? 133 LEU A CD1  1 
ATOM 1737 C CD2  . LEU A 1 133 ? 4.882   -8.119  -0.518  1.00 0.00 ? 133 LEU A CD2  1 
ATOM 1738 H H    . LEU A 1 133 ? 0.319   -9.561  -3.179  1.00 0.00 ? 133 LEU A H    1 
ATOM 1739 H HA   . LEU A 1 133 ? 2.898   -8.280  -4.264  1.00 0.00 ? 133 LEU A HA   1 
ATOM 1740 H HB2  . LEU A 1 133 ? 2.601   -7.604  -1.877  1.00 0.00 ? 133 LEU A HB2  1 
ATOM 1741 H HB3  . LEU A 1 133 ? 2.563   -9.294  -1.383  1.00 0.00 ? 133 LEU A HB3  1 
ATOM 1742 H HG   . LEU A 1 133 ? 4.923   -9.603  -2.115  1.00 0.00 ? 133 LEU A HG   1 
ATOM 1743 H HD11 . LEU A 1 133 ? 4.997   -7.782  -3.947  1.00 0.00 ? 133 LEU A HD11 1 
ATOM 1744 H HD12 . LEU A 1 133 ? 5.097   -6.572  -2.649  1.00 0.00 ? 133 LEU A HD12 1 
ATOM 1745 H HD13 . LEU A 1 133 ? 6.368   -7.800  -2.853  1.00 0.00 ? 133 LEU A HD13 1 
ATOM 1746 H HD21 . LEU A 1 133 ? 4.429   -7.140  -0.282  1.00 0.00 ? 133 LEU A HD21 1 
ATOM 1747 H HD22 . LEU A 1 133 ? 4.532   -8.847  0.236   1.00 0.00 ? 133 LEU A HD22 1 
ATOM 1748 H HD23 . LEU A 1 133 ? 5.968   -7.994  -0.364  1.00 0.00 ? 133 LEU A HD23 1 
ATOM 1749 N N    . PHE A 1 134 ? 3.689   -10.533 -5.011  1.00 0.00 ? 134 PHE A N    1 
ATOM 1750 C CA   . PHE A 1 134 ? 4.102   -11.835 -5.603  1.00 0.00 ? 134 PHE A CA   1 
ATOM 1751 C C    . PHE A 1 134 ? 5.431   -12.467 -5.064  1.00 0.00 ? 134 PHE A C    1 
ATOM 1752 O O    . PHE A 1 134 ? 5.516   -13.664 -4.785  1.00 0.00 ? 134 PHE A O    1 
ATOM 1753 C CB   . PHE A 1 134 ? 4.193   -11.634 -7.148  1.00 0.00 ? 134 PHE A CB   1 
ATOM 1754 C CG   . PHE A 1 134 ? 2.956   -11.097 -7.892  1.00 0.00 ? 134 PHE A CG   1 
ATOM 1755 C CD1  . PHE A 1 134 ? 1.747   -11.805 -7.901  1.00 0.00 ? 134 PHE A CD1  1 
ATOM 1756 C CD2  . PHE A 1 134 ? 3.018   -9.844  -8.513  1.00 0.00 ? 134 PHE A CD2  1 
ATOM 1757 C CE1  . PHE A 1 134 ? 0.627   -11.271 -8.527  1.00 0.00 ? 134 PHE A CE1  1 
ATOM 1758 C CE2  . PHE A 1 134 ? 1.902   -9.320  -9.142  1.00 0.00 ? 134 PHE A CE2  1 
ATOM 1759 C CZ   . PHE A 1 134 ? 0.706   -10.035 -9.152  1.00 0.00 ? 134 PHE A CZ   1 
ATOM 1760 H H    . PHE A 1 134 ? 3.875   -9.651  -5.497  1.00 0.00 ? 134 PHE A H    1 
ATOM 1761 H HA   . PHE A 1 134 ? 3.321   -12.597 -5.412  1.00 0.00 ? 134 PHE A HA   1 
ATOM 1762 H HB2  . PHE A 1 134 ? 5.091   -11.061 -7.460  1.00 0.00 ? 134 PHE A HB2  1 
ATOM 1763 H HB3  . PHE A 1 134 ? 4.447   -12.614 -7.541  1.00 0.00 ? 134 PHE A HB3  1 
ATOM 1764 H HD1  . PHE A 1 134 ? 1.633   -12.747 -7.396  1.00 0.00 ? 134 PHE A HD1  1 
ATOM 1765 H HD2  . PHE A 1 134 ? 3.905   -9.228  -8.505  1.00 0.00 ? 134 PHE A HD2  1 
ATOM 1766 H HE1  . PHE A 1 134 ? -0.314  -11.799 -8.494  1.00 0.00 ? 134 PHE A HE1  1 
ATOM 1767 H HE2  . PHE A 1 134 ? 1.981   -8.337  -9.583  1.00 0.00 ? 134 PHE A HE2  1 
ATOM 1768 H HZ   . PHE A 1 134 ? -0.175  -9.626  -9.607  1.00 0.00 ? 134 PHE A HZ   1 
ATOM 1769 N N    . GLU A 1 135 ? 6.481   -11.647 -5.005  1.00 0.00 ? 135 GLU A N    1 
ATOM 1770 C CA   . GLU A 1 135 ? 7.861   -12.040 -4.616  1.00 0.00 ? 135 GLU A CA   1 
ATOM 1771 C C    . GLU A 1 135 ? 8.659   -10.755 -4.192  1.00 0.00 ? 135 GLU A C    1 
ATOM 1772 O O    . GLU A 1 135 ? 8.333   -9.614  -4.548  1.00 0.00 ? 135 GLU A O    1 
ATOM 1773 C CB   . GLU A 1 135 ? 8.495   -12.746 -5.863  1.00 0.00 ? 135 GLU A CB   1 
ATOM 1774 C CG   . GLU A 1 135 ? 9.943   -13.280 -5.716  1.00 0.00 ? 135 GLU A CG   1 
ATOM 1775 C CD   . GLU A 1 135 ? 10.459  -14.041 -6.935  1.00 0.00 ? 135 GLU A CD   1 
ATOM 1776 O OE1  . GLU A 1 135 ? 10.013  -15.121 -7.304  1.00 0.00 ? 135 GLU A OE1  1 
ATOM 1777 O OE2  . GLU A 1 135 ? 11.493  -13.405 -7.548  1.00 0.00 ? 135 GLU A OE2  1 
ATOM 1778 H H    . GLU A 1 135 ? 6.147   -10.682 -4.965  1.00 0.00 ? 135 GLU A H    1 
ATOM 1779 H HA   . GLU A 1 135 ? 7.825   -12.742 -3.745  1.00 0.00 ? 135 GLU A HA   1 
ATOM 1780 H HB2  . GLU A 1 135 ? 7.849   -13.601 -6.148  1.00 0.00 ? 135 GLU A HB2  1 
ATOM 1781 H HB3  . GLU A 1 135 ? 8.453   -12.062 -6.734  1.00 0.00 ? 135 GLU A HB3  1 
ATOM 1782 H HG2  . GLU A 1 135 ? 10.646  -12.453 -5.501  1.00 0.00 ? 135 GLU A HG2  1 
ATOM 1783 H HG3  . GLU A 1 135 ? 10.009  -13.956 -4.846  1.00 0.00 ? 135 GLU A HG3  1 
ATOM 1784 H HE2  . GLU A 1 135 ? 11.797  -13.953 -8.274  1.00 0.00 ? 135 GLU A HE2  1 
ATOM 1785 N N    . PHE A 1 136 ? 9.729   -10.956 -3.419  1.00 0.00 ? 136 PHE A N    1 
ATOM 1786 C CA   . PHE A 1 136 ? 10.602  -9.850  -2.936  1.00 0.00 ? 136 PHE A CA   1 
ATOM 1787 C C    . PHE A 1 136 ? 12.077  -10.340 -2.813  1.00 0.00 ? 136 PHE A C    1 
ATOM 1788 O O    . PHE A 1 136 ? 12.835  -10.250 -3.780  1.00 0.00 ? 136 PHE A O    1 
ATOM 1789 C CB   . PHE A 1 136 ? 10.017  -9.101  -1.692  1.00 0.00 ? 136 PHE A CB   1 
ATOM 1790 C CG   . PHE A 1 136 ? 9.240   -9.896  -0.644  1.00 0.00 ? 136 PHE A CG   1 
ATOM 1791 C CD1  . PHE A 1 136 ? 9.858   -10.621 0.381   1.00 0.00 ? 136 PHE A CD1  1 
ATOM 1792 C CD2  . PHE A 1 136 ? 7.853   -9.949  -0.787  1.00 0.00 ? 136 PHE A CD2  1 
ATOM 1793 C CE1  . PHE A 1 136 ? 9.099   -11.460 1.189   1.00 0.00 ? 136 PHE A CE1  1 
ATOM 1794 C CE2  . PHE A 1 136 ? 7.097   -10.783 0.018   1.00 0.00 ? 136 PHE A CE2  1 
ATOM 1795 C CZ   . PHE A 1 136 ? 7.726   -11.552 0.983   1.00 0.00 ? 136 PHE A CZ   1 
ATOM 1796 H H    . PHE A 1 136 ? 9.924   -11.939 -3.203  1.00 0.00 ? 136 PHE A H    1 
ATOM 1797 H HA   . PHE A 1 136 ? 10.648  -9.065  -3.720  1.00 0.00 ? 136 PHE A HA   1 
ATOM 1798 H HB2  . PHE A 1 136 ? 10.795  -8.495  -1.203  1.00 0.00 ? 136 PHE A HB2  1 
ATOM 1799 H HB3  . PHE A 1 136 ? 9.337   -8.338  -2.099  1.00 0.00 ? 136 PHE A HB3  1 
ATOM 1800 H HD1  . PHE A 1 136 ? 10.898  -10.466 0.632   1.00 0.00 ? 136 PHE A HD1  1 
ATOM 1801 H HD2  . PHE A 1 136 ? 7.356   -9.334  -1.519  1.00 0.00 ? 136 PHE A HD2  1 
ATOM 1802 H HE1  . PHE A 1 136 ? 9.574   -12.016 1.989   1.00 0.00 ? 136 PHE A HE1  1 
ATOM 1803 H HE2  . PHE A 1 136 ? 6.026   -10.838 -0.113  1.00 0.00 ? 136 PHE A HE2  1 
ATOM 1804 H HZ   . PHE A 1 136 ? 7.133   -12.248 1.529   1.00 0.00 ? 136 PHE A HZ   1 
ATOM 1805 N N    . LYS A 1 137 ? 12.472  -10.858 -1.640  1.00 0.00 ? 137 LYS A N    1 
ATOM 1806 C CA   . LYS A 1 137 ? 13.880  -11.318 -1.389  1.00 0.00 ? 137 LYS A CA   1 
ATOM 1807 C C    . LYS A 1 137 ? 14.133  -12.866 -1.128  1.00 0.00 ? 137 LYS A C    1 
ATOM 1808 O O    . LYS A 1 137 ? 14.802  -13.466 -1.977  1.00 0.00 ? 137 LYS A O    1 
ATOM 1809 C CB   . LYS A 1 137 ? 14.559  -10.246 -0.486  1.00 0.00 ? 137 LYS A CB   1 
ATOM 1810 C CG   . LYS A 1 137 ? 15.927  -10.588 0.108   1.00 0.00 ? 137 LYS A CG   1 
ATOM 1811 C CD   . LYS A 1 137 ? 16.552  -9.390  0.850   1.00 0.00 ? 137 LYS A CD   1 
ATOM 1812 C CE   . LYS A 1 137 ? 17.984  -9.681  1.309   1.00 0.00 ? 137 LYS A CE   1 
ATOM 1813 N NZ   . LYS A 1 137 ? 18.521  -8.509  2.025   1.00 0.00 ? 137 LYS A NZ   1 
ATOM 1814 H H    . LYS A 1 137 ? 11.734  -10.666 -0.939  1.00 0.00 ? 137 LYS A H    1 
ATOM 1815 H HA   . LYS A 1 137 ? 14.460  -11.214 -2.329  1.00 0.00 ? 137 LYS A HA   1 
ATOM 1816 H HB2  . LYS A 1 137 ? 14.720  -9.361  -1.129  1.00 0.00 ? 137 LYS A HB2  1 
ATOM 1817 H HB3  . LYS A 1 137 ? 13.908  -9.868  0.325   1.00 0.00 ? 137 LYS A HB3  1 
ATOM 1818 H HG2  . LYS A 1 137 ? 15.812  -11.447 0.796   1.00 0.00 ? 137 LYS A HG2  1 
ATOM 1819 H HG3  . LYS A 1 137 ? 16.582  -10.923 -0.713  1.00 0.00 ? 137 LYS A HG3  1 
ATOM 1820 H HD2  . LYS A 1 137 ? 16.552  -8.495  0.196   1.00 0.00 ? 137 LYS A HD2  1 
ATOM 1821 H HD3  . LYS A 1 137 ? 15.915  -9.128  1.719   1.00 0.00 ? 137 LYS A HD3  1 
ATOM 1822 H HE2  . LYS A 1 137 ? 18.006  -10.577 1.960   1.00 0.00 ? 137 LYS A HE2  1 
ATOM 1823 H HE3  . LYS A 1 137 ? 18.631  -9.922  0.442   1.00 0.00 ? 137 LYS A HE3  1 
ATOM 1824 H HZ1  . LYS A 1 137 ? 17.921  -8.257  2.821   1.00 0.00 ? 137 LYS A HZ1  1 
ATOM 1825 H HZ2  . LYS A 1 137 ? 19.447  -8.704  2.425   1.00 0.00 ? 137 LYS A HZ2  1 
ATOM 1826 N N    . GLY A 1 138 ? 13.690  -13.568 -0.056  1.00 0.00 ? 138 GLY A N    1 
ATOM 1827 C CA   . GLY A 1 138 ? 13.996  -15.014 0.134   1.00 0.00 ? 138 GLY A CA   1 
ATOM 1828 C C    . GLY A 1 138 ? 12.855  -16.034 -0.114  1.00 0.00 ? 138 GLY A C    1 
ATOM 1829 O O    . GLY A 1 138 ? 12.623  -16.851 0.776   1.00 0.00 ? 138 GLY A O    1 
ATOM 1830 H H    . GLY A 1 138 ? 13.337  -13.090 0.785   1.00 0.00 ? 138 GLY A H    1 
ATOM 1831 H HA2  . GLY A 1 138 ? 15.002  -15.330 -0.244  1.00 0.00 ? 138 GLY A HA2  1 
ATOM 1832 H HA3  . GLY A 1 138 ? 14.181  -15.115 1.206   1.00 0.00 ? 138 GLY A HA3  1 
# 
